data_6C7I
#
_entry.id   6C7I
#
_cell.length_a   55.902
_cell.length_b   72.682
_cell.length_c   90.816
_cell.angle_alpha   109.330
_cell.angle_beta   91.130
_cell.angle_gamma   91.060
#
_symmetry.space_group_name_H-M   'P 1'
#
loop_
_entity.id
_entity.type
_entity.pdbx_description
1 polymer "cGMP-dependent 3',5'-cyclic phosphodiesterase"
2 non-polymer 1-(2-chloro-5-methoxyphenyl)-4-methyl-N-(2-methylpropyl)[1,2,4]triazolo[4,3-a]quinoxaline-8-carboxamide
3 non-polymer 'ZINC ION'
4 non-polymer 'MAGNESIUM ION'
5 water water
#
_entity_poly.entity_id   1
_entity_poly.type   'polypeptide(L)'
_entity_poly.pdbx_seq_one_letter_code
;SAMDDEYTKLLHDGIQPVAAIDSNFASFTYTPRSLPEDDTSMAILSMLQDMNFINNYKIDCPTLARFCLMVKKGYRDPPY
HNWMHAFSVSHFCYLLYKNLELTNYLEDIEIFALFISCMCHDLDHRGTNNSFQVASKSVLAALYSSEGSVMERHHFAQAI
AILNTHGCNIFDHFSRKDYQRMLDLMRDIILATDLAHHLRIFKDLQKMAEVGYDRNNKQHHRLLLCLLMTSCDLSDQTKG
WKTTRKIAELIYKEFFSQGDLEKAMGNRPMEMMDREKAYIPELQISFMEHIAMPIYKLLQDLFPKAAELYERVASNREHW
TKVSHKFTIRGLPSNNSLDFLD
;
_entity_poly.pdbx_strand_id   A,B,C,D
#
# COMPACT_ATOMS: atom_id res chain seq x y z
N SER A 1 -18.27 14.21 -6.49
CA SER A 1 -18.49 12.76 -6.67
C SER A 1 -19.50 12.49 -7.78
N ALA A 2 -19.07 11.68 -8.75
CA ALA A 2 -19.93 11.32 -9.86
C ALA A 2 -21.13 10.52 -9.39
N MET A 3 -20.87 9.43 -8.67
CA MET A 3 -21.93 8.54 -8.21
C MET A 3 -22.92 9.29 -7.34
N ASP A 4 -22.41 10.24 -6.56
CA ASP A 4 -23.26 11.00 -5.66
C ASP A 4 -24.38 11.72 -6.41
N ASP A 5 -24.02 12.43 -7.47
CA ASP A 5 -25.02 13.16 -8.23
C ASP A 5 -25.93 12.21 -9.01
N GLU A 6 -25.37 11.13 -9.53
CA GLU A 6 -26.16 10.16 -10.26
C GLU A 6 -27.18 9.54 -9.32
N TYR A 7 -26.72 9.18 -8.13
CA TYR A 7 -27.59 8.62 -7.09
C TYR A 7 -28.70 9.58 -6.72
N THR A 8 -28.32 10.84 -6.51
CA THR A 8 -29.29 11.84 -6.11
C THR A 8 -30.44 11.90 -7.11
N LYS A 9 -30.10 11.84 -8.40
CA LYS A 9 -31.13 11.92 -9.42
C LYS A 9 -31.92 10.63 -9.50
N LEU A 10 -31.21 9.51 -9.43
CA LEU A 10 -31.84 8.20 -9.52
C LEU A 10 -32.87 8.04 -8.42
N LEU A 11 -32.54 8.54 -7.23
CA LEU A 11 -33.42 8.42 -6.07
C LEU A 11 -34.57 9.42 -6.08
N HIS A 12 -34.28 10.68 -6.32
CA HIS A 12 -35.29 11.71 -6.13
C HIS A 12 -36.12 12.03 -7.38
N ASP A 13 -35.62 11.69 -8.57
CA ASP A 13 -36.35 12.04 -9.81
C ASP A 13 -37.53 11.13 -10.07
N GLY A 14 -37.44 9.88 -9.63
CA GLY A 14 -38.54 8.96 -9.83
C GLY A 14 -38.30 8.00 -10.98
N ILE A 15 -39.08 6.94 -11.02
CA ILE A 15 -38.85 5.83 -11.94
C ILE A 15 -39.75 5.95 -13.17
N GLN A 16 -39.13 6.11 -14.34
CA GLN A 16 -39.90 6.23 -15.57
C GLN A 16 -40.59 4.91 -15.88
N PRO A 17 -41.80 4.99 -16.45
CA PRO A 17 -42.52 3.78 -16.89
C PRO A 17 -41.71 3.07 -17.96
N VAL A 18 -41.77 1.74 -18.00
CA VAL A 18 -40.98 1.00 -18.98
C VAL A 18 -41.32 1.37 -20.42
N ALA A 19 -42.57 1.69 -20.70
CA ALA A 19 -42.97 2.02 -22.07
C ALA A 19 -42.35 3.34 -22.52
N ALA A 20 -41.94 4.18 -21.58
CA ALA A 20 -41.32 5.46 -21.92
C ALA A 20 -39.87 5.25 -22.32
N ILE A 21 -39.31 4.12 -21.89
CA ILE A 21 -37.96 3.76 -22.30
C ILE A 21 -37.94 3.41 -23.77
N ASP A 22 -38.87 2.53 -24.15
CA ASP A 22 -39.09 2.16 -25.53
C ASP A 22 -40.45 1.49 -25.64
N SER A 23 -41.18 1.83 -26.70
CA SER A 23 -42.52 1.27 -26.90
C SER A 23 -42.47 -0.25 -26.99
N ASN A 24 -41.34 -0.79 -27.44
CA ASN A 24 -41.21 -2.23 -27.59
C ASN A 24 -40.27 -2.83 -26.56
N PHE A 25 -40.10 -2.13 -25.44
CA PHE A 25 -39.12 -2.54 -24.42
C PHE A 25 -39.36 -3.95 -23.89
N ALA A 26 -40.60 -4.41 -23.91
CA ALA A 26 -40.91 -5.72 -23.34
C ALA A 26 -41.06 -6.79 -24.41
N SER A 27 -40.55 -6.52 -25.61
CA SER A 27 -40.63 -7.46 -26.71
C SER A 27 -39.32 -8.22 -26.93
N PHE A 28 -39.44 -9.50 -27.27
CA PHE A 28 -38.27 -10.28 -27.66
C PHE A 28 -37.51 -9.69 -28.86
N THR A 29 -38.15 -8.79 -29.61
CA THR A 29 -37.47 -8.20 -30.76
C THR A 29 -36.60 -6.99 -30.39
N TYR A 30 -36.77 -6.48 -29.17
CA TYR A 30 -36.05 -5.30 -28.74
C TYR A 30 -34.59 -5.62 -28.39
N THR A 31 -33.69 -4.73 -28.80
CA THR A 31 -32.26 -4.89 -28.50
C THR A 31 -31.83 -3.93 -27.40
N PRO A 32 -31.65 -4.43 -26.17
CA PRO A 32 -31.39 -3.52 -25.05
C PRO A 32 -30.06 -2.79 -25.20
N ARG A 33 -29.16 -3.32 -26.01
CA ARG A 33 -27.89 -2.65 -26.25
C ARG A 33 -28.08 -1.33 -27.01
N SER A 34 -29.29 -1.11 -27.54
CA SER A 34 -29.62 0.17 -28.19
C SER A 34 -29.80 1.30 -27.19
N LEU A 35 -30.06 0.95 -25.93
CA LEU A 35 -30.29 1.95 -24.91
C LEU A 35 -28.97 2.61 -24.52
N PRO A 36 -28.94 3.95 -24.52
CA PRO A 36 -27.75 4.66 -24.06
C PRO A 36 -27.35 4.19 -22.66
N GLU A 37 -26.06 4.01 -22.44
CA GLU A 37 -25.57 3.45 -21.20
C GLU A 37 -26.00 4.32 -20.00
N ASP A 38 -26.03 5.63 -20.23
CA ASP A 38 -26.43 6.57 -19.18
C ASP A 38 -27.89 6.39 -18.73
N ASP A 39 -28.69 5.68 -19.52
CA ASP A 39 -30.10 5.44 -19.18
C ASP A 39 -30.36 4.07 -18.54
N THR A 40 -29.33 3.25 -18.44
CA THR A 40 -29.54 1.86 -18.06
C THR A 40 -29.85 1.65 -16.58
N SER A 41 -29.30 2.48 -15.70
CA SER A 41 -29.59 2.29 -14.28
C SER A 41 -31.05 2.64 -14.03
N MET A 42 -31.54 3.68 -14.69
CA MET A 42 -32.96 4.03 -14.58
C MET A 42 -33.82 2.88 -15.14
N ALA A 43 -33.37 2.30 -16.24
CA ALA A 43 -34.09 1.15 -16.85
C ALA A 43 -34.15 -0.06 -15.91
N ILE A 44 -33.07 -0.32 -15.18
CA ILE A 44 -33.07 -1.40 -14.20
C ILE A 44 -34.17 -1.17 -13.16
N LEU A 45 -34.21 0.03 -12.59
CA LEU A 45 -35.28 0.39 -11.66
C LEU A 45 -36.67 0.24 -12.30
N SER A 46 -36.82 0.70 -13.54
CA SER A 46 -38.11 0.58 -14.22
C SER A 46 -38.56 -0.88 -14.32
N MET A 47 -37.62 -1.78 -14.63
CA MET A 47 -37.95 -3.19 -14.76
C MET A 47 -38.31 -3.79 -13.42
N LEU A 48 -37.55 -3.43 -12.39
CA LEU A 48 -37.80 -3.93 -11.03
C LEU A 48 -39.18 -3.51 -10.57
N GLN A 49 -39.53 -2.25 -10.84
CA GLN A 49 -40.87 -1.75 -10.54
C GLN A 49 -41.95 -2.50 -11.33
N ASP A 50 -41.73 -2.67 -12.63
CA ASP A 50 -42.75 -3.27 -13.49
C ASP A 50 -42.98 -4.76 -13.15
N MET A 51 -41.95 -5.42 -12.61
CA MET A 51 -42.06 -6.81 -12.20
C MET A 51 -42.61 -6.92 -10.77
N ASN A 52 -42.89 -5.76 -10.18
CA ASN A 52 -43.53 -5.65 -8.87
C ASN A 52 -42.62 -6.05 -7.70
N PHE A 53 -41.32 -6.17 -7.97
CA PHE A 53 -40.38 -6.60 -6.92
C PHE A 53 -40.21 -5.56 -5.83
N ILE A 54 -40.23 -4.28 -6.22
CA ILE A 54 -40.01 -3.20 -5.27
C ILE A 54 -41.12 -3.19 -4.24
N ASN A 55 -42.36 -3.26 -4.72
CA ASN A 55 -43.54 -3.31 -3.84
C ASN A 55 -43.61 -4.62 -3.06
N ASN A 56 -43.53 -5.74 -3.76
CA ASN A 56 -43.70 -7.04 -3.10
C ASN A 56 -42.70 -7.25 -1.96
N TYR A 57 -41.45 -6.86 -2.19
CA TYR A 57 -40.41 -7.08 -1.20
C TYR A 57 -40.08 -5.82 -0.38
N LYS A 58 -40.91 -4.80 -0.55
CA LYS A 58 -40.78 -3.55 0.21
C LYS A 58 -39.34 -3.07 0.21
N ILE A 59 -38.74 -3.04 -0.97
CA ILE A 59 -37.36 -2.64 -1.10
C ILE A 59 -37.23 -1.15 -0.84
N ASP A 60 -36.27 -0.80 -0.01
CA ASP A 60 -35.97 0.59 0.31
C ASP A 60 -35.39 1.30 -0.91
N CYS A 61 -36.03 2.38 -1.35
CA CYS A 61 -35.62 3.02 -2.59
C CYS A 61 -34.19 3.60 -2.56
N PRO A 62 -33.81 4.33 -1.47
CA PRO A 62 -32.41 4.79 -1.42
C PRO A 62 -31.41 3.66 -1.48
N THR A 63 -31.69 2.56 -0.78
CA THR A 63 -30.81 1.41 -0.79
C THR A 63 -30.73 0.81 -2.19
N LEU A 64 -31.89 0.68 -2.83
CA LEU A 64 -31.95 0.11 -4.18
C LEU A 64 -31.21 0.98 -5.20
N ALA A 65 -31.38 2.28 -5.11
CA ALA A 65 -30.67 3.18 -6.01
C ALA A 65 -29.16 3.01 -5.84
N ARG A 66 -28.72 2.91 -4.58
CA ARG A 66 -27.29 2.79 -4.31
C ARG A 66 -26.79 1.44 -4.82
N PHE A 67 -27.58 0.40 -4.57
CA PHE A 67 -27.20 -0.95 -5.01
C PHE A 67 -27.05 -1.00 -6.52
N CYS A 68 -28.03 -0.47 -7.24
CA CYS A 68 -27.98 -0.50 -8.70
C CYS A 68 -26.74 0.19 -9.24
N LEU A 69 -26.38 1.33 -8.63
CA LEU A 69 -25.23 2.07 -9.10
C LEU A 69 -23.94 1.34 -8.73
N MET A 70 -23.93 0.72 -7.55
CA MET A 70 -22.75 -0.03 -7.13
C MET A 70 -22.50 -1.22 -8.05
N VAL A 71 -23.57 -1.89 -8.46
CA VAL A 71 -23.46 -3.02 -9.36
C VAL A 71 -22.93 -2.54 -10.71
N LYS A 72 -23.49 -1.45 -11.24
CA LYS A 72 -22.98 -0.91 -12.51
C LYS A 72 -21.49 -0.56 -12.43
N LYS A 73 -21.09 0.07 -11.33
CA LYS A 73 -19.70 0.51 -11.12
C LYS A 73 -18.78 -0.66 -10.81
N GLY A 74 -19.38 -1.83 -10.63
CA GLY A 74 -18.64 -3.03 -10.28
C GLY A 74 -18.19 -3.82 -11.50
N TYR A 75 -18.57 -3.35 -12.68
CA TYR A 75 -18.04 -3.88 -13.94
C TYR A 75 -16.89 -3.03 -14.47
N ARG A 76 -15.87 -3.72 -14.98
CA ARG A 76 -14.80 -3.06 -15.71
C ARG A 76 -15.22 -2.89 -17.16
N ASP A 77 -14.28 -2.52 -18.02
CA ASP A 77 -14.59 -2.19 -19.40
C ASP A 77 -13.92 -3.11 -20.44
N PRO A 78 -13.87 -4.44 -20.24
CA PRO A 78 -13.34 -5.23 -21.36
C PRO A 78 -14.32 -5.16 -22.55
N PRO A 79 -13.90 -5.65 -23.73
CA PRO A 79 -14.79 -5.46 -24.88
C PRO A 79 -16.20 -6.05 -24.69
N TYR A 80 -16.29 -7.23 -24.09
CA TYR A 80 -17.60 -7.88 -23.94
C TYR A 80 -18.11 -7.93 -22.51
N HIS A 81 -17.27 -8.35 -21.57
CA HIS A 81 -17.78 -8.58 -20.20
C HIS A 81 -17.84 -7.31 -19.36
N ASN A 82 -18.70 -6.40 -19.80
CA ASN A 82 -18.85 -5.10 -19.18
C ASN A 82 -20.28 -4.90 -18.70
N TRP A 83 -20.60 -3.70 -18.21
CA TRP A 83 -21.93 -3.47 -17.66
C TRP A 83 -23.02 -3.62 -18.72
N MET A 84 -22.75 -3.23 -19.97
CA MET A 84 -23.78 -3.34 -20.99
C MET A 84 -24.15 -4.81 -21.23
N HIS A 85 -23.21 -5.72 -20.99
CA HIS A 85 -23.52 -7.14 -21.06
C HIS A 85 -24.47 -7.52 -19.92
N ALA A 86 -24.08 -7.18 -18.70
CA ALA A 86 -24.95 -7.45 -17.54
C ALA A 86 -26.32 -6.80 -17.71
N PHE A 87 -26.36 -5.60 -18.24
CA PHE A 87 -27.65 -4.92 -18.43
C PHE A 87 -28.50 -5.68 -19.45
N SER A 88 -27.92 -6.07 -20.57
CA SER A 88 -28.68 -6.76 -21.61
C SER A 88 -29.09 -8.15 -21.11
N VAL A 89 -28.30 -8.75 -20.22
CA VAL A 89 -28.65 -10.07 -19.68
C VAL A 89 -29.83 -9.91 -18.72
N SER A 90 -29.78 -8.86 -17.91
CA SER A 90 -30.89 -8.56 -16.99
C SER A 90 -32.17 -8.23 -17.77
N HIS A 91 -32.02 -7.48 -18.85
CA HIS A 91 -33.16 -7.16 -19.70
C HIS A 91 -33.84 -8.43 -20.22
N PHE A 92 -33.05 -9.42 -20.62
CA PHE A 92 -33.64 -10.63 -21.17
C PHE A 92 -34.41 -11.36 -20.07
N CYS A 93 -33.90 -11.33 -18.85
CA CYS A 93 -34.63 -11.93 -17.73
C CYS A 93 -36.01 -11.27 -17.60
N TYR A 94 -36.01 -9.94 -17.66
CA TYR A 94 -37.26 -9.19 -17.70
C TYR A 94 -38.18 -9.64 -18.85
N LEU A 95 -37.60 -9.85 -20.04
CA LEU A 95 -38.39 -10.34 -21.16
C LEU A 95 -39.01 -11.70 -20.88
N LEU A 96 -38.25 -12.58 -20.23
CA LEU A 96 -38.79 -13.91 -19.90
C LEU A 96 -39.96 -13.76 -18.94
N TYR A 97 -39.80 -12.85 -17.98
CA TYR A 97 -40.88 -12.55 -17.05
C TYR A 97 -42.11 -12.03 -17.78
N LYS A 98 -41.92 -11.13 -18.73
CA LYS A 98 -43.05 -10.50 -19.40
C LYS A 98 -43.71 -11.42 -20.42
N ASN A 99 -42.93 -12.33 -21.01
CA ASN A 99 -43.45 -13.15 -22.10
C ASN A 99 -43.78 -14.60 -21.78
N LEU A 100 -43.28 -15.15 -20.67
CA LEU A 100 -43.34 -16.62 -20.48
C LEU A 100 -44.08 -17.19 -19.25
N GLU A 101 -44.77 -16.37 -18.48
CA GLU A 101 -45.55 -16.88 -17.33
C GLU A 101 -44.68 -17.67 -16.33
N LEU A 102 -43.58 -17.05 -15.92
CA LEU A 102 -42.63 -17.69 -15.01
C LEU A 102 -43.22 -18.08 -13.67
N THR A 103 -44.26 -17.37 -13.26
CA THR A 103 -44.88 -17.65 -11.96
C THR A 103 -45.63 -18.97 -11.92
N ASN A 104 -45.80 -19.62 -13.07
CA ASN A 104 -46.37 -20.96 -13.10
C ASN A 104 -45.32 -22.03 -12.84
N TYR A 105 -44.06 -21.60 -12.79
CA TYR A 105 -42.93 -22.52 -12.70
C TYR A 105 -42.10 -22.28 -11.44
N LEU A 106 -41.93 -21.01 -11.11
CA LEU A 106 -40.98 -20.63 -10.07
C LEU A 106 -41.62 -19.83 -8.95
N GLU A 107 -41.02 -19.89 -7.77
CA GLU A 107 -41.46 -19.05 -6.66
C GLU A 107 -41.11 -17.60 -6.96
N ASP A 108 -41.86 -16.68 -6.35
CA ASP A 108 -41.56 -15.24 -6.47
C ASP A 108 -40.11 -14.95 -6.15
N ILE A 109 -39.63 -15.52 -5.06
CA ILE A 109 -38.29 -15.18 -4.60
C ILE A 109 -37.22 -15.73 -5.54
N GLU A 110 -37.53 -16.82 -6.25
CA GLU A 110 -36.61 -17.38 -7.23
C GLU A 110 -36.52 -16.46 -8.45
N ILE A 111 -37.64 -15.89 -8.87
CA ILE A 111 -37.64 -15.00 -10.04
C ILE A 111 -36.87 -13.74 -9.69
N PHE A 112 -37.06 -13.26 -8.46
CA PHE A 112 -36.34 -12.08 -7.96
C PHE A 112 -34.83 -12.37 -7.96
N ALA A 113 -34.47 -13.50 -7.39
CA ALA A 113 -33.07 -13.92 -7.31
C ALA A 113 -32.44 -14.04 -8.70
N LEU A 114 -33.21 -14.56 -9.66
CA LEU A 114 -32.71 -14.68 -11.04
C LEU A 114 -32.32 -13.32 -11.60
N PHE A 115 -33.21 -12.34 -11.45
CA PHE A 115 -32.96 -11.01 -12.00
C PHE A 115 -31.75 -10.35 -11.33
N ILE A 116 -31.69 -10.39 -10.01
CA ILE A 116 -30.57 -9.79 -9.30
C ILE A 116 -29.28 -10.51 -9.69
N SER A 117 -29.35 -11.83 -9.80
CA SER A 117 -28.18 -12.59 -10.24
C SER A 117 -27.73 -12.17 -11.61
N CYS A 118 -28.68 -11.96 -12.52
CA CYS A 118 -28.33 -11.45 -13.86
C CYS A 118 -27.52 -10.16 -13.78
N MET A 119 -27.97 -9.22 -12.97
CA MET A 119 -27.26 -7.95 -12.82
C MET A 119 -25.83 -8.17 -12.33
N CYS A 120 -25.64 -9.15 -11.45
CA CYS A 120 -24.37 -9.33 -10.76
C CYS A 120 -23.45 -10.40 -11.34
N HIS A 121 -23.89 -11.12 -12.38
CA HIS A 121 -23.34 -12.46 -12.62
C HIS A 121 -21.93 -12.44 -13.22
N ASP A 122 -21.50 -11.29 -13.73
CA ASP A 122 -20.13 -11.18 -14.27
C ASP A 122 -19.34 -10.06 -13.58
N LEU A 123 -19.73 -9.70 -12.35
CA LEU A 123 -19.10 -8.57 -11.65
C LEU A 123 -17.58 -8.65 -11.61
N ASP A 124 -16.93 -7.55 -11.97
CA ASP A 124 -15.46 -7.40 -11.89
C ASP A 124 -14.72 -8.37 -12.82
N HIS A 125 -15.38 -8.78 -13.91
CA HIS A 125 -14.73 -9.58 -14.96
C HIS A 125 -13.53 -8.82 -15.53
N ARG A 126 -12.42 -9.51 -15.73
CA ARG A 126 -11.20 -8.86 -16.19
C ARG A 126 -10.93 -9.20 -17.64
N GLY A 127 -11.89 -9.86 -18.28
CA GLY A 127 -11.77 -10.20 -19.69
C GLY A 127 -10.90 -11.43 -19.95
N THR A 128 -10.68 -12.22 -18.91
CA THR A 128 -9.95 -13.48 -19.06
C THR A 128 -10.76 -14.61 -18.42
N ASN A 129 -10.54 -15.84 -18.86
CA ASN A 129 -11.41 -16.96 -18.42
C ASN A 129 -10.84 -17.67 -17.19
N ASN A 130 -11.47 -18.78 -16.81
CA ASN A 130 -11.06 -19.50 -15.63
C ASN A 130 -9.68 -20.10 -15.76
N SER A 131 -9.39 -20.68 -16.93
CA SER A 131 -8.11 -21.31 -17.16
C SER A 131 -6.98 -20.31 -16.96
N PHE A 132 -7.18 -19.10 -17.47
CA PHE A 132 -6.17 -18.06 -17.37
C PHE A 132 -5.89 -17.66 -15.92
N GLN A 133 -6.90 -17.68 -15.06
CA GLN A 133 -6.65 -17.37 -13.65
C GLN A 133 -5.63 -18.32 -13.04
N VAL A 134 -5.78 -19.60 -13.31
CA VAL A 134 -4.84 -20.59 -12.81
C VAL A 134 -3.47 -20.43 -13.47
N ALA A 135 -3.45 -20.26 -14.79
CA ALA A 135 -2.17 -20.21 -15.50
C ALA A 135 -1.36 -18.97 -15.10
N SER A 136 -2.05 -17.87 -14.85
CA SER A 136 -1.39 -16.62 -14.49
C SER A 136 -1.17 -16.52 -12.98
N LYS A 137 -1.64 -17.52 -12.25
CA LYS A 137 -1.53 -17.55 -10.78
C LYS A 137 -2.10 -16.27 -10.17
N SER A 138 -3.27 -15.90 -10.63
CA SER A 138 -3.97 -14.72 -10.15
C SER A 138 -4.44 -14.92 -8.70
N VAL A 139 -4.74 -13.81 -8.05
CA VAL A 139 -5.32 -13.82 -6.72
C VAL A 139 -6.59 -14.63 -6.67
N LEU A 140 -7.43 -14.48 -7.70
CA LEU A 140 -8.70 -15.20 -7.74
C LEU A 140 -8.45 -16.72 -7.75
N ALA A 141 -7.44 -17.17 -8.50
CA ALA A 141 -7.11 -18.59 -8.49
C ALA A 141 -6.62 -19.03 -7.11
N ALA A 142 -5.86 -18.17 -6.44
CA ALA A 142 -5.34 -18.48 -5.12
C ALA A 142 -6.50 -18.72 -4.14
N LEU A 143 -7.57 -17.94 -4.32
CA LEU A 143 -8.74 -18.03 -3.45
C LEU A 143 -9.59 -19.27 -3.75
N TYR A 144 -9.81 -19.54 -5.04
CA TYR A 144 -10.89 -20.44 -5.49
C TYR A 144 -10.52 -21.62 -6.38
N SER A 145 -9.29 -21.72 -6.86
CA SER A 145 -8.98 -22.74 -7.87
C SER A 145 -9.26 -24.16 -7.36
N SER A 146 -9.23 -24.35 -6.04
CA SER A 146 -9.52 -25.67 -5.44
C SER A 146 -10.99 -26.04 -5.53
N GLU A 147 -11.83 -25.04 -5.80
CA GLU A 147 -13.27 -25.26 -5.94
C GLU A 147 -13.75 -25.27 -7.40
N GLY A 148 -12.96 -24.70 -8.28
CA GLY A 148 -13.40 -24.54 -9.67
C GLY A 148 -14.34 -23.37 -9.83
N SER A 149 -14.73 -23.09 -11.08
CA SER A 149 -15.55 -21.93 -11.40
C SER A 149 -14.99 -20.69 -10.75
N VAL A 150 -13.67 -20.48 -10.90
CA VAL A 150 -12.99 -19.38 -10.25
C VAL A 150 -13.64 -18.02 -10.47
N MET A 151 -13.89 -17.64 -11.73
CA MET A 151 -14.45 -16.31 -12.00
C MET A 151 -15.86 -16.18 -11.40
N GLU A 152 -16.64 -17.23 -11.55
CA GLU A 152 -18.02 -17.19 -11.08
C GLU A 152 -18.10 -17.12 -9.57
N ARG A 153 -17.19 -17.79 -8.88
CA ARG A 153 -17.10 -17.59 -7.43
C ARG A 153 -16.74 -16.13 -7.10
N HIS A 154 -15.82 -15.54 -7.87
CA HIS A 154 -15.50 -14.14 -7.67
C HIS A 154 -16.71 -13.22 -7.91
N HIS A 155 -17.47 -13.48 -8.97
CA HIS A 155 -18.66 -12.66 -9.27
C HIS A 155 -19.65 -12.69 -8.11
N PHE A 156 -19.92 -13.89 -7.61
CA PHE A 156 -20.80 -14.06 -6.44
C PHE A 156 -20.24 -13.33 -5.21
N ALA A 157 -18.96 -13.52 -4.92
CA ALA A 157 -18.33 -12.83 -3.80
C ALA A 157 -18.43 -11.31 -3.97
N GLN A 158 -18.33 -10.83 -5.19
CA GLN A 158 -18.42 -9.39 -5.44
C GLN A 158 -19.84 -8.89 -5.17
N ALA A 159 -20.81 -9.71 -5.55
CA ALA A 159 -22.22 -9.37 -5.30
C ALA A 159 -22.42 -9.24 -3.79
N ILE A 160 -21.91 -10.21 -3.04
CA ILE A 160 -22.04 -10.17 -1.57
C ILE A 160 -21.33 -8.96 -0.95
N ALA A 161 -20.14 -8.63 -1.46
CA ALA A 161 -19.41 -7.46 -0.98
C ALA A 161 -20.22 -6.17 -1.21
N ILE A 162 -20.94 -6.11 -2.32
CA ILE A 162 -21.79 -4.95 -2.55
C ILE A 162 -22.92 -4.92 -1.54
N LEU A 163 -23.57 -6.05 -1.33
CA LEU A 163 -24.62 -6.14 -0.32
C LEU A 163 -24.09 -5.74 1.05
N ASN A 164 -22.86 -6.14 1.36
CA ASN A 164 -22.31 -5.89 2.68
C ASN A 164 -21.74 -4.48 2.81
N THR A 165 -21.86 -3.69 1.75
CA THR A 165 -21.49 -2.28 1.81
C THR A 165 -22.64 -1.47 2.43
N HIS A 166 -22.32 -0.65 3.43
CA HIS A 166 -23.34 0.10 4.15
C HIS A 166 -24.21 0.90 3.18
N GLY A 167 -25.52 0.76 3.35
CA GLY A 167 -26.47 1.48 2.54
C GLY A 167 -26.84 0.77 1.25
N CYS A 168 -26.32 -0.45 1.06
CA CYS A 168 -26.54 -1.15 -0.21
C CYS A 168 -27.25 -2.49 -0.08
N ASN A 169 -27.55 -2.93 1.14
CA ASN A 169 -28.14 -4.26 1.26
C ASN A 169 -29.64 -4.22 1.07
N ILE A 170 -30.07 -4.42 -0.17
CA ILE A 170 -31.49 -4.35 -0.51
C ILE A 170 -32.33 -5.46 0.14
N PHE A 171 -31.66 -6.45 0.72
CA PHE A 171 -32.39 -7.53 1.42
C PHE A 171 -32.32 -7.44 2.93
N ASP A 172 -31.80 -6.36 3.50
CA ASP A 172 -31.47 -6.43 4.94
C ASP A 172 -32.68 -6.39 5.88
N HIS A 173 -33.87 -6.18 5.33
CA HIS A 173 -35.09 -6.25 6.14
C HIS A 173 -35.75 -7.62 6.00
N PHE A 174 -35.19 -8.47 5.14
CA PHE A 174 -35.74 -9.82 4.92
C PHE A 174 -35.73 -10.61 6.23
N SER A 175 -36.70 -11.51 6.38
CA SER A 175 -36.63 -12.50 7.43
C SER A 175 -35.33 -13.28 7.30
N ARG A 176 -34.85 -13.85 8.40
CA ARG A 176 -33.58 -14.58 8.39
C ARG A 176 -33.62 -15.70 7.34
N LYS A 177 -34.73 -16.42 7.29
CA LYS A 177 -34.91 -17.48 6.30
C LYS A 177 -34.93 -16.98 4.85
N ASP A 178 -35.65 -15.90 4.57
CA ASP A 178 -35.66 -15.36 3.20
C ASP A 178 -34.29 -14.83 2.78
N TYR A 179 -33.59 -14.21 3.72
CA TYR A 179 -32.26 -13.66 3.43
C TYR A 179 -31.33 -14.80 3.04
N GLN A 180 -31.39 -15.86 3.84
CA GLN A 180 -30.56 -17.03 3.60
C GLN A 180 -30.91 -17.65 2.27
N ARG A 181 -32.21 -17.75 1.99
CA ARG A 181 -32.68 -18.29 0.73
C ARG A 181 -32.20 -17.48 -0.49
N MET A 182 -32.33 -16.16 -0.42
CA MET A 182 -31.90 -15.27 -1.50
C MET A 182 -30.42 -15.43 -1.81
N LEU A 183 -29.58 -15.43 -0.77
CA LEU A 183 -28.15 -15.53 -1.01
C LEU A 183 -27.77 -16.91 -1.54
N ASP A 184 -28.50 -17.93 -1.10
CA ASP A 184 -28.28 -19.29 -1.59
C ASP A 184 -28.65 -19.42 -3.05
N LEU A 185 -29.78 -18.81 -3.42
CA LEU A 185 -30.18 -18.74 -4.83
C LEU A 185 -29.15 -17.99 -5.68
N MET A 186 -28.65 -16.86 -5.19
CA MET A 186 -27.66 -16.11 -5.95
C MET A 186 -26.40 -16.95 -6.15
N ARG A 187 -26.00 -17.69 -5.13
CA ARG A 187 -24.86 -18.60 -5.28
C ARG A 187 -25.11 -19.59 -6.41
N ASP A 188 -26.24 -20.27 -6.36
CA ASP A 188 -26.53 -21.34 -7.32
C ASP A 188 -26.63 -20.80 -8.73
N ILE A 189 -27.34 -19.69 -8.88
CA ILE A 189 -27.57 -19.12 -10.21
C ILE A 189 -26.29 -18.55 -10.78
N ILE A 190 -25.52 -17.81 -9.99
CA ILE A 190 -24.30 -17.26 -10.55
C ILE A 190 -23.29 -18.36 -10.86
N LEU A 191 -23.16 -19.36 -9.99
CA LEU A 191 -22.25 -20.48 -10.30
C LEU A 191 -22.70 -21.27 -11.53
N ALA A 192 -23.99 -21.26 -11.83
CA ALA A 192 -24.51 -21.93 -13.01
C ALA A 192 -24.07 -21.25 -14.32
N THR A 193 -23.56 -20.01 -14.26
CA THR A 193 -23.10 -19.33 -15.49
C THR A 193 -21.75 -19.85 -16.02
N ASP A 194 -21.11 -20.73 -15.25
CA ASP A 194 -19.92 -21.42 -15.77
C ASP A 194 -20.38 -22.42 -16.82
N LEU A 195 -19.94 -22.28 -18.06
CA LEU A 195 -20.42 -23.21 -19.08
C LEU A 195 -20.06 -24.66 -18.76
N ALA A 196 -19.00 -24.88 -17.99
CA ALA A 196 -18.66 -26.23 -17.52
C ALA A 196 -19.81 -26.80 -16.69
N HIS A 197 -20.46 -25.95 -15.93
CA HIS A 197 -21.59 -26.38 -15.09
C HIS A 197 -22.78 -26.75 -15.98
N HIS A 198 -23.06 -25.90 -16.96
CA HIS A 198 -24.11 -26.18 -17.93
C HIS A 198 -23.90 -27.54 -18.58
N LEU A 199 -22.71 -27.78 -19.11
CA LEU A 199 -22.42 -29.05 -19.77
C LEU A 199 -22.58 -30.23 -18.82
N ARG A 200 -22.16 -30.06 -17.56
CA ARG A 200 -22.37 -31.11 -16.56
C ARG A 200 -23.85 -31.43 -16.40
N ILE A 201 -24.71 -30.43 -16.27
CA ILE A 201 -26.13 -30.66 -16.00
C ILE A 201 -27.02 -30.83 -17.24
N PHE A 202 -26.44 -30.75 -18.43
CA PHE A 202 -27.24 -30.75 -19.67
C PHE A 202 -28.13 -31.99 -19.78
N LYS A 203 -27.58 -33.16 -19.47
CA LYS A 203 -28.36 -34.40 -19.45
C LYS A 203 -29.58 -34.24 -18.55
N ASP A 204 -29.38 -33.63 -17.39
CA ASP A 204 -30.47 -33.46 -16.42
C ASP A 204 -31.55 -32.52 -16.95
N LEU A 205 -31.11 -31.47 -17.63
CA LEU A 205 -32.01 -30.52 -18.29
C LEU A 205 -32.86 -31.22 -19.34
N GLN A 206 -32.22 -32.04 -20.16
CA GLN A 206 -32.94 -32.82 -21.17
C GLN A 206 -33.99 -33.73 -20.55
N LYS A 207 -33.62 -34.45 -19.50
CA LYS A 207 -34.55 -35.37 -18.86
C LYS A 207 -35.70 -34.60 -18.24
N MET A 208 -35.41 -33.41 -17.72
CA MET A 208 -36.47 -32.58 -17.18
C MET A 208 -37.48 -32.18 -18.25
N ALA A 209 -36.99 -31.73 -19.40
CA ALA A 209 -37.87 -31.31 -20.48
C ALA A 209 -38.63 -32.50 -21.07
N GLU A 210 -38.02 -33.68 -21.01
CA GLU A 210 -38.61 -34.89 -21.55
C GLU A 210 -39.82 -35.35 -20.75
N VAL A 211 -39.64 -35.47 -19.44
CA VAL A 211 -40.70 -35.94 -18.56
C VAL A 211 -41.74 -34.85 -18.31
N GLY A 212 -41.33 -33.60 -18.45
CA GLY A 212 -42.21 -32.46 -18.22
C GLY A 212 -41.95 -31.80 -16.89
N TYR A 213 -42.02 -30.48 -16.85
CA TYR A 213 -41.71 -29.73 -15.65
C TYR A 213 -42.69 -30.02 -14.51
N ASP A 214 -42.14 -30.31 -13.34
CA ASP A 214 -42.93 -30.61 -12.15
C ASP A 214 -42.68 -29.53 -11.12
N ARG A 215 -43.61 -28.60 -10.96
CA ARG A 215 -43.40 -27.47 -10.08
C ARG A 215 -43.30 -27.89 -8.59
N ASN A 216 -43.64 -29.15 -8.30
CA ASN A 216 -43.47 -29.65 -6.93
C ASN A 216 -42.10 -30.30 -6.69
N ASN A 217 -41.28 -30.34 -7.74
CA ASN A 217 -39.95 -30.93 -7.65
C ASN A 217 -38.89 -29.85 -7.47
N LYS A 218 -38.28 -29.81 -6.29
CA LYS A 218 -37.33 -28.75 -5.99
C LYS A 218 -36.12 -28.80 -6.90
N GLN A 219 -35.73 -30.00 -7.32
CA GLN A 219 -34.58 -30.10 -8.22
C GLN A 219 -34.97 -29.54 -9.59
N HIS A 220 -36.24 -29.67 -9.96
CA HIS A 220 -36.69 -29.07 -11.21
C HIS A 220 -36.62 -27.55 -11.15
N HIS A 221 -36.96 -26.96 -10.00
CA HIS A 221 -36.80 -25.51 -9.85
C HIS A 221 -35.35 -25.08 -10.04
N ARG A 222 -34.45 -25.82 -9.40
CA ARG A 222 -33.01 -25.56 -9.50
C ARG A 222 -32.54 -25.63 -10.96
N LEU A 223 -32.92 -26.70 -11.64
CA LEU A 223 -32.49 -26.92 -13.02
C LEU A 223 -33.01 -25.82 -13.93
N LEU A 224 -34.28 -25.48 -13.79
CA LEU A 224 -34.88 -24.45 -14.64
C LEU A 224 -34.20 -23.09 -14.45
N LEU A 225 -33.87 -22.76 -13.20
CA LEU A 225 -33.17 -21.51 -12.92
C LEU A 225 -31.83 -21.49 -13.63
N CYS A 226 -31.14 -22.62 -13.63
CA CYS A 226 -29.86 -22.73 -14.34
C CYS A 226 -30.05 -22.47 -15.83
N LEU A 227 -31.06 -23.12 -16.40
CA LEU A 227 -31.35 -22.96 -17.84
C LEU A 227 -31.73 -21.54 -18.19
N LEU A 228 -32.59 -20.94 -17.36
CA LEU A 228 -33.03 -19.57 -17.61
C LEU A 228 -31.85 -18.61 -17.54
N MET A 229 -31.00 -18.80 -16.53
CA MET A 229 -29.81 -17.97 -16.37
C MET A 229 -28.95 -18.07 -17.61
N THR A 230 -28.68 -19.30 -18.07
CA THR A 230 -27.88 -19.48 -19.28
C THR A 230 -28.53 -18.82 -20.51
N SER A 231 -29.86 -18.90 -20.58
CA SER A 231 -30.61 -18.31 -21.69
C SER A 231 -30.46 -16.79 -21.70
N CYS A 232 -30.41 -16.19 -20.52
CA CYS A 232 -30.17 -14.75 -20.41
C CYS A 232 -28.76 -14.40 -20.83
N ASP A 233 -27.80 -15.19 -20.35
CA ASP A 233 -26.38 -14.94 -20.59
C ASP A 233 -26.08 -14.94 -22.08
N LEU A 234 -26.73 -15.83 -22.82
CA LEU A 234 -26.45 -15.98 -24.26
C LEU A 234 -27.45 -15.24 -25.15
N SER A 235 -28.27 -14.37 -24.57
CA SER A 235 -29.44 -13.83 -25.29
C SER A 235 -29.08 -12.89 -26.47
N ASP A 236 -27.83 -12.43 -26.57
CA ASP A 236 -27.42 -11.67 -27.75
C ASP A 236 -27.62 -12.47 -29.01
N GLN A 237 -27.64 -13.79 -28.89
CA GLN A 237 -27.80 -14.63 -30.07
C GLN A 237 -29.25 -14.68 -30.57
N THR A 238 -30.18 -14.13 -29.80
CA THR A 238 -31.61 -14.23 -30.12
C THR A 238 -32.17 -13.00 -30.80
N LYS A 239 -31.29 -12.04 -31.11
CA LYS A 239 -31.72 -10.82 -31.76
C LYS A 239 -31.46 -10.94 -33.26
N GLY A 240 -31.14 -9.83 -33.92
CA GLY A 240 -30.87 -9.88 -35.35
C GLY A 240 -29.42 -10.21 -35.67
N TRP A 241 -29.12 -10.36 -36.96
CA TRP A 241 -27.75 -10.62 -37.41
C TRP A 241 -26.75 -9.59 -36.92
N LYS A 242 -27.13 -8.32 -36.93
CA LYS A 242 -26.23 -7.24 -36.54
C LYS A 242 -25.76 -7.40 -35.11
N THR A 243 -26.66 -7.84 -34.24
CA THR A 243 -26.27 -8.03 -32.86
C THR A 243 -25.26 -9.18 -32.74
N THR A 244 -25.56 -10.30 -33.40
CA THR A 244 -24.64 -11.44 -33.38
C THR A 244 -23.27 -11.08 -33.94
N ARG A 245 -23.27 -10.31 -35.03
CA ARG A 245 -22.00 -9.92 -35.64
C ARG A 245 -21.16 -9.05 -34.70
N LYS A 246 -21.78 -8.03 -34.12
CA LYS A 246 -21.08 -7.14 -33.21
C LYS A 246 -20.60 -7.86 -31.96
N ILE A 247 -21.42 -8.76 -31.43
CA ILE A 247 -21.03 -9.42 -30.19
C ILE A 247 -19.91 -10.44 -30.48
N ALA A 248 -19.89 -11.02 -31.69
CA ALA A 248 -18.76 -11.85 -32.07
C ALA A 248 -17.48 -11.02 -32.05
N GLU A 249 -17.54 -9.80 -32.59
CA GLU A 249 -16.36 -8.92 -32.62
C GLU A 249 -15.87 -8.63 -31.19
N LEU A 250 -16.80 -8.38 -30.29
CA LEU A 250 -16.47 -8.03 -28.92
C LEU A 250 -15.84 -9.22 -28.20
N ILE A 251 -16.44 -10.38 -28.36
CA ILE A 251 -15.93 -11.56 -27.69
C ILE A 251 -14.54 -11.94 -28.21
N TYR A 252 -14.36 -11.93 -29.52
CA TYR A 252 -13.06 -12.35 -30.03
C TYR A 252 -11.97 -11.30 -29.75
N LYS A 253 -12.34 -10.02 -29.68
CA LYS A 253 -11.39 -9.01 -29.19
C LYS A 253 -10.91 -9.40 -27.80
N GLU A 254 -11.86 -9.74 -26.96
CA GLU A 254 -11.55 -10.10 -25.60
C GLU A 254 -10.71 -11.39 -25.58
N PHE A 255 -11.15 -12.40 -26.33
CA PHE A 255 -10.45 -13.68 -26.40
C PHE A 255 -9.01 -13.51 -26.88
N PHE A 256 -8.85 -12.78 -27.99
CA PHE A 256 -7.53 -12.68 -28.62
C PHE A 256 -6.57 -11.90 -27.74
N SER A 257 -7.09 -10.94 -26.98
CA SER A 257 -6.25 -10.24 -26.00
C SER A 257 -5.73 -11.22 -24.94
N GLN A 258 -6.60 -12.10 -24.42
CA GLN A 258 -6.14 -13.14 -23.48
C GLN A 258 -5.07 -13.99 -24.12
N GLY A 259 -5.32 -14.41 -25.36
CA GLY A 259 -4.38 -15.25 -26.08
C GLY A 259 -3.03 -14.59 -26.24
N ASP A 260 -3.02 -13.29 -26.49
CA ASP A 260 -1.76 -12.55 -26.59
C ASP A 260 -0.99 -12.62 -25.28
N LEU A 261 -1.72 -12.48 -24.17
CA LEU A 261 -1.12 -12.56 -22.83
C LEU A 261 -0.59 -13.97 -22.55
N GLU A 262 -1.29 -14.99 -23.04
CA GLU A 262 -0.86 -16.36 -22.83
C GLU A 262 0.43 -16.65 -23.60
N LYS A 263 0.49 -16.16 -24.83
CA LYS A 263 1.69 -16.32 -25.63
C LYS A 263 2.90 -15.68 -24.97
N ALA A 264 2.69 -14.48 -24.43
CA ALA A 264 3.77 -13.76 -23.77
C ALA A 264 4.22 -14.47 -22.49
N MET A 265 3.38 -15.35 -21.95
CA MET A 265 3.76 -16.15 -20.79
C MET A 265 4.41 -17.46 -21.21
N GLY A 266 4.53 -17.67 -22.51
CA GLY A 266 5.15 -18.88 -23.04
C GLY A 266 4.19 -20.06 -23.13
N ASN A 267 2.90 -19.78 -23.02
CA ASN A 267 1.89 -20.81 -23.18
C ASN A 267 1.21 -20.69 -24.53
N ARG A 268 0.68 -21.78 -25.04
CA ARG A 268 -0.06 -21.71 -26.30
C ARG A 268 -1.54 -21.64 -25.99
N PRO A 269 -2.22 -20.63 -26.55
CA PRO A 269 -3.64 -20.42 -26.26
C PRO A 269 -4.50 -21.49 -26.89
N MET A 270 -5.72 -21.64 -26.40
CA MET A 270 -6.72 -22.38 -27.15
C MET A 270 -6.80 -21.77 -28.53
N GLU A 271 -7.12 -22.59 -29.53
CA GLU A 271 -7.25 -22.12 -30.90
C GLU A 271 -8.17 -20.88 -30.98
N MET A 272 -9.30 -20.90 -30.27
CA MET A 272 -10.27 -19.81 -30.33
C MET A 272 -9.77 -18.53 -29.68
N MET A 273 -8.66 -18.63 -28.96
CA MET A 273 -8.03 -17.49 -28.28
C MET A 273 -6.81 -16.96 -29.03
N ASP A 274 -6.47 -17.66 -30.10
CA ASP A 274 -5.25 -17.40 -30.85
C ASP A 274 -5.59 -16.67 -32.14
N ARG A 275 -5.26 -15.38 -32.21
CA ARG A 275 -5.64 -14.57 -33.37
C ARG A 275 -4.95 -15.04 -34.63
N GLU A 276 -3.92 -15.87 -34.49
CA GLU A 276 -3.24 -16.38 -35.68
C GLU A 276 -3.86 -17.69 -36.19
N LYS A 277 -4.72 -18.30 -35.38
CA LYS A 277 -5.31 -19.59 -35.75
C LYS A 277 -6.83 -19.60 -35.78
N ALA A 278 -7.45 -18.75 -34.96
CA ALA A 278 -8.90 -18.72 -34.82
C ALA A 278 -9.59 -18.35 -36.13
N TYR A 279 -10.43 -19.25 -36.63
CA TYR A 279 -11.24 -18.99 -37.81
C TYR A 279 -12.66 -18.74 -37.33
N ILE A 280 -12.96 -17.46 -37.14
CA ILE A 280 -14.20 -17.03 -36.48
C ILE A 280 -15.53 -17.65 -36.99
N PRO A 281 -15.75 -17.73 -38.31
CA PRO A 281 -17.03 -18.31 -38.77
C PRO A 281 -17.28 -19.72 -38.25
N GLU A 282 -16.27 -20.57 -38.39
CA GLU A 282 -16.29 -21.94 -37.90
C GLU A 282 -16.55 -21.95 -36.40
N LEU A 283 -15.82 -21.09 -35.70
CA LEU A 283 -15.92 -21.03 -34.25
C LEU A 283 -17.31 -20.53 -33.82
N GLN A 284 -17.89 -19.56 -34.48
CA GLN A 284 -19.21 -19.11 -34.09
C GLN A 284 -20.28 -20.14 -34.47
N ILE A 285 -20.13 -20.78 -35.64
CA ILE A 285 -21.11 -21.72 -36.07
C ILE A 285 -21.08 -22.85 -35.05
N SER A 286 -19.88 -23.22 -34.61
CA SER A 286 -19.73 -24.32 -33.65
C SER A 286 -20.40 -23.99 -32.31
N PHE A 287 -20.15 -22.79 -31.82
CA PHE A 287 -20.75 -22.36 -30.56
C PHE A 287 -22.26 -22.35 -30.64
N MET A 288 -22.79 -21.92 -31.77
CA MET A 288 -24.23 -21.83 -31.94
C MET A 288 -24.87 -23.22 -32.00
N GLU A 289 -24.27 -24.10 -32.79
CA GLU A 289 -24.86 -25.43 -32.97
C GLU A 289 -24.74 -26.29 -31.72
N HIS A 290 -23.63 -26.14 -31.00
CA HIS A 290 -23.32 -27.06 -29.93
C HIS A 290 -23.68 -26.51 -28.54
N ILE A 291 -23.74 -25.19 -28.41
CA ILE A 291 -24.09 -24.58 -27.12
C ILE A 291 -25.40 -23.80 -27.16
N ALA A 292 -25.47 -22.79 -28.03
CA ALA A 292 -26.58 -21.84 -27.97
C ALA A 292 -27.89 -22.47 -28.42
N MET A 293 -27.87 -23.12 -29.58
CA MET A 293 -29.10 -23.70 -30.10
C MET A 293 -29.71 -24.76 -29.16
N PRO A 294 -28.89 -25.68 -28.60
CA PRO A 294 -29.54 -26.66 -27.70
C PRO A 294 -30.17 -26.04 -26.45
N ILE A 295 -29.60 -24.95 -25.97
CA ILE A 295 -30.16 -24.24 -24.84
C ILE A 295 -31.53 -23.68 -25.20
N TYR A 296 -31.64 -23.03 -26.37
CA TYR A 296 -32.92 -22.42 -26.73
C TYR A 296 -33.92 -23.46 -27.23
N LYS A 297 -33.41 -24.59 -27.71
CA LYS A 297 -34.29 -25.73 -27.98
C LYS A 297 -34.94 -26.24 -26.69
N LEU A 298 -34.15 -26.40 -25.63
CA LEU A 298 -34.71 -26.79 -24.33
C LEU A 298 -35.70 -25.77 -23.83
N LEU A 299 -35.37 -24.50 -24.01
CA LEU A 299 -36.23 -23.42 -23.54
C LEU A 299 -37.56 -23.50 -24.27
N GLN A 300 -37.50 -23.71 -25.59
CA GLN A 300 -38.70 -23.93 -26.40
C GLN A 300 -39.48 -25.17 -25.97
N ASP A 301 -38.76 -26.23 -25.61
CA ASP A 301 -39.43 -27.46 -25.18
C ASP A 301 -40.27 -27.23 -23.92
N LEU A 302 -39.78 -26.38 -23.04
CA LEU A 302 -40.45 -26.10 -21.78
C LEU A 302 -41.47 -24.96 -21.90
N PHE A 303 -41.17 -24.02 -22.78
CA PHE A 303 -42.02 -22.86 -22.98
C PHE A 303 -42.29 -22.70 -24.48
N PRO A 304 -43.47 -23.14 -24.94
CA PRO A 304 -43.79 -23.06 -26.37
C PRO A 304 -43.66 -21.64 -26.93
N LYS A 305 -43.97 -20.64 -26.11
CA LYS A 305 -43.89 -19.25 -26.54
C LYS A 305 -42.44 -18.79 -26.80
N ALA A 306 -41.47 -19.60 -26.39
CA ALA A 306 -40.06 -19.29 -26.63
C ALA A 306 -39.54 -19.87 -27.96
N ALA A 307 -40.44 -20.41 -28.78
CA ALA A 307 -40.03 -20.99 -30.06
C ALA A 307 -39.35 -19.95 -30.94
N GLU A 308 -39.84 -18.72 -30.92
CA GLU A 308 -39.27 -17.68 -31.78
C GLU A 308 -37.80 -17.43 -31.43
N LEU A 309 -37.42 -17.64 -30.17
CA LEU A 309 -36.03 -17.46 -29.78
C LEU A 309 -35.12 -18.49 -30.43
N TYR A 310 -35.51 -19.76 -30.39
CA TYR A 310 -34.73 -20.82 -31.03
C TYR A 310 -34.60 -20.58 -32.54
N GLU A 311 -35.73 -20.22 -33.16
CA GLU A 311 -35.74 -20.00 -34.61
C GLU A 311 -34.86 -18.82 -35.01
N ARG A 312 -34.73 -17.82 -34.14
CA ARG A 312 -33.84 -16.74 -34.55
C ARG A 312 -32.38 -17.10 -34.29
N VAL A 313 -32.08 -17.89 -33.26
CA VAL A 313 -30.71 -18.38 -33.10
C VAL A 313 -30.32 -19.24 -34.32
N ALA A 314 -31.21 -20.12 -34.74
CA ALA A 314 -30.96 -20.97 -35.89
C ALA A 314 -30.78 -20.11 -37.15
N SER A 315 -31.59 -19.07 -37.28
CA SER A 315 -31.52 -18.16 -38.41
C SER A 315 -30.19 -17.41 -38.42
N ASN A 316 -29.75 -16.96 -37.25
CA ASN A 316 -28.47 -16.27 -37.14
C ASN A 316 -27.30 -17.18 -37.49
N ARG A 317 -27.36 -18.43 -37.04
CA ARG A 317 -26.33 -19.40 -37.37
C ARG A 317 -26.27 -19.64 -38.87
N GLU A 318 -27.43 -19.62 -39.52
CA GLU A 318 -27.45 -19.84 -40.97
C GLU A 318 -26.80 -18.68 -41.69
N HIS A 319 -26.98 -17.48 -41.15
CA HIS A 319 -26.36 -16.29 -41.73
C HIS A 319 -24.84 -16.35 -41.63
N TRP A 320 -24.31 -16.96 -40.56
CA TRP A 320 -22.86 -17.12 -40.45
C TRP A 320 -22.31 -18.01 -41.55
N THR A 321 -23.02 -19.10 -41.85
CA THR A 321 -22.66 -19.96 -42.96
C THR A 321 -22.59 -19.15 -44.26
N LYS A 322 -23.52 -18.21 -44.41
CA LYS A 322 -23.65 -17.48 -45.65
C LYS A 322 -22.59 -16.40 -45.85
N VAL A 323 -22.01 -15.91 -44.76
CA VAL A 323 -20.99 -14.88 -44.87
C VAL A 323 -19.58 -15.43 -44.69
N SER A 324 -19.47 -16.73 -44.45
CA SER A 324 -18.17 -17.33 -44.17
C SER A 324 -17.18 -17.11 -45.31
N HIS A 325 -17.69 -17.15 -46.54
CA HIS A 325 -16.86 -16.99 -47.74
C HIS A 325 -16.13 -15.65 -47.73
N LYS A 326 -16.69 -14.67 -47.03
CA LYS A 326 -16.09 -13.33 -46.96
C LYS A 326 -14.78 -13.31 -46.21
N PHE A 327 -14.48 -14.36 -45.44
CA PHE A 327 -13.23 -14.43 -44.70
C PHE A 327 -12.10 -14.94 -45.59
N THR A 328 -12.41 -15.18 -46.86
CA THR A 328 -11.42 -15.60 -47.82
C THR A 328 -11.10 -14.41 -48.70
N ILE A 329 -9.82 -14.06 -48.81
CA ILE A 329 -9.44 -12.91 -49.62
C ILE A 329 -9.41 -13.30 -51.08
N ARG A 330 -10.46 -12.89 -51.79
CA ARG A 330 -10.52 -13.04 -53.23
C ARG A 330 -9.98 -11.79 -53.88
N GLY A 331 -9.30 -11.94 -55.02
CA GLY A 331 -8.67 -10.82 -55.64
C GLY A 331 -7.55 -10.25 -54.79
N LEU A 332 -7.38 -8.94 -54.86
CA LEU A 332 -6.39 -8.26 -54.04
C LEU A 332 -7.07 -7.72 -52.80
N PRO A 333 -6.30 -7.53 -51.73
CA PRO A 333 -6.83 -6.94 -50.50
C PRO A 333 -7.32 -5.51 -50.74
N SER A 334 -8.01 -4.97 -49.74
CA SER A 334 -8.26 -3.54 -49.53
C SER A 334 -7.53 -2.57 -50.45
N ASN A 335 -6.21 -2.61 -50.26
CA ASN A 335 -5.31 -1.56 -50.75
C ASN A 335 -4.55 -1.88 -52.04
N ASN A 336 -5.00 -2.90 -52.77
CA ASN A 336 -4.31 -3.37 -53.97
C ASN A 336 -2.88 -3.85 -53.70
N SER A 337 -2.58 -4.24 -52.49
CA SER A 337 -1.20 -4.61 -52.17
C SER A 337 -1.05 -6.01 -51.58
N LEU A 338 0.04 -6.67 -51.98
CA LEU A 338 0.38 -7.98 -51.45
C LEU A 338 1.43 -7.91 -50.35
N ASP A 339 1.74 -6.70 -49.87
CA ASP A 339 2.76 -6.49 -48.84
C ASP A 339 2.54 -7.31 -47.57
N PHE A 340 1.28 -7.65 -47.29
CA PHE A 340 0.96 -8.38 -46.08
C PHE A 340 1.49 -9.81 -46.10
N LEU A 341 1.93 -10.27 -47.27
CA LEU A 341 2.50 -11.60 -47.41
C LEU A 341 3.89 -11.65 -46.79
N ASP A 342 4.58 -10.50 -46.83
CA ASP A 342 5.86 -10.35 -46.15
C ASP A 342 5.68 -10.28 -44.65
N ALA B 2 -7.21 8.27 16.19
CA ALA B 2 -6.47 7.38 17.08
C ALA B 2 -5.63 6.39 16.27
N MET B 3 -6.24 5.84 15.23
CA MET B 3 -5.55 4.87 14.38
C MET B 3 -4.45 5.52 13.55
N ASP B 4 -4.76 6.65 12.91
CA ASP B 4 -3.74 7.40 12.16
C ASP B 4 -2.61 7.79 13.08
N ASP B 5 -2.96 8.19 14.30
CA ASP B 5 -1.98 8.50 15.33
C ASP B 5 -1.10 7.30 15.60
N GLU B 6 -1.74 6.12 15.67
CA GLU B 6 -1.02 4.90 15.91
C GLU B 6 -0.10 4.57 14.72
N TYR B 7 -0.58 4.83 13.51
CA TYR B 7 0.22 4.58 12.33
C TYR B 7 1.49 5.41 12.35
N THR B 8 1.32 6.69 12.68
CA THR B 8 2.42 7.63 12.74
C THR B 8 3.49 7.18 13.72
N LYS B 9 3.08 6.77 14.91
CA LYS B 9 4.06 6.32 15.91
C LYS B 9 4.69 4.99 15.50
N LEU B 10 3.89 4.10 14.96
CA LEU B 10 4.39 2.79 14.56
C LEU B 10 5.47 2.96 13.49
N LEU B 11 5.25 3.89 12.57
CA LEU B 11 6.17 4.09 11.47
C LEU B 11 7.42 4.86 11.89
N HIS B 12 7.25 5.95 12.63
CA HIS B 12 8.36 6.87 12.85
C HIS B 12 9.10 6.76 14.19
N ASP B 13 8.57 5.95 15.11
CA ASP B 13 9.29 5.67 16.34
C ASP B 13 10.22 4.48 16.13
N GLY B 14 11.32 4.48 16.87
CA GLY B 14 12.19 3.32 16.86
C GLY B 14 11.42 2.14 17.40
N ILE B 15 11.75 0.95 16.92
CA ILE B 15 11.15 -0.28 17.42
C ILE B 15 11.93 -0.71 18.67
N GLN B 16 11.28 -0.76 19.83
CA GLN B 16 12.05 -1.02 21.06
C GLN B 16 12.49 -2.48 21.11
N PRO B 17 13.63 -2.76 21.77
CA PRO B 17 14.03 -4.15 21.96
C PRO B 17 12.97 -4.88 22.78
N VAL B 18 12.80 -6.17 22.59
CA VAL B 18 11.71 -6.88 23.28
C VAL B 18 11.84 -6.79 24.80
N ALA B 19 13.07 -6.73 25.31
CA ALA B 19 13.27 -6.74 26.76
C ALA B 19 12.83 -5.42 27.37
N ALA B 20 12.75 -4.39 26.53
CA ALA B 20 12.29 -3.08 26.99
C ALA B 20 10.76 -3.07 27.10
N ILE B 21 10.10 -4.01 26.43
CA ILE B 21 8.67 -4.19 26.58
C ILE B 21 8.39 -4.80 27.95
N ASP B 22 9.08 -5.91 28.22
CA ASP B 22 9.01 -6.58 29.50
C ASP B 22 10.29 -7.39 29.62
N SER B 23 10.90 -7.42 30.80
CA SER B 23 12.15 -8.13 30.98
C SER B 23 11.99 -9.62 30.69
N ASN B 24 10.77 -10.14 30.83
CA ASN B 24 10.45 -11.55 30.65
C ASN B 24 9.79 -11.85 29.30
N PHE B 25 9.85 -10.89 28.38
CA PHE B 25 9.08 -10.97 27.15
C PHE B 25 9.38 -12.22 26.33
N ALA B 26 10.61 -12.69 26.38
CA ALA B 26 11.00 -13.84 25.54
C ALA B 26 10.94 -15.16 26.30
N SER B 27 10.28 -15.16 27.45
CA SER B 27 10.16 -16.37 28.26
C SER B 27 8.80 -17.05 28.10
N PHE B 28 8.80 -18.37 28.21
CA PHE B 28 7.57 -19.15 28.21
C PHE B 28 6.63 -18.76 29.36
N THR B 29 7.17 -18.11 30.38
CA THR B 29 6.36 -17.74 31.53
C THR B 29 5.61 -16.43 31.29
N TYR B 30 5.95 -15.72 30.22
CA TYR B 30 5.31 -14.45 29.93
C TYR B 30 3.90 -14.64 29.40
N THR B 31 2.98 -13.80 29.86
CA THR B 31 1.59 -13.79 29.39
C THR B 31 1.35 -12.57 28.48
N PRO B 32 1.33 -12.79 27.15
CA PRO B 32 1.21 -11.65 26.24
C PRO B 32 -0.12 -10.91 26.35
N ARG B 33 -1.15 -11.56 26.87
CA ARG B 33 -2.43 -10.88 27.05
C ARG B 33 -2.36 -9.84 28.17
N SER B 34 -1.25 -9.82 28.90
CA SER B 34 -1.02 -8.78 29.91
C SER B 34 -0.68 -7.44 29.27
N LEU B 35 -0.20 -7.49 28.04
CA LEU B 35 0.20 -6.30 27.33
C LEU B 35 -1.02 -5.52 26.89
N PRO B 36 -1.04 -4.20 27.19
CA PRO B 36 -2.13 -3.34 26.72
C PRO B 36 -2.33 -3.47 25.22
N GLU B 37 -3.58 -3.53 24.78
CA GLU B 37 -3.86 -3.75 23.37
C GLU B 37 -3.23 -2.65 22.50
N ASP B 38 -3.19 -1.42 23.01
CA ASP B 38 -2.55 -0.32 22.27
C ASP B 38 -1.06 -0.54 22.02
N ASP B 39 -0.45 -1.46 22.74
CA ASP B 39 0.99 -1.70 22.62
C ASP B 39 1.32 -2.91 21.74
N THR B 40 0.31 -3.64 21.32
CA THR B 40 0.53 -4.92 20.64
C THR B 40 1.12 -4.78 19.23
N SER B 41 0.70 -3.77 18.49
CA SER B 41 1.26 -3.59 17.14
C SER B 41 2.74 -3.28 17.22
N MET B 42 3.13 -2.43 18.17
CA MET B 42 4.56 -2.16 18.29
C MET B 42 5.29 -3.42 18.73
N ALA B 43 4.69 -4.24 19.58
CA ALA B 43 5.30 -5.49 20.01
C ALA B 43 5.50 -6.44 18.83
N ILE B 44 4.57 -6.45 17.89
CA ILE B 44 4.72 -7.28 16.70
C ILE B 44 6.01 -6.85 15.97
N LEU B 45 6.20 -5.54 15.81
CA LEU B 45 7.38 -5.02 15.16
C LEU B 45 8.65 -5.37 15.95
N SER B 46 8.56 -5.31 17.28
CA SER B 46 9.68 -5.68 18.13
C SER B 46 10.11 -7.12 17.91
N MET B 47 9.13 -8.01 17.83
CA MET B 47 9.42 -9.43 17.58
C MET B 47 10.02 -9.64 16.19
N LEU B 48 9.43 -9.01 15.17
CA LEU B 48 9.96 -9.11 13.81
C LEU B 48 11.37 -8.58 13.74
N GLN B 49 11.62 -7.48 14.44
CA GLN B 49 12.97 -6.92 14.48
C GLN B 49 13.96 -7.87 15.16
N ASP B 50 13.54 -8.47 16.29
CA ASP B 50 14.41 -9.38 17.02
C ASP B 50 14.70 -10.65 16.23
N MET B 51 13.72 -11.10 15.44
CA MET B 51 13.92 -12.28 14.59
C MET B 51 14.68 -11.92 13.30
N ASN B 52 15.01 -10.64 13.16
CA ASN B 52 15.78 -10.11 12.03
C ASN B 52 15.08 -10.27 10.69
N PHE B 53 13.75 -10.36 10.70
CA PHE B 53 13.01 -10.58 9.46
C PHE B 53 12.87 -9.30 8.65
N ILE B 54 12.84 -8.16 9.35
CA ILE B 54 12.72 -6.88 8.68
C ILE B 54 13.92 -6.65 7.78
N ASN B 55 15.10 -7.07 8.26
CA ASN B 55 16.33 -6.94 7.49
C ASN B 55 16.52 -8.04 6.45
N ASN B 56 16.32 -9.30 6.86
CA ASN B 56 16.50 -10.42 5.95
C ASN B 56 15.66 -10.34 4.68
N TYR B 57 14.43 -9.83 4.82
CA TYR B 57 13.49 -9.79 3.71
C TYR B 57 13.21 -8.36 3.27
N LYS B 58 14.07 -7.44 3.71
CA LYS B 58 14.09 -6.05 3.27
C LYS B 58 12.72 -5.42 3.28
N ILE B 59 12.03 -5.54 4.39
CA ILE B 59 10.68 -5.09 4.44
C ILE B 59 10.58 -3.61 4.59
N ASP B 60 9.91 -3.00 3.65
CA ASP B 60 9.65 -1.57 3.67
C ASP B 60 8.91 -1.22 4.97
N CYS B 61 9.44 -0.26 5.71
CA CYS B 61 8.88 0.09 7.02
C CYS B 61 7.42 0.61 6.95
N PRO B 62 7.12 1.60 6.08
CA PRO B 62 5.71 2.00 6.01
C PRO B 62 4.79 0.84 5.64
N THR B 63 5.27 -0.04 4.76
CA THR B 63 4.49 -1.21 4.36
C THR B 63 4.20 -2.15 5.53
N LEU B 64 5.22 -2.44 6.31
CA LEU B 64 5.07 -3.34 7.45
C LEU B 64 4.13 -2.74 8.50
N ALA B 65 4.26 -1.45 8.75
CA ALA B 65 3.40 -0.76 9.70
C ALA B 65 1.95 -0.81 9.24
N ARG B 66 1.73 -0.50 7.96
CA ARG B 66 0.40 -0.56 7.37
C ARG B 66 -0.16 -1.98 7.46
N PHE B 67 0.66 -2.97 7.10
CA PHE B 67 0.23 -4.38 7.17
C PHE B 67 -0.20 -4.79 8.58
N CYS B 68 0.64 -4.47 9.56
CA CYS B 68 0.32 -4.81 10.93
C CYS B 68 -1.01 -4.21 11.37
N LEU B 69 -1.26 -2.95 11.01
CA LEU B 69 -2.51 -2.30 11.41
C LEU B 69 -3.71 -2.87 10.65
N MET B 70 -3.51 -3.21 9.38
CA MET B 70 -4.58 -3.81 8.59
C MET B 70 -4.95 -5.19 9.11
N VAL B 71 -3.95 -5.95 9.56
CA VAL B 71 -4.21 -7.26 10.11
C VAL B 71 -5.01 -7.10 11.40
N LYS B 72 -4.59 -6.16 12.26
CA LYS B 72 -5.31 -5.92 13.52
C LYS B 72 -6.75 -5.50 13.25
N LYS B 73 -6.92 -4.61 12.28
CA LYS B 73 -8.26 -4.10 11.98
C LYS B 73 -9.11 -5.17 11.30
N GLY B 74 -8.47 -6.21 10.78
CA GLY B 74 -9.16 -7.31 10.14
C GLY B 74 -9.80 -8.33 11.07
N TYR B 75 -9.60 -8.18 12.38
CA TYR B 75 -10.30 -9.00 13.38
C TYR B 75 -11.54 -8.29 13.86
N ARG B 76 -12.60 -9.05 14.10
CA ARG B 76 -13.78 -8.52 14.77
C ARG B 76 -13.59 -8.66 16.28
N ASP B 77 -14.67 -8.50 17.03
CA ASP B 77 -14.57 -8.55 18.49
C ASP B 77 -15.51 -9.59 19.15
N PRO B 78 -15.52 -10.85 18.66
CA PRO B 78 -16.19 -11.87 19.47
C PRO B 78 -15.39 -12.09 20.76
N PRO B 79 -15.94 -12.79 21.75
CA PRO B 79 -15.23 -12.93 23.04
C PRO B 79 -13.82 -13.51 22.95
N TYR B 80 -13.59 -14.50 22.09
CA TYR B 80 -12.28 -15.15 22.02
C TYR B 80 -11.51 -14.88 20.73
N HIS B 81 -12.15 -15.10 19.58
CA HIS B 81 -11.43 -15.00 18.32
C HIS B 81 -11.28 -13.56 17.83
N ASN B 82 -10.49 -12.81 18.58
CA ASN B 82 -10.25 -11.40 18.30
C ASN B 82 -8.75 -11.14 18.10
N TRP B 83 -8.36 -9.88 17.92
CA TRP B 83 -6.94 -9.57 17.72
C TRP B 83 -6.05 -10.01 18.87
N MET B 84 -6.55 -9.93 20.10
CA MET B 84 -5.68 -10.30 21.23
C MET B 84 -5.34 -11.78 21.16
N HIS B 85 -6.22 -12.59 20.60
CA HIS B 85 -5.90 -13.98 20.36
C HIS B 85 -4.78 -14.09 19.33
N ALA B 86 -4.97 -13.46 18.17
CA ALA B 86 -3.96 -13.45 17.13
C ALA B 86 -2.61 -12.96 17.65
N PHE B 87 -2.63 -11.88 18.43
CA PHE B 87 -1.39 -11.37 18.99
C PHE B 87 -0.72 -12.41 19.90
N SER B 88 -1.51 -13.02 20.79
CA SER B 88 -0.91 -13.96 21.74
C SER B 88 -0.41 -15.20 21.01
N VAL B 89 -1.06 -15.58 19.92
CA VAL B 89 -0.61 -16.72 19.14
C VAL B 89 0.69 -16.38 18.41
N SER B 90 0.76 -15.18 17.86
CA SER B 90 1.98 -14.69 17.22
C SER B 90 3.13 -14.58 18.24
N HIS B 91 2.81 -14.10 19.43
CA HIS B 91 3.82 -14.06 20.47
C HIS B 91 4.38 -15.44 20.78
N PHE B 92 3.53 -16.46 20.79
CA PHE B 92 4.03 -17.80 21.10
C PHE B 92 4.97 -18.27 20.00
N CYS B 93 4.64 -17.92 18.75
CA CYS B 93 5.52 -18.27 17.65
C CYS B 93 6.92 -17.71 17.90
N TYR B 94 6.97 -16.46 18.31
CA TYR B 94 8.24 -15.81 18.67
C TYR B 94 8.95 -16.57 19.79
N LEU B 95 8.19 -16.96 20.81
CA LEU B 95 8.75 -17.75 21.91
C LEU B 95 9.37 -19.05 21.42
N LEU B 96 8.71 -19.71 20.48
CA LEU B 96 9.24 -20.97 19.97
C LEU B 96 10.52 -20.70 19.21
N TYR B 97 10.51 -19.64 18.41
CA TYR B 97 11.72 -19.23 17.70
C TYR B 97 12.89 -19.00 18.68
N LYS B 98 12.65 -18.24 19.74
CA LYS B 98 13.71 -17.88 20.68
C LYS B 98 14.15 -19.08 21.54
N ASN B 99 13.20 -19.88 21.98
CA ASN B 99 13.51 -20.90 22.98
C ASN B 99 13.89 -22.26 22.38
N LEU B 100 13.33 -22.57 21.21
CA LEU B 100 13.59 -23.86 20.58
C LEU B 100 14.63 -23.75 19.46
N GLU B 101 15.07 -22.53 19.17
CA GLU B 101 16.06 -22.29 18.13
C GLU B 101 15.63 -22.86 16.78
N LEU B 102 14.51 -22.36 16.28
CA LEU B 102 13.91 -22.89 15.07
C LEU B 102 14.79 -22.75 13.83
N THR B 103 15.78 -21.84 13.86
CA THR B 103 16.62 -21.64 12.68
C THR B 103 17.45 -22.89 12.38
N ASN B 104 17.53 -23.80 13.34
CA ASN B 104 18.25 -25.05 13.14
C ASN B 104 17.37 -26.17 12.60
N TYR B 105 16.08 -25.90 12.44
CA TYR B 105 15.13 -26.93 12.01
C TYR B 105 14.39 -26.54 10.74
N LEU B 106 14.09 -25.26 10.64
CA LEU B 106 13.29 -24.75 9.54
C LEU B 106 14.09 -23.75 8.74
N GLU B 107 13.73 -23.57 7.47
CA GLU B 107 14.37 -22.49 6.74
C GLU B 107 13.73 -21.18 7.11
N ASP B 108 14.46 -20.10 6.88
CA ASP B 108 14.06 -18.81 7.40
C ASP B 108 12.70 -18.37 6.82
N ILE B 109 12.49 -18.65 5.54
CA ILE B 109 11.23 -18.32 4.87
C ILE B 109 10.05 -19.08 5.50
N GLU B 110 10.29 -20.30 5.97
CA GLU B 110 9.25 -21.06 6.64
C GLU B 110 8.88 -20.47 8.00
N ILE B 111 9.88 -19.98 8.72
CA ILE B 111 9.63 -19.38 10.02
C ILE B 111 8.89 -18.06 9.85
N PHE B 112 9.29 -17.30 8.83
CA PHE B 112 8.62 -16.05 8.46
C PHE B 112 7.15 -16.31 8.13
N ALA B 113 6.91 -17.30 7.26
CA ALA B 113 5.55 -17.71 6.91
C ALA B 113 4.74 -18.14 8.13
N LEU B 114 5.37 -18.84 9.06
CA LEU B 114 4.69 -19.28 10.28
C LEU B 114 4.22 -18.09 11.10
N PHE B 115 5.11 -17.13 11.30
CA PHE B 115 4.80 -15.99 12.14
C PHE B 115 3.71 -15.12 11.51
N ILE B 116 3.84 -14.86 10.21
CA ILE B 116 2.82 -14.06 9.54
C ILE B 116 1.49 -14.82 9.51
N SER B 117 1.55 -16.12 9.33
CA SER B 117 0.34 -16.93 9.37
C SER B 117 -0.32 -16.80 10.75
N CYS B 118 0.49 -16.81 11.81
CA CYS B 118 -0.08 -16.66 13.16
C CYS B 118 -0.86 -15.35 13.30
N MET B 119 -0.28 -14.26 12.78
CA MET B 119 -0.95 -12.96 12.81
C MET B 119 -2.29 -13.02 12.12
N CYS B 120 -2.36 -13.77 11.02
CA CYS B 120 -3.51 -13.71 10.13
C CYS B 120 -4.52 -14.85 10.31
N HIS B 121 -4.17 -15.83 11.14
CA HIS B 121 -4.79 -17.16 11.01
C HIS B 121 -6.27 -17.23 11.38
N ASP B 122 -6.79 -16.23 12.09
CA ASP B 122 -8.22 -16.20 12.40
C ASP B 122 -8.88 -14.91 11.86
N LEU B 123 -8.30 -14.27 10.84
CA LEU B 123 -8.85 -13.00 10.32
C LEU B 123 -10.35 -13.06 10.00
N ASP B 124 -11.07 -12.04 10.47
CA ASP B 124 -12.51 -11.89 10.19
C ASP B 124 -13.31 -13.04 10.78
N HIS B 125 -12.81 -13.68 11.85
CA HIS B 125 -13.61 -14.68 12.55
C HIS B 125 -14.88 -14.03 13.08
N ARG B 126 -16.01 -14.76 12.99
CA ARG B 126 -17.30 -14.20 13.39
C ARG B 126 -17.81 -14.83 14.67
N GLY B 127 -16.96 -15.62 15.31
CA GLY B 127 -17.36 -16.28 16.55
C GLY B 127 -18.22 -17.50 16.33
N THR B 128 -18.18 -18.03 15.11
CA THR B 128 -18.90 -19.28 14.82
C THR B 128 -17.96 -20.28 14.16
N ASN B 129 -18.24 -21.58 14.31
CA ASN B 129 -17.33 -22.61 13.83
C ASN B 129 -17.65 -23.03 12.40
N ASN B 130 -16.91 -24.01 11.89
CA ASN B 130 -17.13 -24.48 10.53
C ASN B 130 -18.49 -25.13 10.35
N SER B 131 -18.91 -25.95 11.30
CA SER B 131 -20.25 -26.56 11.23
C SER B 131 -21.36 -25.54 11.06
N PHE B 132 -21.26 -24.42 11.79
CA PHE B 132 -22.27 -23.37 11.65
C PHE B 132 -22.33 -22.81 10.24
N GLN B 133 -21.15 -22.61 9.63
CA GLN B 133 -21.11 -22.05 8.29
C GLN B 133 -21.88 -22.95 7.34
N VAL B 134 -21.59 -24.23 7.43
CA VAL B 134 -22.22 -25.20 6.53
C VAL B 134 -23.73 -25.33 6.80
N ALA B 135 -24.09 -25.47 8.07
CA ALA B 135 -25.50 -25.70 8.43
C ALA B 135 -26.39 -24.49 8.13
N SER B 136 -25.82 -23.31 8.27
CA SER B 136 -26.53 -22.05 7.99
C SER B 136 -26.43 -21.61 6.53
N LYS B 137 -25.74 -22.40 5.71
CA LYS B 137 -25.51 -22.06 4.31
C LYS B 137 -24.96 -20.65 4.15
N SER B 138 -23.93 -20.33 4.93
CA SER B 138 -23.34 -19.00 4.89
C SER B 138 -22.66 -18.77 3.54
N VAL B 139 -22.34 -17.51 3.26
CA VAL B 139 -21.61 -17.18 2.02
C VAL B 139 -20.24 -17.85 2.00
N LEU B 140 -19.61 -17.97 3.16
CA LEU B 140 -18.29 -18.59 3.26
C LEU B 140 -18.40 -20.06 2.85
N ALA B 141 -19.43 -20.75 3.34
CA ALA B 141 -19.61 -22.14 2.95
C ALA B 141 -20.02 -22.27 1.48
N ALA B 142 -20.69 -21.26 0.94
CA ALA B 142 -21.09 -21.28 -0.46
C ALA B 142 -19.87 -21.22 -1.36
N LEU B 143 -18.88 -20.44 -0.96
CA LEU B 143 -17.68 -20.30 -1.75
C LEU B 143 -16.77 -21.52 -1.58
N TYR B 144 -16.60 -21.96 -0.34
CA TYR B 144 -15.69 -23.06 -0.07
C TYR B 144 -16.49 -24.32 0.19
N SER B 145 -17.17 -24.79 -0.86
CA SER B 145 -18.20 -25.81 -0.70
C SER B 145 -17.67 -27.25 -0.76
N SER B 146 -16.44 -27.43 -1.21
CA SER B 146 -15.81 -28.75 -1.09
C SER B 146 -15.53 -28.91 0.39
N GLU B 147 -15.42 -27.76 1.04
CA GLU B 147 -15.65 -27.57 2.47
C GLU B 147 -14.77 -28.38 3.38
N GLY B 148 -15.24 -28.52 4.63
CA GLY B 148 -14.39 -28.85 5.74
C GLY B 148 -13.98 -27.53 6.34
N SER B 149 -12.76 -27.10 5.99
CA SER B 149 -12.09 -25.97 6.63
C SER B 149 -12.56 -24.64 6.06
N VAL B 150 -13.87 -24.41 6.14
CA VAL B 150 -14.47 -23.19 5.59
C VAL B 150 -13.86 -21.93 6.15
N MET B 151 -13.84 -21.81 7.49
CA MET B 151 -13.34 -20.56 8.08
C MET B 151 -11.86 -20.35 7.78
N GLU B 152 -11.09 -21.43 7.80
CA GLU B 152 -9.66 -21.33 7.53
C GLU B 152 -9.38 -20.91 6.09
N ARG B 153 -10.18 -21.36 5.15
CA ARG B 153 -10.09 -20.86 3.77
C ARG B 153 -10.34 -19.36 3.74
N HIS B 154 -11.34 -18.90 4.48
CA HIS B 154 -11.63 -17.46 4.57
C HIS B 154 -10.49 -16.67 5.23
N HIS B 155 -9.92 -17.20 6.31
CA HIS B 155 -8.84 -16.49 7.00
C HIS B 155 -7.68 -16.25 6.03
N PHE B 156 -7.32 -17.31 5.29
CA PHE B 156 -6.30 -17.18 4.26
C PHE B 156 -6.68 -16.14 3.21
N ALA B 157 -7.94 -16.19 2.76
CA ALA B 157 -8.42 -15.25 1.73
C ALA B 157 -8.30 -13.80 2.23
N GLN B 158 -8.59 -13.59 3.51
CA GLN B 158 -8.50 -12.25 4.08
C GLN B 158 -7.05 -11.79 4.14
N ALA B 159 -6.15 -12.73 4.42
CA ALA B 159 -4.71 -12.42 4.45
C ALA B 159 -4.24 -11.99 3.06
N ILE B 160 -4.67 -12.72 2.04
CA ILE B 160 -4.31 -12.39 0.66
C ILE B 160 -4.86 -11.02 0.25
N ALA B 161 -6.10 -10.74 0.63
CA ALA B 161 -6.71 -9.46 0.32
C ALA B 161 -5.92 -8.30 0.95
N ILE B 162 -5.40 -8.52 2.15
CA ILE B 162 -4.57 -7.51 2.80
C ILE B 162 -3.25 -7.35 2.06
N LEU B 163 -2.58 -8.45 1.74
CA LEU B 163 -1.31 -8.38 1.02
C LEU B 163 -1.46 -7.69 -0.34
N ASN B 164 -2.65 -7.81 -0.93
CA ASN B 164 -2.90 -7.22 -2.23
C ASN B 164 -3.49 -5.82 -2.15
N THR B 165 -3.56 -5.29 -0.94
CA THR B 165 -3.97 -3.90 -0.75
C THR B 165 -2.75 -3.01 -0.92
N HIS B 166 -2.89 -1.97 -1.73
CA HIS B 166 -1.77 -1.05 -1.97
C HIS B 166 -1.14 -0.58 -0.67
N GLY B 167 0.18 -0.71 -0.58
CA GLY B 167 0.92 -0.26 0.58
C GLY B 167 1.07 -1.29 1.68
N CYS B 168 0.53 -2.49 1.48
CA CYS B 168 0.54 -3.52 2.52
C CYS B 168 1.27 -4.80 2.14
N ASN B 169 1.83 -4.88 0.94
CA ASN B 169 2.45 -6.13 0.53
C ASN B 169 3.84 -6.29 1.13
N ILE B 170 3.92 -6.86 2.31
CA ILE B 170 5.18 -7.08 2.95
C ILE B 170 6.07 -8.07 2.24
N PHE B 171 5.53 -8.75 1.24
CA PHE B 171 6.31 -9.73 0.50
C PHE B 171 6.80 -9.16 -0.84
N ASP B 172 6.77 -7.86 -0.99
CA ASP B 172 7.10 -7.16 -2.21
C ASP B 172 8.47 -7.47 -2.75
N HIS B 173 9.39 -7.68 -1.87
CA HIS B 173 10.77 -7.99 -2.21
C HIS B 173 11.00 -9.40 -2.73
N PHE B 174 10.04 -10.30 -2.59
CA PHE B 174 10.27 -11.67 -2.99
C PHE B 174 10.23 -11.75 -4.50
N SER B 175 11.03 -12.65 -5.05
CA SER B 175 10.93 -13.02 -6.46
C SER B 175 9.54 -13.57 -6.70
N ARG B 176 9.10 -13.65 -7.94
CA ARG B 176 7.77 -14.21 -8.18
C ARG B 176 7.73 -15.67 -7.69
N LYS B 177 8.85 -16.37 -7.83
CA LYS B 177 8.92 -17.74 -7.31
C LYS B 177 8.75 -17.80 -5.80
N ASP B 178 9.50 -16.97 -5.07
CA ASP B 178 9.41 -17.00 -3.61
C ASP B 178 8.10 -16.44 -3.11
N TYR B 179 7.52 -15.53 -3.87
CA TYR B 179 6.21 -14.99 -3.53
C TYR B 179 5.16 -16.10 -3.53
N GLN B 180 5.10 -16.87 -4.62
CA GLN B 180 4.17 -18.01 -4.67
C GLN B 180 4.45 -18.99 -3.54
N ARG B 181 5.73 -19.27 -3.26
CA ARG B 181 6.05 -20.21 -2.19
C ARG B 181 5.49 -19.72 -0.87
N MET B 182 5.60 -18.42 -0.63
CA MET B 182 5.13 -17.81 0.63
C MET B 182 3.62 -17.94 0.73
N LEU B 183 2.91 -17.62 -0.35
CA LEU B 183 1.44 -17.75 -0.33
C LEU B 183 1.03 -19.19 -0.07
N ASP B 184 1.75 -20.12 -0.66
CA ASP B 184 1.37 -21.52 -0.53
C ASP B 184 1.69 -22.04 0.88
N LEU B 185 2.78 -21.55 1.45
CA LEU B 185 3.10 -21.81 2.85
C LEU B 185 2.02 -21.26 3.76
N MET B 186 1.60 -20.02 3.53
CA MET B 186 0.57 -19.43 4.39
C MET B 186 -0.73 -20.22 4.29
N ARG B 187 -1.11 -20.65 3.09
CA ARG B 187 -2.33 -21.42 2.96
C ARG B 187 -2.22 -22.72 3.75
N ASP B 188 -1.09 -23.39 3.60
CA ASP B 188 -0.89 -24.68 4.26
C ASP B 188 -0.97 -24.51 5.78
N ILE B 189 -0.30 -23.49 6.29
CA ILE B 189 -0.21 -23.28 7.74
C ILE B 189 -1.55 -22.85 8.32
N ILE B 190 -2.23 -21.95 7.62
CA ILE B 190 -3.54 -21.51 8.12
C ILE B 190 -4.56 -22.64 8.04
N LEU B 191 -4.51 -23.45 6.97
CA LEU B 191 -5.43 -24.59 6.88
C LEU B 191 -5.17 -25.60 8.01
N ALA B 192 -3.93 -25.67 8.49
CA ALA B 192 -3.56 -26.61 9.53
C ALA B 192 -4.20 -26.21 10.87
N THR B 193 -4.70 -24.97 10.96
CA THR B 193 -5.34 -24.55 12.22
C THR B 193 -6.73 -25.16 12.41
N ASP B 194 -7.26 -25.82 11.39
CA ASP B 194 -8.47 -26.63 11.54
C ASP B 194 -8.13 -27.88 12.39
N LEU B 195 -8.73 -28.04 13.57
CA LEU B 195 -8.38 -29.20 14.40
C LEU B 195 -8.74 -30.51 13.70
N ALA B 196 -9.64 -30.45 12.72
CA ALA B 196 -9.98 -31.64 11.94
C ALA B 196 -8.77 -32.08 11.14
N HIS B 197 -8.04 -31.08 10.62
CA HIS B 197 -6.79 -31.32 9.92
C HIS B 197 -5.76 -31.91 10.90
N HIS B 198 -5.62 -31.29 12.06
CA HIS B 198 -4.70 -31.82 13.08
C HIS B 198 -5.01 -33.28 13.41
N LEU B 199 -6.28 -33.59 13.61
CA LEU B 199 -6.63 -34.98 13.95
C LEU B 199 -6.30 -35.92 12.79
N ARG B 200 -6.48 -35.46 11.56
CA ARG B 200 -6.17 -36.28 10.40
C ARG B 200 -4.67 -36.57 10.28
N ILE B 201 -3.81 -35.64 10.68
CA ILE B 201 -2.37 -35.86 10.54
C ILE B 201 -1.71 -36.31 11.83
N PHE B 202 -2.51 -36.53 12.87
CA PHE B 202 -1.95 -36.84 14.18
C PHE B 202 -1.00 -38.04 14.16
N LYS B 203 -1.39 -39.13 13.49
CA LYS B 203 -0.52 -40.30 13.53
C LYS B 203 0.76 -40.08 12.73
N ASP B 204 0.73 -39.24 11.71
CA ASP B 204 1.94 -38.82 11.02
C ASP B 204 2.84 -37.97 11.93
N LEU B 205 2.24 -37.12 12.75
CA LEU B 205 3.01 -36.35 13.73
C LEU B 205 3.68 -37.28 14.73
N GLN B 206 2.90 -38.23 15.23
CA GLN B 206 3.42 -39.24 16.16
C GLN B 206 4.60 -39.99 15.56
N LYS B 207 4.44 -40.42 14.32
CA LYS B 207 5.50 -41.14 13.63
C LYS B 207 6.77 -40.28 13.52
N MET B 208 6.60 -39.00 13.17
CA MET B 208 7.73 -38.09 13.06
C MET B 208 8.44 -37.95 14.41
N ALA B 209 7.67 -37.83 15.48
CA ALA B 209 8.25 -37.73 16.83
C ALA B 209 9.02 -38.99 17.20
N GLU B 210 8.51 -40.13 16.75
CA GLU B 210 9.14 -41.41 17.07
C GLU B 210 10.47 -41.59 16.36
N VAL B 211 10.50 -41.25 15.08
CA VAL B 211 11.73 -41.43 14.29
C VAL B 211 12.70 -40.27 14.50
N GLY B 212 12.14 -39.09 14.80
CA GLY B 212 12.95 -37.91 14.98
C GLY B 212 12.90 -37.00 13.78
N TYR B 213 12.85 -35.69 14.04
CA TYR B 213 12.79 -34.72 12.96
C TYR B 213 14.03 -34.80 12.07
N ASP B 214 13.79 -34.87 10.77
CA ASP B 214 14.87 -34.85 9.79
C ASP B 214 14.73 -33.57 8.95
N ARG B 215 15.67 -32.63 9.13
CA ARG B 215 15.57 -31.36 8.40
C ARG B 215 15.72 -31.56 6.89
N ASN B 216 16.32 -32.67 6.48
CA ASN B 216 16.44 -32.95 5.05
C ASN B 216 15.21 -33.66 4.50
N ASN B 217 14.17 -33.79 5.34
CA ASN B 217 12.94 -34.44 4.95
C ASN B 217 11.83 -33.42 4.72
N LYS B 218 11.40 -33.27 3.46
CA LYS B 218 10.41 -32.28 3.08
C LYS B 218 9.09 -32.42 3.83
N GLN B 219 8.60 -33.66 3.91
CA GLN B 219 7.37 -33.96 4.65
C GLN B 219 7.49 -33.54 6.10
N HIS B 220 8.67 -33.74 6.69
CA HIS B 220 8.88 -33.35 8.08
C HIS B 220 8.75 -31.85 8.30
N HIS B 221 9.24 -31.05 7.35
CA HIS B 221 9.07 -29.59 7.44
C HIS B 221 7.59 -29.25 7.47
N ARG B 222 6.83 -29.84 6.56
CA ARG B 222 5.40 -29.56 6.47
C ARG B 222 4.66 -29.97 7.75
N LEU B 223 4.96 -31.16 8.25
CA LEU B 223 4.37 -31.63 9.51
C LEU B 223 4.75 -30.77 10.70
N LEU B 224 6.02 -30.40 10.78
CA LEU B 224 6.49 -29.58 11.90
C LEU B 224 5.78 -28.21 11.89
N LEU B 225 5.63 -27.62 10.71
CA LEU B 225 4.95 -26.34 10.58
C LEU B 225 3.51 -26.45 11.12
N CYS B 226 2.81 -27.53 10.76
CA CYS B 226 1.46 -27.76 11.26
C CYS B 226 1.46 -27.86 12.79
N LEU B 227 2.37 -28.66 13.33
CA LEU B 227 2.42 -28.85 14.78
C LEU B 227 2.74 -27.54 15.51
N LEU B 228 3.74 -26.82 15.03
CA LEU B 228 4.10 -25.54 15.62
C LEU B 228 2.92 -24.57 15.58
N MET B 229 2.24 -24.51 14.44
CA MET B 229 1.08 -23.63 14.31
C MET B 229 0.01 -24.01 15.36
N THR B 230 -0.29 -25.29 15.46
CA THR B 230 -1.29 -25.73 16.43
C THR B 230 -0.84 -25.39 17.84
N SER B 231 0.46 -25.55 18.11
CA SER B 231 0.98 -25.26 19.44
C SER B 231 0.83 -23.77 19.78
N CYS B 232 0.95 -22.93 18.75
CA CYS B 232 0.75 -21.49 18.93
C CYS B 232 -0.73 -21.18 19.21
N ASP B 233 -1.61 -21.77 18.40
CA ASP B 233 -3.06 -21.55 18.50
C ASP B 233 -3.63 -21.91 19.89
N LEU B 234 -3.12 -22.98 20.50
CA LEU B 234 -3.59 -23.42 21.82
C LEU B 234 -2.71 -22.96 22.98
N SER B 235 -1.82 -22.00 22.74
CA SER B 235 -0.81 -21.67 23.76
C SER B 235 -1.32 -20.99 25.05
N ASP B 236 -2.56 -20.52 25.05
CA ASP B 236 -3.17 -20.04 26.31
C ASP B 236 -3.18 -21.13 27.37
N GLN B 237 -3.11 -22.39 26.93
CA GLN B 237 -3.16 -23.49 27.88
C GLN B 237 -1.81 -23.73 28.55
N THR B 238 -0.76 -23.09 28.04
CA THR B 238 0.58 -23.28 28.59
C THR B 238 1.00 -22.24 29.62
N LYS B 239 0.10 -21.33 29.97
CA LYS B 239 0.43 -20.29 30.93
C LYS B 239 -0.03 -20.73 32.33
N GLY B 240 -0.38 -19.77 33.17
CA GLY B 240 -0.86 -20.09 34.50
C GLY B 240 -2.33 -20.46 34.51
N TRP B 241 -2.83 -20.86 35.67
CA TRP B 241 -4.25 -21.20 35.82
C TRP B 241 -5.18 -20.05 35.47
N LYS B 242 -4.80 -18.84 35.87
CA LYS B 242 -5.63 -17.67 35.63
C LYS B 242 -5.92 -17.49 34.15
N THR B 243 -4.92 -17.75 33.32
CA THR B 243 -5.08 -17.63 31.88
C THR B 243 -6.05 -18.68 31.33
N THR B 244 -5.89 -19.94 31.73
CA THR B 244 -6.75 -20.98 31.18
C THR B 244 -8.18 -20.77 31.67
N ARG B 245 -8.35 -20.23 32.87
CA ARG B 245 -9.69 -19.95 33.37
C ARG B 245 -10.35 -18.83 32.56
N LYS B 246 -9.62 -17.76 32.35
CA LYS B 246 -10.18 -16.63 31.63
C LYS B 246 -10.50 -17.02 30.18
N ILE B 247 -9.61 -17.79 29.56
CA ILE B 247 -9.81 -18.13 28.16
C ILE B 247 -11.00 -19.12 28.06
N ALA B 248 -11.20 -19.96 29.08
CA ALA B 248 -12.41 -20.79 29.13
C ALA B 248 -13.68 -19.92 29.13
N GLU B 249 -13.71 -18.85 29.93
CA GLU B 249 -14.85 -17.94 29.95
C GLU B 249 -15.14 -17.38 28.56
N LEU B 250 -14.08 -16.96 27.86
CA LEU B 250 -14.23 -16.29 26.56
C LEU B 250 -14.72 -17.27 25.50
N ILE B 251 -14.09 -18.43 25.48
CA ILE B 251 -14.48 -19.47 24.54
C ILE B 251 -15.94 -19.89 24.72
N TYR B 252 -16.36 -20.13 25.95
CA TYR B 252 -17.71 -20.63 26.14
C TYR B 252 -18.73 -19.52 25.94
N LYS B 253 -18.36 -18.29 26.27
CA LYS B 253 -19.23 -17.17 25.91
C LYS B 253 -19.48 -17.13 24.40
N GLU B 254 -18.40 -17.31 23.62
CA GLU B 254 -18.50 -17.35 22.18
C GLU B 254 -19.37 -18.53 21.73
N PHE B 255 -19.03 -19.72 22.22
CA PHE B 255 -19.76 -20.95 21.88
C PHE B 255 -21.25 -20.80 22.15
N PHE B 256 -21.59 -20.34 23.35
CA PHE B 256 -22.99 -20.26 23.73
C PHE B 256 -23.74 -19.23 22.91
N SER B 257 -23.07 -18.17 22.46
CA SER B 257 -23.72 -17.22 21.58
C SER B 257 -24.12 -17.91 20.27
N GLN B 258 -23.25 -18.77 19.77
CA GLN B 258 -23.57 -19.53 18.58
C GLN B 258 -24.73 -20.48 18.83
N GLY B 259 -24.68 -21.18 19.96
CA GLY B 259 -25.73 -22.12 20.30
C GLY B 259 -27.09 -21.46 20.40
N ASP B 260 -27.12 -20.27 21.00
CA ASP B 260 -28.35 -19.50 21.17
C ASP B 260 -28.98 -19.21 19.81
N LEU B 261 -28.15 -18.78 18.88
CA LEU B 261 -28.62 -18.47 17.54
C LEU B 261 -29.11 -19.72 16.83
N GLU B 262 -28.37 -20.82 16.95
CA GLU B 262 -28.78 -22.08 16.35
C GLU B 262 -30.15 -22.53 16.84
N LYS B 263 -30.40 -22.41 18.15
CA LYS B 263 -31.72 -22.77 18.69
C LYS B 263 -32.84 -21.90 18.10
N ALA B 264 -32.57 -20.61 17.98
CA ALA B 264 -33.53 -19.68 17.39
C ALA B 264 -33.85 -20.09 15.96
N MET B 265 -32.84 -20.56 15.25
CA MET B 265 -32.96 -20.93 13.84
C MET B 265 -33.61 -22.29 13.66
N GLY B 266 -33.75 -23.03 14.76
CA GLY B 266 -34.37 -24.34 14.71
C GLY B 266 -33.36 -25.46 14.53
N ASN B 267 -32.10 -25.16 14.81
CA ASN B 267 -31.04 -26.16 14.67
C ASN B 267 -30.57 -26.63 16.04
N ARG B 268 -30.17 -27.89 16.10
CA ARG B 268 -29.72 -28.53 17.34
C ARG B 268 -28.25 -28.22 17.59
N PRO B 269 -27.95 -27.35 18.57
CA PRO B 269 -26.53 -27.04 18.77
C PRO B 269 -25.76 -28.21 19.34
N MET B 270 -24.45 -28.28 19.07
CA MET B 270 -23.57 -29.17 19.82
C MET B 270 -23.78 -28.98 21.31
N GLU B 271 -23.61 -30.04 22.08
CA GLU B 271 -23.73 -29.96 23.54
C GLU B 271 -22.79 -28.88 24.13
N MET B 272 -21.57 -28.78 23.62
CA MET B 272 -20.61 -27.84 24.19
C MET B 272 -20.95 -26.38 23.89
N MET B 273 -21.91 -26.16 22.99
CA MET B 273 -22.34 -24.81 22.64
C MET B 273 -23.73 -24.49 23.18
N ASP B 274 -24.29 -25.42 23.93
CA ASP B 274 -25.62 -25.26 24.52
C ASP B 274 -25.47 -24.90 26.00
N ARG B 275 -25.74 -23.65 26.33
CA ARG B 275 -25.52 -23.15 27.69
C ARG B 275 -26.40 -23.85 28.72
N GLU B 276 -27.41 -24.59 28.26
CA GLU B 276 -28.29 -25.32 29.16
C GLU B 276 -27.80 -26.74 29.44
N LYS B 277 -26.85 -27.21 28.63
CA LYS B 277 -26.34 -28.57 28.76
C LYS B 277 -24.84 -28.64 29.10
N ALA B 278 -24.07 -27.73 28.51
CA ALA B 278 -22.62 -27.73 28.69
C ALA B 278 -22.21 -27.66 30.16
N TYR B 279 -21.36 -28.60 30.55
CA TYR B 279 -20.73 -28.58 31.87
C TYR B 279 -19.26 -28.26 31.66
N ILE B 280 -18.92 -26.99 31.84
CA ILE B 280 -17.62 -26.48 31.43
C ILE B 280 -16.39 -27.25 31.95
N PRO B 281 -16.32 -27.55 33.27
CA PRO B 281 -15.05 -28.15 33.71
C PRO B 281 -14.78 -29.50 33.05
N GLU B 282 -15.84 -30.26 32.80
CA GLU B 282 -15.73 -31.56 32.15
C GLU B 282 -15.31 -31.40 30.68
N LEU B 283 -15.91 -30.42 30.01
CA LEU B 283 -15.58 -30.10 28.62
C LEU B 283 -14.13 -29.65 28.47
N GLN B 284 -13.71 -28.81 29.42
CA GLN B 284 -12.36 -28.26 29.41
C GLN B 284 -11.34 -29.37 29.66
N ILE B 285 -11.63 -30.22 30.65
CA ILE B 285 -10.72 -31.32 30.96
C ILE B 285 -10.58 -32.26 29.78
N SER B 286 -11.70 -32.55 29.12
CA SER B 286 -11.67 -33.42 27.94
C SER B 286 -10.84 -32.81 26.81
N PHE B 287 -10.99 -31.51 26.57
CA PHE B 287 -10.22 -30.85 25.51
C PHE B 287 -8.74 -30.92 25.83
N MET B 288 -8.39 -30.69 27.09
CA MET B 288 -7.00 -30.73 27.51
C MET B 288 -6.43 -32.15 27.38
N GLU B 289 -7.20 -33.16 27.78
CA GLU B 289 -6.72 -34.53 27.72
C GLU B 289 -6.62 -35.08 26.30
N HIS B 290 -7.62 -34.79 25.47
CA HIS B 290 -7.71 -35.41 24.17
C HIS B 290 -6.96 -34.62 23.08
N ILE B 291 -6.86 -33.31 23.27
CA ILE B 291 -6.34 -32.48 22.21
C ILE B 291 -5.08 -31.73 22.62
N ALA B 292 -5.17 -30.89 23.66
CA ALA B 292 -4.05 -30.01 24.00
C ALA B 292 -2.82 -30.77 24.50
N MET B 293 -3.01 -31.67 25.46
CA MET B 293 -1.87 -32.39 26.03
C MET B 293 -1.13 -33.24 24.99
N PRO B 294 -1.87 -33.98 24.13
CA PRO B 294 -1.12 -34.71 23.10
C PRO B 294 -0.29 -33.81 22.18
N ILE B 295 -0.76 -32.60 21.93
CA ILE B 295 -0.02 -31.68 21.07
C ILE B 295 1.29 -31.28 21.73
N TYR B 296 1.25 -30.91 23.01
CA TYR B 296 2.48 -30.47 23.67
C TYR B 296 3.38 -31.64 24.06
N LYS B 297 2.81 -32.84 24.20
CA LYS B 297 3.61 -34.04 24.36
C LYS B 297 4.43 -34.29 23.09
N LEU B 298 3.78 -34.18 21.93
CA LEU B 298 4.48 -34.27 20.66
C LEU B 298 5.59 -33.26 20.57
N LEU B 299 5.30 -32.01 20.94
CA LEU B 299 6.30 -30.95 20.88
C LEU B 299 7.48 -31.26 21.82
N GLN B 300 7.18 -31.75 23.01
CA GLN B 300 8.23 -32.19 23.95
C GLN B 300 9.08 -33.33 23.40
N ASP B 301 8.46 -34.28 22.71
CA ASP B 301 9.19 -35.41 22.15
C ASP B 301 10.16 -34.95 21.08
N LEU B 302 9.79 -33.89 20.37
CA LEU B 302 10.61 -33.35 19.29
C LEU B 302 11.65 -32.37 19.81
N PHE B 303 11.26 -31.61 20.82
CA PHE B 303 12.12 -30.56 21.40
C PHE B 303 12.12 -30.68 22.92
N PRO B 304 13.19 -31.28 23.49
CA PRO B 304 13.25 -31.42 24.96
C PRO B 304 13.04 -30.10 25.72
N LYS B 305 13.45 -28.99 25.12
CA LYS B 305 13.26 -27.68 25.73
C LYS B 305 11.79 -27.26 25.80
N ALA B 306 10.92 -28.00 25.13
CA ALA B 306 9.48 -27.72 25.20
C ALA B 306 8.80 -28.49 26.33
N ALA B 307 9.59 -29.27 27.08
CA ALA B 307 9.05 -30.10 28.15
C ALA B 307 8.22 -29.28 29.14
N GLU B 308 8.65 -28.07 29.45
CA GLU B 308 7.94 -27.27 30.45
C GLU B 308 6.53 -26.88 29.97
N LEU B 309 6.34 -26.78 28.65
CA LEU B 309 5.03 -26.46 28.09
C LEU B 309 4.04 -27.58 28.40
N TYR B 310 4.47 -28.81 28.13
CA TYR B 310 3.62 -29.96 28.42
C TYR B 310 3.33 -30.03 29.92
N GLU B 311 4.35 -29.83 30.74
CA GLU B 311 4.10 -29.95 32.17
C GLU B 311 3.12 -28.85 32.67
N ARG B 312 3.10 -27.67 32.05
CA ARG B 312 2.13 -26.65 32.48
C ARG B 312 0.73 -27.01 32.05
N VAL B 313 0.56 -27.46 30.81
CA VAL B 313 -0.76 -27.87 30.33
C VAL B 313 -1.29 -29.00 31.21
N ALA B 314 -0.41 -29.93 31.60
CA ALA B 314 -0.81 -31.04 32.45
C ALA B 314 -1.23 -30.54 33.82
N SER B 315 -0.46 -29.60 34.37
CA SER B 315 -0.78 -29.04 35.69
C SER B 315 -2.11 -28.30 35.65
N ASN B 316 -2.34 -27.55 34.57
CA ASN B 316 -3.57 -26.78 34.43
C ASN B 316 -4.79 -27.71 34.32
N ARG B 317 -4.62 -28.84 33.67
CA ARG B 317 -5.68 -29.84 33.65
C ARG B 317 -5.97 -30.33 35.07
N GLU B 318 -4.91 -30.67 35.81
CA GLU B 318 -5.05 -31.12 37.19
C GLU B 318 -5.80 -30.07 38.02
N HIS B 319 -5.48 -28.81 37.81
CA HIS B 319 -6.15 -27.71 38.50
C HIS B 319 -7.66 -27.69 38.19
N TRP B 320 -8.01 -27.89 36.93
CA TRP B 320 -9.43 -27.97 36.55
C TRP B 320 -10.14 -29.13 37.25
N THR B 321 -9.45 -30.26 37.36
CA THR B 321 -10.00 -31.41 38.07
C THR B 321 -10.29 -31.06 39.51
N LYS B 322 -9.43 -30.24 40.11
CA LYS B 322 -9.57 -29.90 41.52
C LYS B 322 -10.72 -28.93 41.77
N VAL B 323 -11.03 -28.07 40.79
CA VAL B 323 -12.06 -27.06 41.02
C VAL B 323 -13.37 -27.41 40.33
N SER B 324 -13.40 -28.56 39.65
CA SER B 324 -14.57 -28.98 38.90
C SER B 324 -15.81 -29.00 39.79
N HIS B 325 -15.60 -29.44 41.03
CA HIS B 325 -16.69 -29.58 42.00
C HIS B 325 -17.38 -28.25 42.28
N LYS B 326 -16.69 -27.14 42.04
CA LYS B 326 -17.28 -25.82 42.31
C LYS B 326 -18.42 -25.50 41.37
N PHE B 327 -18.56 -26.26 40.28
CA PHE B 327 -19.65 -26.05 39.34
C PHE B 327 -20.92 -26.76 39.80
N THR B 328 -20.82 -27.49 40.91
CA THR B 328 -22.01 -28.04 41.54
C THR B 328 -22.13 -27.32 42.88
N ILE B 329 -23.12 -26.45 42.99
CA ILE B 329 -23.22 -25.51 44.08
C ILE B 329 -23.42 -26.19 45.44
N ARG B 330 -22.41 -26.10 46.29
CA ARG B 330 -22.56 -26.56 47.66
C ARG B 330 -22.66 -25.33 48.57
N GLY B 331 -23.38 -25.46 49.67
CA GLY B 331 -23.71 -24.30 50.45
C GLY B 331 -24.74 -23.45 49.73
N LEU B 332 -24.79 -22.17 50.08
CA LEU B 332 -25.66 -21.22 49.41
C LEU B 332 -24.87 -20.49 48.32
N PRO B 333 -25.56 -19.86 47.37
CA PRO B 333 -24.87 -18.94 46.46
C PRO B 333 -24.29 -17.74 47.23
N SER B 334 -23.60 -16.85 46.51
CA SER B 334 -22.95 -15.74 47.20
C SER B 334 -23.94 -14.80 47.87
N ASN B 335 -25.10 -14.54 47.27
CA ASN B 335 -26.10 -13.67 47.88
C ASN B 335 -26.82 -14.28 49.08
N ASN B 336 -26.40 -15.47 49.49
CA ASN B 336 -27.08 -16.24 50.53
C ASN B 336 -28.55 -16.43 50.21
N SER B 337 -28.87 -16.53 48.94
CA SER B 337 -30.25 -16.62 48.51
C SER B 337 -30.49 -17.82 47.62
N LEU B 338 -31.66 -18.43 47.77
CA LEU B 338 -32.05 -19.56 46.94
C LEU B 338 -33.04 -19.12 45.87
N ASP B 339 -33.18 -17.83 45.68
CA ASP B 339 -34.24 -17.32 44.82
C ASP B 339 -33.98 -17.60 43.35
N PHE B 340 -32.77 -18.06 43.03
CA PHE B 340 -32.45 -18.48 41.68
C PHE B 340 -33.25 -19.75 41.33
N LEU B 341 -33.78 -20.43 42.33
CA LEU B 341 -34.62 -21.60 42.08
C LEU B 341 -35.96 -21.18 41.48
N GLU C 6 33.50 36.95 17.69
CA GLU C 6 33.76 35.54 18.00
C GLU C 6 34.71 34.95 16.97
N TYR C 7 34.51 35.32 15.71
CA TYR C 7 35.32 34.84 14.60
C TYR C 7 36.73 35.36 14.74
N THR C 8 36.82 36.66 15.02
CA THR C 8 38.07 37.31 15.39
C THR C 8 38.80 36.49 16.45
N LYS C 9 38.13 36.24 17.58
CA LYS C 9 38.73 35.47 18.67
C LYS C 9 39.28 34.11 18.23
N LEU C 10 38.58 33.46 17.30
CA LEU C 10 38.98 32.14 16.82
C LEU C 10 40.19 32.19 15.90
N LEU C 11 40.55 33.38 15.45
CA LEU C 11 41.70 33.52 14.55
C LEU C 11 42.93 34.06 15.26
N HIS C 12 42.76 34.47 16.50
CA HIS C 12 43.86 35.04 17.26
C HIS C 12 44.33 34.09 18.36
N ILE C 15 45.33 28.57 17.43
CA ILE C 15 44.61 27.43 17.97
C ILE C 15 45.41 26.78 19.09
N GLN C 16 44.75 26.45 20.20
CA GLN C 16 45.43 25.98 21.40
C GLN C 16 45.69 24.47 21.46
N PRO C 17 46.80 24.08 22.10
CA PRO C 17 47.01 22.65 22.38
C PRO C 17 45.94 22.17 23.34
N VAL C 18 45.45 20.94 23.16
CA VAL C 18 44.42 20.40 24.04
C VAL C 18 44.88 20.38 25.48
N ALA C 19 46.19 20.27 25.67
CA ALA C 19 46.78 20.28 27.01
C ALA C 19 46.54 21.61 27.69
N ALA C 20 46.47 22.68 26.90
CA ALA C 20 46.22 24.02 27.43
C ALA C 20 44.77 24.19 27.86
N ILE C 21 43.87 23.42 27.27
CA ILE C 21 42.46 23.46 27.67
C ILE C 21 42.28 22.77 29.01
N ASP C 22 42.79 21.56 29.10
CA ASP C 22 42.72 20.76 30.32
C ASP C 22 43.73 19.64 30.25
N SER C 23 44.43 19.37 31.35
CA SER C 23 45.41 18.30 31.40
C SER C 23 44.75 16.95 31.11
N ASN C 24 43.45 16.88 31.34
CA ASN C 24 42.67 15.65 31.28
C ASN C 24 41.79 15.57 30.02
N PHE C 25 42.04 16.48 29.08
CA PHE C 25 41.10 16.73 27.99
C PHE C 25 40.88 15.52 27.08
N ALA C 26 41.87 14.64 27.00
CA ALA C 26 41.79 13.51 26.07
C ALA C 26 41.50 12.19 26.78
N SER C 27 41.05 12.28 28.04
CA SER C 27 40.70 11.10 28.82
C SER C 27 39.19 10.86 28.86
N PHE C 28 38.79 9.60 28.94
CA PHE C 28 37.39 9.23 29.10
C PHE C 28 36.75 9.76 30.39
N THR C 29 37.58 10.18 31.34
CA THR C 29 37.06 10.70 32.59
C THR C 29 36.67 12.17 32.46
N TYR C 30 37.11 12.81 31.38
CA TYR C 30 36.80 14.21 31.15
C TYR C 30 35.31 14.42 30.83
N THR C 31 34.69 15.41 31.47
CA THR C 31 33.35 15.83 31.12
C THR C 31 33.39 17.12 30.30
N PRO C 32 33.25 17.01 28.97
CA PRO C 32 33.30 18.19 28.11
C PRO C 32 32.21 19.23 28.40
N ARG C 33 31.12 18.81 29.04
CA ARG C 33 30.07 19.75 29.40
C ARG C 33 30.54 20.73 30.48
N SER C 34 31.67 20.43 31.13
CA SER C 34 32.25 21.32 32.11
C SER C 34 32.90 22.53 31.45
N LEU C 35 33.20 22.42 30.16
CA LEU C 35 33.85 23.52 29.47
C LEU C 35 32.85 24.65 29.24
N PRO C 36 33.23 25.90 29.55
CA PRO C 36 32.34 27.03 29.27
C PRO C 36 31.90 27.03 27.81
N GLU C 37 30.61 27.27 27.55
CA GLU C 37 30.09 27.20 26.19
C GLU C 37 30.80 28.19 25.27
N ASP C 38 31.33 29.27 25.83
CA ASP C 38 32.04 30.27 25.03
C ASP C 38 33.43 29.81 24.59
N ASP C 39 33.92 28.72 25.17
CA ASP C 39 35.22 28.17 24.80
C ASP C 39 35.12 26.93 23.91
N THR C 40 33.90 26.52 23.58
CA THR C 40 33.71 25.26 22.86
C THR C 40 34.15 25.31 21.39
N SER C 41 34.02 26.46 20.74
CA SER C 41 34.44 26.56 19.35
C SER C 41 35.95 26.42 19.22
N MET C 42 36.70 27.08 20.09
CA MET C 42 38.14 26.91 20.03
C MET C 42 38.54 25.49 20.42
N ALA C 43 37.76 24.84 21.28
CA ALA C 43 38.02 23.43 21.60
C ALA C 43 37.80 22.56 20.36
N ILE C 44 36.81 22.90 19.55
CA ILE C 44 36.59 22.19 18.29
C ILE C 44 37.83 22.33 17.38
N LEU C 45 38.31 23.55 17.19
CA LEU C 45 39.52 23.80 16.41
C LEU C 45 40.72 23.05 16.96
N SER C 46 40.84 23.06 18.29
CA SER C 46 41.95 22.41 18.96
C SER C 46 41.94 20.91 18.74
N MET C 47 40.75 20.32 18.79
CA MET C 47 40.62 18.89 18.54
C MET C 47 40.99 18.54 17.10
N LEU C 48 40.47 19.31 16.15
CA LEU C 48 40.78 19.11 14.74
C LEU C 48 42.27 19.20 14.48
N GLN C 49 42.94 20.16 15.12
CA GLN C 49 44.38 20.31 15.00
C GLN C 49 45.12 19.13 15.65
N ASP C 50 44.63 18.71 16.82
CA ASP C 50 45.28 17.64 17.56
C ASP C 50 45.26 16.34 16.76
N MET C 51 44.19 16.13 16.01
CA MET C 51 44.10 14.98 15.13
C MET C 51 44.78 15.25 13.79
N ASN C 52 45.24 16.50 13.62
CA ASN C 52 45.99 16.97 12.44
C ASN C 52 45.23 16.93 11.10
N PHE C 53 43.90 17.00 11.16
CA PHE C 53 43.07 17.02 9.95
C PHE C 53 43.21 18.34 9.18
N ILE C 54 43.48 19.42 9.90
CA ILE C 54 43.65 20.73 9.27
C ILE C 54 44.87 20.73 8.35
N ASN C 55 45.97 20.19 8.84
CA ASN C 55 47.19 20.06 8.06
C ASN C 55 47.07 19.06 6.93
N ASN C 56 46.62 17.85 7.25
CA ASN C 56 46.59 16.77 6.26
C ASN C 56 45.66 17.07 5.08
N TYR C 57 44.55 17.75 5.37
CA TYR C 57 43.58 18.05 4.32
C TYR C 57 43.65 19.51 3.85
N LYS C 58 44.62 20.25 4.37
CA LYS C 58 44.86 21.63 3.97
C LYS C 58 43.61 22.50 4.14
N ILE C 59 42.94 22.33 5.27
CA ILE C 59 41.76 23.11 5.59
C ILE C 59 42.12 24.57 5.81
N ASP C 60 41.38 25.46 5.16
CA ASP C 60 41.57 26.88 5.40
C ASP C 60 41.05 27.23 6.79
N CYS C 61 41.89 27.80 7.63
CA CYS C 61 41.50 28.02 9.03
C CYS C 61 40.42 29.08 9.22
N PRO C 62 40.50 30.21 8.47
CA PRO C 62 39.36 31.14 8.56
C PRO C 62 38.04 30.48 8.13
N THR C 63 38.07 29.69 7.07
CA THR C 63 36.87 28.99 6.62
C THR C 63 36.39 28.01 7.71
N LEU C 64 37.33 27.29 8.31
CA LEU C 64 36.96 26.37 9.40
C LEU C 64 36.37 27.12 10.59
N ALA C 65 36.94 28.28 10.90
CA ALA C 65 36.46 29.10 12.00
C ALA C 65 34.99 29.48 11.78
N ARG C 66 34.71 30.01 10.59
CA ARG C 66 33.37 30.43 10.22
C ARG C 66 32.40 29.25 10.22
N PHE C 67 32.84 28.13 9.65
CA PHE C 67 32.02 26.92 9.66
C PHE C 67 31.64 26.52 11.08
N CYS C 68 32.63 26.47 11.97
CA CYS C 68 32.38 26.11 13.35
C CYS C 68 31.36 27.02 14.04
N LEU C 69 31.45 28.32 13.80
CA LEU C 69 30.53 29.26 14.43
C LEU C 69 29.12 29.12 13.83
N MET C 70 29.05 28.90 12.52
CA MET C 70 27.79 28.65 11.86
C MET C 70 27.12 27.39 12.41
N VAL C 71 27.89 26.34 12.65
CA VAL C 71 27.31 25.10 13.15
C VAL C 71 26.78 25.32 14.57
N LYS C 72 27.55 26.02 15.39
CA LYS C 72 27.14 26.30 16.78
C LYS C 72 25.84 27.12 16.78
N LYS C 73 25.81 28.14 15.93
CA LYS C 73 24.67 29.05 15.82
C LYS C 73 23.44 28.34 15.27
N GLY C 74 23.66 27.19 14.63
CA GLY C 74 22.61 26.45 13.98
C GLY C 74 21.85 25.53 14.91
N TYR C 75 22.23 25.50 16.19
CA TYR C 75 21.46 24.78 17.20
C TYR C 75 20.53 25.71 17.93
N ARG C 76 19.32 25.22 18.21
CA ARG C 76 18.37 25.96 19.04
C ARG C 76 18.64 25.62 20.50
N ASP C 77 17.69 25.96 21.37
CA ASP C 77 17.92 25.82 22.80
C ASP C 77 16.89 24.96 23.54
N PRO C 78 16.55 23.78 23.00
CA PRO C 78 15.71 22.93 23.86
C PRO C 78 16.57 22.43 25.02
N PRO C 79 15.95 21.83 26.06
CA PRO C 79 16.76 21.44 27.23
C PRO C 79 17.93 20.50 26.92
N TYR C 80 17.76 19.56 25.98
CA TYR C 80 18.83 18.60 25.71
C TYR C 80 19.49 18.75 24.33
N HIS C 81 18.68 18.82 23.29
CA HIS C 81 19.23 18.82 21.93
C HIS C 81 19.72 20.20 21.48
N ASN C 82 20.78 20.64 22.15
CA ASN C 82 21.39 21.94 21.91
C ASN C 82 22.87 21.81 21.54
N TRP C 83 23.55 22.94 21.36
CA TRP C 83 24.94 22.91 20.93
C TRP C 83 25.84 22.17 21.92
N MET C 84 25.58 22.31 23.22
CA MET C 84 26.43 21.62 24.19
C MET C 84 26.34 20.11 24.02
N HIS C 85 25.17 19.61 23.61
CA HIS C 85 25.05 18.20 23.26
C HIS C 85 25.95 17.89 22.06
N ALA C 86 25.80 18.65 20.99
CA ALA C 86 26.62 18.43 19.79
C ALA C 86 28.12 18.55 20.11
N PHE C 87 28.48 19.54 20.92
CA PHE C 87 29.88 19.67 21.35
C PHE C 87 30.35 18.45 22.12
N SER C 88 29.58 18.00 23.11
CA SER C 88 30.06 16.88 23.91
C SER C 88 30.12 15.58 23.08
N VAL C 89 29.23 15.42 22.11
CA VAL C 89 29.24 14.25 21.23
C VAL C 89 30.51 14.28 20.36
N SER C 90 30.84 15.48 19.89
CA SER C 90 32.04 15.67 19.07
C SER C 90 33.29 15.42 19.88
N HIS C 91 33.26 15.84 21.14
CA HIS C 91 34.39 15.56 22.01
C HIS C 91 34.60 14.07 22.22
N PHE C 92 33.50 13.31 22.30
CA PHE C 92 33.64 11.86 22.48
C PHE C 92 34.26 11.21 21.25
N CYS C 93 33.85 11.66 20.06
CA CYS C 93 34.48 11.22 18.83
C CYS C 93 36.00 11.41 18.90
N TYR C 94 36.40 12.59 19.36
CA TYR C 94 37.82 12.87 19.57
C TYR C 94 38.43 11.89 20.58
N LEU C 95 37.76 11.64 21.71
CA LEU C 95 38.24 10.66 22.67
C LEU C 95 38.41 9.27 22.07
N LEU C 96 37.49 8.88 21.19
CA LEU C 96 37.60 7.56 20.56
C LEU C 96 38.84 7.52 19.68
N TYR C 97 39.09 8.60 18.95
CA TYR C 97 40.31 8.71 18.14
C TYR C 97 41.57 8.62 19.01
N LYS C 98 41.55 9.27 20.16
CA LYS C 98 42.73 9.36 21.01
C LYS C 98 43.02 8.06 21.76
N ASN C 99 41.97 7.40 22.22
CA ASN C 99 42.11 6.25 23.09
C ASN C 99 42.05 4.89 22.38
N LEU C 100 41.36 4.83 21.25
CA LEU C 100 41.07 3.54 20.61
C LEU C 100 41.83 3.31 19.31
N GLU C 101 42.59 4.32 18.90
CA GLU C 101 43.49 4.17 17.74
C GLU C 101 42.71 3.89 16.45
N LEU C 102 41.67 4.68 16.21
CA LEU C 102 40.78 4.49 15.08
C LEU C 102 41.47 4.37 13.73
N THR C 103 42.67 4.95 13.60
CA THR C 103 43.38 4.95 12.33
C THR C 103 43.87 3.56 11.92
N ASN C 104 43.75 2.59 12.82
CA ASN C 104 44.05 1.20 12.48
C ASN C 104 42.84 0.48 11.92
N TYR C 105 41.69 1.14 11.92
CA TYR C 105 40.45 0.49 11.51
C TYR C 105 39.66 1.30 10.48
N LEU C 106 39.88 2.62 10.47
CA LEU C 106 39.15 3.50 9.56
C LEU C 106 40.08 4.37 8.73
N GLU C 107 39.63 4.74 7.54
CA GLU C 107 40.34 5.70 6.71
C GLU C 107 40.27 7.08 7.34
N ASP C 108 41.31 7.89 7.12
CA ASP C 108 41.36 9.25 7.65
C ASP C 108 40.09 10.03 7.33
N ILE C 109 39.59 9.90 6.12
CA ILE C 109 38.46 10.71 5.70
C ILE C 109 37.17 10.24 6.39
N GLU C 110 37.13 8.97 6.75
CA GLU C 110 35.99 8.45 7.48
C GLU C 110 35.95 9.04 8.88
N ILE C 111 37.11 9.08 9.53
CA ILE C 111 37.21 9.64 10.88
C ILE C 111 36.87 11.13 10.86
N PHE C 112 37.41 11.84 9.88
CA PHE C 112 37.10 13.26 9.69
C PHE C 112 35.58 13.47 9.56
N ALA C 113 34.97 12.65 8.71
CA ALA C 113 33.56 12.79 8.42
C ALA C 113 32.75 12.47 9.67
N LEU C 114 33.23 11.51 10.46
CA LEU C 114 32.57 11.18 11.71
C LEU C 114 32.56 12.38 12.65
N PHE C 115 33.70 13.05 12.80
CA PHE C 115 33.80 14.19 13.69
C PHE C 115 32.94 15.34 13.20
N ILE C 116 33.00 15.62 11.90
CA ILE C 116 32.17 16.70 11.36
C ILE C 116 30.68 16.35 11.51
N SER C 117 30.35 15.08 11.26
CA SER C 117 28.97 14.65 11.43
C SER C 117 28.51 14.82 12.88
N CYS C 118 29.36 14.52 13.85
CA CYS C 118 28.98 14.73 15.24
C CYS C 118 28.63 16.20 15.51
N MET C 119 29.43 17.11 14.96
CA MET C 119 29.17 18.55 15.12
C MET C 119 27.79 18.93 14.59
N CYS C 120 27.44 18.35 13.45
CA CYS C 120 26.23 18.73 12.73
C CYS C 120 25.00 17.86 12.99
N HIS C 121 25.15 16.78 13.75
CA HIS C 121 24.18 15.69 13.63
C HIS C 121 22.78 15.99 14.20
N ASP C 122 22.63 17.04 15.02
CA ASP C 122 21.30 17.42 15.55
C ASP C 122 20.96 18.87 15.18
N LEU C 123 21.54 19.40 14.10
CA LEU C 123 21.35 20.81 13.72
C LEU C 123 19.86 21.19 13.65
N ASP C 124 19.51 22.30 14.30
CA ASP C 124 18.16 22.86 14.26
C ASP C 124 17.12 21.92 14.86
N HIS C 125 17.56 21.06 15.77
CA HIS C 125 16.61 20.21 16.51
C HIS C 125 15.62 21.08 17.25
N ARG C 126 14.35 20.67 17.30
CA ARG C 126 13.31 21.47 17.94
C ARG C 126 12.84 20.89 19.27
N GLY C 127 13.58 19.91 19.79
CA GLY C 127 13.21 19.30 21.06
C GLY C 127 12.04 18.35 20.94
N THR C 128 11.75 17.89 19.72
CA THR C 128 10.74 16.86 19.50
C THR C 128 11.31 15.71 18.67
N ASN C 129 10.65 14.55 18.73
CA ASN C 129 11.10 13.41 17.94
C ASN C 129 10.48 13.44 16.54
N ASN C 130 10.71 12.38 15.77
CA ASN C 130 10.25 12.36 14.40
C ASN C 130 8.74 12.23 14.29
N SER C 131 8.14 11.40 15.14
CA SER C 131 6.71 11.16 15.02
C SER C 131 5.94 12.45 15.31
N PHE C 132 6.45 13.25 16.25
CA PHE C 132 5.81 14.54 16.50
C PHE C 132 5.78 15.44 15.28
N GLN C 133 6.88 15.53 14.53
CA GLN C 133 6.86 16.33 13.31
C GLN C 133 5.74 15.88 12.37
N VAL C 134 5.58 14.57 12.26
CA VAL C 134 4.57 14.01 11.36
C VAL C 134 3.16 14.24 11.90
N ALA C 135 2.98 14.01 13.20
CA ALA C 135 1.68 14.20 13.81
C ALA C 135 1.24 15.66 13.70
N SER C 136 2.19 16.58 13.86
CA SER C 136 1.86 18.00 13.85
C SER C 136 1.85 18.57 12.43
N LYS C 137 2.21 17.74 11.46
CA LYS C 137 2.25 18.12 10.04
C LYS C 137 3.13 19.35 9.82
N SER C 138 4.30 19.36 10.44
CA SER C 138 5.28 20.43 10.26
C SER C 138 5.78 20.45 8.81
N VAL C 139 6.41 21.55 8.43
CA VAL C 139 7.03 21.62 7.10
C VAL C 139 8.09 20.51 6.98
N LEU C 140 8.74 20.16 8.08
CA LEU C 140 9.76 19.12 8.02
C LEU C 140 9.12 17.78 7.64
N ALA C 141 7.94 17.51 8.20
CA ALA C 141 7.22 16.29 7.85
C ALA C 141 6.80 16.33 6.39
N ALA C 142 6.31 17.47 5.93
CA ALA C 142 5.93 17.60 4.52
C ALA C 142 7.10 17.22 3.60
N LEU C 143 8.29 17.63 4.01
CA LEU C 143 9.48 17.45 3.18
C LEU C 143 10.06 16.04 3.27
N TYR C 144 9.97 15.42 4.44
CA TYR C 144 10.75 14.21 4.70
C TYR C 144 10.00 12.99 5.21
N SER C 145 8.72 13.11 5.55
CA SER C 145 8.02 12.00 6.21
C SER C 145 7.97 10.73 5.34
N SER C 146 7.88 10.90 4.02
CA SER C 146 7.79 9.73 3.14
C SER C 146 9.14 9.04 2.96
N GLU C 147 10.22 9.71 3.33
CA GLU C 147 11.55 9.12 3.25
C GLU C 147 12.00 8.55 4.60
N GLY C 148 11.31 8.94 5.66
CA GLY C 148 11.65 8.51 7.01
C GLY C 148 12.80 9.29 7.63
N SER C 149 13.04 9.06 8.91
CA SER C 149 14.05 9.81 9.66
C SER C 149 13.94 11.31 9.43
N VAL C 150 12.76 11.86 9.70
CA VAL C 150 12.45 13.26 9.41
C VAL C 150 13.48 14.26 9.95
N MET C 151 13.76 14.23 11.25
CA MET C 151 14.69 15.21 11.81
C MET C 151 16.12 15.01 11.27
N GLU C 152 16.52 13.76 11.10
CA GLU C 152 17.88 13.47 10.65
C GLU C 152 18.11 13.93 9.21
N ARG C 153 17.10 13.81 8.36
CA ARG C 153 17.20 14.37 7.01
C ARG C 153 17.34 15.89 7.07
N HIS C 154 16.59 16.52 7.98
CA HIS C 154 16.69 17.96 8.20
C HIS C 154 18.08 18.34 8.73
N HIS C 155 18.62 17.59 9.69
CA HIS C 155 19.95 17.89 10.22
C HIS C 155 21.01 17.89 9.08
N PHE C 156 20.99 16.84 8.26
CA PHE C 156 21.88 16.80 7.10
C PHE C 156 21.65 17.97 6.15
N ALA C 157 20.39 18.27 5.83
CA ALA C 157 20.11 19.37 4.93
C ALA C 157 20.61 20.69 5.52
N GLN C 158 20.55 20.81 6.84
CA GLN C 158 21.06 22.03 7.48
C GLN C 158 22.58 22.13 7.36
N ALA C 159 23.25 20.99 7.52
CA ALA C 159 24.72 20.92 7.33
C ALA C 159 25.09 21.34 5.92
N ILE C 160 24.35 20.84 4.94
CA ILE C 160 24.56 21.21 3.53
C ILE C 160 24.39 22.72 3.34
N ALA C 161 23.35 23.30 3.93
CA ALA C 161 23.09 24.73 3.82
C ALA C 161 24.24 25.57 4.36
N ILE C 162 24.83 25.09 5.45
CA ILE C 162 25.96 25.79 6.05
C ILE C 162 27.16 25.73 5.11
N LEU C 163 27.48 24.54 4.61
CA LEU C 163 28.59 24.38 3.65
C LEU C 163 28.37 25.21 2.40
N ASN C 164 27.12 25.44 2.05
CA ASN C 164 26.73 26.21 0.87
C ASN C 164 26.69 27.72 1.17
N THR C 165 27.05 28.09 2.40
CA THR C 165 27.09 29.50 2.77
C THR C 165 28.46 30.07 2.43
N HIS C 166 28.48 31.27 1.84
CA HIS C 166 29.73 31.89 1.42
C HIS C 166 30.75 31.90 2.55
N GLY C 167 31.96 31.44 2.26
CA GLY C 167 33.03 31.44 3.25
C GLY C 167 33.01 30.30 4.27
N CYS C 168 32.11 29.34 4.10
CA CYS C 168 31.97 28.27 5.08
C CYS C 168 32.21 26.87 4.52
N ASN C 169 32.59 26.75 3.26
CA ASN C 169 32.75 25.40 2.73
C ASN C 169 34.17 24.91 2.99
N ILE C 170 34.33 24.23 4.11
CA ILE C 170 35.64 23.75 4.52
C ILE C 170 36.21 22.68 3.60
N PHE C 171 35.39 22.17 2.68
CA PHE C 171 35.83 21.11 1.75
C PHE C 171 36.00 21.57 0.32
N ASP C 172 35.90 22.86 0.04
CA ASP C 172 35.72 23.22 -1.36
C ASP C 172 37.03 23.13 -2.14
N HIS C 173 38.12 22.82 -1.45
CA HIS C 173 39.42 22.66 -2.12
C HIS C 173 39.75 21.17 -2.28
N PHE C 174 38.92 20.31 -1.72
CA PHE C 174 39.09 18.85 -1.82
C PHE C 174 39.06 18.36 -3.25
N SER C 175 39.71 17.22 -3.50
CA SER C 175 39.56 16.50 -4.76
C SER C 175 38.09 16.16 -4.96
N ARG C 176 37.69 15.92 -6.20
CA ARG C 176 36.30 15.56 -6.48
C ARG C 176 35.92 14.31 -5.69
N LYS C 177 36.83 13.33 -5.66
CA LYS C 177 36.57 12.09 -4.96
C LYS C 177 36.43 12.29 -3.44
N ASP C 178 37.37 13.02 -2.84
CA ASP C 178 37.30 13.30 -1.40
C ASP C 178 36.07 14.13 -1.00
N TYR C 179 35.69 15.06 -1.87
CA TYR C 179 34.53 15.91 -1.61
C TYR C 179 33.26 15.08 -1.60
N GLN C 180 33.11 14.22 -2.61
CA GLN C 180 31.91 13.41 -2.71
C GLN C 180 31.89 12.40 -1.58
N ARG C 181 33.07 11.91 -1.20
CA ARG C 181 33.19 10.94 -0.11
C ARG C 181 32.73 11.57 1.19
N MET C 182 33.13 12.81 1.42
CA MET C 182 32.75 13.52 2.64
C MET C 182 31.23 13.67 2.72
N LEU C 183 30.64 14.17 1.64
CA LEU C 183 29.20 14.41 1.59
C LEU C 183 28.44 13.10 1.82
N ASP C 184 28.90 12.03 1.17
CA ASP C 184 28.21 10.74 1.28
C ASP C 184 28.35 10.18 2.70
N LEU C 185 29.52 10.33 3.29
CA LEU C 185 29.71 9.86 4.67
C LEU C 185 28.87 10.68 5.64
N MET C 186 28.85 12.00 5.48
CA MET C 186 28.05 12.82 6.39
C MET C 186 26.58 12.42 6.32
N ARG C 187 26.10 12.16 5.11
CA ARG C 187 24.71 11.72 4.93
C ARG C 187 24.46 10.39 5.63
N ASP C 188 25.34 9.42 5.41
CA ASP C 188 25.13 8.09 6.01
C ASP C 188 25.23 8.16 7.53
N ILE C 189 26.22 8.91 8.02
CA ILE C 189 26.44 8.95 9.47
C ILE C 189 25.32 9.73 10.16
N ILE C 190 24.89 10.85 9.56
CA ILE C 190 23.84 11.62 10.20
C ILE C 190 22.52 10.84 10.15
N LEU C 191 22.24 10.13 9.06
CA LEU C 191 21.04 9.30 9.03
C LEU C 191 21.11 8.16 10.04
N ALA C 192 22.33 7.68 10.32
CA ALA C 192 22.54 6.61 11.30
C ALA C 192 22.21 7.04 12.74
N THR C 193 22.06 8.34 12.97
CA THR C 193 21.80 8.82 14.32
C THR C 193 20.34 8.64 14.73
N ASP C 194 19.49 8.27 13.77
CA ASP C 194 18.12 7.88 14.11
C ASP C 194 18.19 6.58 14.89
N LEU C 195 17.71 6.56 16.14
CA LEU C 195 17.74 5.32 16.92
C LEU C 195 16.96 4.20 16.23
N ALA C 196 15.97 4.57 15.43
CA ALA C 196 15.23 3.59 14.64
C ALA C 196 16.19 2.79 13.75
N HIS C 197 17.15 3.50 13.16
CA HIS C 197 18.15 2.90 12.29
C HIS C 197 19.09 1.99 13.07
N HIS C 198 19.56 2.48 14.22
CA HIS C 198 20.45 1.69 15.06
C HIS C 198 19.85 0.35 15.47
N LEU C 199 18.61 0.40 15.93
CA LEU C 199 17.91 -0.82 16.37
C LEU C 199 17.69 -1.79 15.21
N ARG C 200 17.52 -1.27 14.01
CA ARG C 200 17.31 -2.11 12.84
C ARG C 200 18.62 -2.80 12.42
N ILE C 201 19.76 -2.14 12.59
CA ILE C 201 21.02 -2.72 12.13
C ILE C 201 21.80 -3.40 13.25
N PHE C 202 21.20 -3.45 14.44
CA PHE C 202 21.87 -3.98 15.62
C PHE C 202 22.41 -5.41 15.44
N LYS C 203 21.62 -6.28 14.82
CA LYS C 203 22.07 -7.65 14.63
C LYS C 203 23.24 -7.74 13.64
N ASP C 204 23.28 -6.81 12.69
CA ASP C 204 24.42 -6.72 11.77
C ASP C 204 25.67 -6.25 12.51
N LEU C 205 25.50 -5.30 13.44
CA LEU C 205 26.59 -4.87 14.30
C LEU C 205 27.13 -6.04 15.11
N GLN C 206 26.22 -6.85 15.65
CA GLN C 206 26.61 -8.04 16.40
C GLN C 206 27.41 -9.03 15.57
N LYS C 207 26.94 -9.32 14.36
CA LYS C 207 27.57 -10.29 13.47
C LYS C 207 29.00 -9.87 13.14
N MET C 208 29.16 -8.57 12.91
CA MET C 208 30.48 -8.02 12.59
C MET C 208 31.45 -8.25 13.76
N ALA C 209 30.94 -8.05 14.97
CA ALA C 209 31.77 -8.23 16.16
C ALA C 209 32.20 -9.68 16.35
N GLU C 210 31.38 -10.62 15.85
CA GLU C 210 31.68 -12.04 15.99
C GLU C 210 32.78 -12.49 15.02
N VAL C 211 32.59 -12.22 13.73
CA VAL C 211 33.48 -12.74 12.71
C VAL C 211 34.79 -11.95 12.67
N GLY C 212 34.76 -10.74 13.25
CA GLY C 212 35.95 -9.92 13.33
C GLY C 212 35.97 -8.80 12.31
N TYR C 213 36.29 -7.59 12.76
CA TYR C 213 36.37 -6.44 11.88
C TYR C 213 37.45 -6.61 10.82
N ASP C 214 37.05 -6.54 9.55
CA ASP C 214 37.98 -6.73 8.46
C ASP C 214 38.23 -5.37 7.81
N ARG C 215 39.44 -4.86 8.05
CA ARG C 215 39.87 -3.54 7.55
C ARG C 215 39.65 -3.38 6.04
N ASN C 216 39.61 -4.50 5.32
CA ASN C 216 39.44 -4.47 3.88
C ASN C 216 38.00 -4.68 3.41
N ASN C 217 37.09 -4.76 4.38
CA ASN C 217 35.67 -4.85 4.10
C ASN C 217 35.03 -3.47 4.27
N LYS C 218 34.59 -2.88 3.17
CA LYS C 218 34.02 -1.53 3.16
C LYS C 218 32.70 -1.47 3.93
N GLN C 219 31.96 -2.57 3.88
CA GLN C 219 30.68 -2.63 4.61
C GLN C 219 30.93 -2.65 6.12
N HIS C 220 32.04 -3.23 6.53
CA HIS C 220 32.43 -3.19 7.95
C HIS C 220 32.79 -1.76 8.35
N HIS C 221 33.41 -1.01 7.44
CA HIS C 221 33.71 0.39 7.70
C HIS C 221 32.41 1.14 7.97
N ARG C 222 31.42 0.93 7.10
CA ARG C 222 30.14 1.62 7.21
C ARG C 222 29.42 1.28 8.52
N LEU C 223 29.42 0.00 8.86
CA LEU C 223 28.82 -0.48 10.10
C LEU C 223 29.51 0.09 11.33
N LEU C 224 30.83 0.08 11.32
CA LEU C 224 31.58 0.60 12.46
C LEU C 224 31.28 2.10 12.66
N LEU C 225 31.22 2.85 11.57
CA LEU C 225 30.93 4.27 11.68
C LEU C 225 29.55 4.49 12.33
N CYS C 226 28.59 3.63 12.04
CA CYS C 226 27.27 3.78 12.66
C CYS C 226 27.35 3.55 14.17
N LEU C 227 28.03 2.47 14.57
CA LEU C 227 28.20 2.16 15.98
C LEU C 227 28.92 3.27 16.72
N LEU C 228 30.01 3.77 16.12
CA LEU C 228 30.78 4.83 16.75
C LEU C 228 29.94 6.07 16.93
N MET C 229 29.19 6.43 15.89
CA MET C 229 28.34 7.61 15.93
C MET C 229 27.35 7.49 17.09
N THR C 230 26.67 6.35 17.16
CA THR C 230 25.73 6.12 18.25
C THR C 230 26.43 6.17 19.62
N SER C 231 27.63 5.59 19.70
CA SER C 231 28.43 5.64 20.92
C SER C 231 28.73 7.10 21.34
N CYS C 232 28.91 7.96 20.36
CA CYS C 232 29.15 9.38 20.67
C CYS C 232 27.86 10.05 21.14
N ASP C 233 26.76 9.75 20.45
CA ASP C 233 25.45 10.36 20.75
C ASP C 233 25.02 10.05 22.19
N LEU C 234 25.33 8.85 22.68
CA LEU C 234 24.88 8.42 24.02
C LEU C 234 25.95 8.57 25.10
N SER C 235 27.04 9.27 24.78
CA SER C 235 28.23 9.23 25.62
C SER C 235 28.10 9.92 26.99
N ASP C 236 27.05 10.71 27.19
CA ASP C 236 26.75 11.24 28.52
C ASP C 236 26.61 10.13 29.55
N GLN C 237 26.23 8.93 29.11
CA GLN C 237 26.02 7.81 30.01
C GLN C 237 27.34 7.18 30.50
N THR C 238 28.45 7.56 29.87
CA THR C 238 29.75 6.97 30.21
C THR C 238 30.59 7.85 31.14
N LYS C 239 29.99 8.91 31.65
CA LYS C 239 30.68 9.79 32.59
C LYS C 239 30.27 9.38 33.99
N GLY C 240 30.28 10.32 34.92
CA GLY C 240 29.94 10.00 36.29
C GLY C 240 28.45 10.02 36.54
N TRP C 241 28.05 9.70 37.76
CA TRP C 241 26.65 9.72 38.16
C TRP C 241 25.99 11.07 37.91
N LYS C 242 26.67 12.14 38.31
CA LYS C 242 26.10 13.49 38.20
C LYS C 242 25.68 13.81 36.77
N THR C 243 26.51 13.41 35.81
CA THR C 243 26.20 13.69 34.41
C THR C 243 24.95 12.96 33.96
N THR C 244 24.84 11.67 34.27
CA THR C 244 23.64 10.92 33.89
C THR C 244 22.38 11.48 34.55
N ARG C 245 22.52 11.93 35.80
CA ARG C 245 21.39 12.52 36.52
C ARG C 245 20.94 13.81 35.83
N LYS C 246 21.89 14.69 35.55
CA LYS C 246 21.55 15.96 34.94
C LYS C 246 20.97 15.78 33.54
N ILE C 247 21.50 14.82 32.79
CA ILE C 247 21.06 14.66 31.40
C ILE C 247 19.68 14.02 31.38
N ALA C 248 19.38 13.18 32.37
CA ALA C 248 18.04 12.62 32.51
C ALA C 248 17.03 13.75 32.73
N GLU C 249 17.43 14.72 33.54
CA GLU C 249 16.59 15.88 33.79
C GLU C 249 16.31 16.63 32.49
N LEU C 250 17.35 16.89 31.70
CA LEU C 250 17.19 17.60 30.42
C LEU C 250 16.34 16.81 29.43
N ILE C 251 16.63 15.52 29.30
CA ILE C 251 15.88 14.65 28.40
C ILE C 251 14.38 14.62 28.76
N TYR C 252 14.05 14.46 30.03
CA TYR C 252 12.65 14.31 30.37
C TYR C 252 11.90 15.65 30.35
N LYS C 253 12.60 16.74 30.65
CA LYS C 253 12.02 18.06 30.40
C LYS C 253 11.63 18.21 28.94
N GLU C 254 12.56 17.84 28.06
CA GLU C 254 12.29 17.89 26.64
C GLU C 254 11.12 16.97 26.27
N PHE C 255 11.19 15.72 26.74
CA PHE C 255 10.14 14.74 26.44
C PHE C 255 8.76 15.22 26.91
N PHE C 256 8.70 15.73 28.13
CA PHE C 256 7.41 16.09 28.71
C PHE C 256 6.82 17.32 28.05
N SER C 257 7.67 18.22 27.56
CA SER C 257 7.17 19.34 26.76
C SER C 257 6.46 18.85 25.51
N GLN C 258 7.06 17.87 24.84
CA GLN C 258 6.44 17.32 23.63
C GLN C 258 5.12 16.65 23.97
N GLY C 259 5.12 15.87 25.05
CA GLY C 259 3.90 15.20 25.47
C GLY C 259 2.78 16.17 25.75
N ASP C 260 3.11 17.30 26.38
CA ASP C 260 2.12 18.36 26.63
C ASP C 260 1.52 18.86 25.32
N LEU C 261 2.37 19.07 24.32
CA LEU C 261 1.88 19.52 23.02
C LEU C 261 0.97 18.46 22.41
N GLU C 262 1.37 17.20 22.53
CA GLU C 262 0.60 16.10 21.94
C GLU C 262 -0.79 16.03 22.56
N LYS C 263 -0.85 16.20 23.88
CA LYS C 263 -2.13 16.23 24.58
C LYS C 263 -3.01 17.36 24.07
N ALA C 264 -2.41 18.54 23.92
CA ALA C 264 -3.14 19.71 23.45
C ALA C 264 -3.68 19.49 22.03
N MET C 265 -2.99 18.65 21.27
CA MET C 265 -3.41 18.29 19.91
C MET C 265 -4.51 17.23 19.94
N GLY C 266 -4.91 16.82 21.14
CA GLY C 266 -5.91 15.80 21.29
C GLY C 266 -5.38 14.39 21.14
N ASN C 267 -4.07 14.23 21.20
CA ASN C 267 -3.47 12.91 21.10
C ASN C 267 -2.95 12.38 22.44
N ARG C 268 -2.67 11.08 22.48
CA ARG C 268 -2.05 10.46 23.64
C ARG C 268 -0.56 10.31 23.39
N PRO C 269 0.27 11.03 24.15
CA PRO C 269 1.70 10.84 23.94
C PRO C 269 2.14 9.49 24.47
N MET C 270 3.29 9.01 24.01
CA MET C 270 3.84 7.78 24.56
C MET C 270 4.10 8.00 26.06
N GLU C 271 4.15 6.90 26.81
CA GLU C 271 4.30 6.96 28.25
C GLU C 271 5.49 7.81 28.70
N MET C 272 6.64 7.62 28.06
CA MET C 272 7.86 8.29 28.51
C MET C 272 7.82 9.79 28.27
N MET C 273 6.82 10.27 27.56
CA MET C 273 6.70 11.69 27.29
C MET C 273 5.50 12.30 28.00
N ASP C 274 4.83 11.49 28.82
CA ASP C 274 3.66 11.94 29.54
C ASP C 274 4.06 12.14 31.00
N ARG C 275 4.16 13.40 31.40
CA ARG C 275 4.62 13.75 32.74
C ARG C 275 3.67 13.25 33.85
N GLU C 276 2.46 12.82 33.48
CA GLU C 276 1.52 12.27 34.47
C GLU C 276 1.65 10.75 34.60
N LYS C 277 2.41 10.13 33.70
CA LYS C 277 2.52 8.68 33.69
C LYS C 277 3.96 8.18 33.80
N ALA C 278 4.90 8.93 33.22
CA ALA C 278 6.30 8.53 33.19
C ALA C 278 6.89 8.29 34.57
N TYR C 279 7.51 7.12 34.74
CA TYR C 279 8.22 6.82 35.98
C TYR C 279 9.71 6.84 35.64
N ILE C 280 10.36 7.96 35.90
CA ILE C 280 11.69 8.21 35.35
C ILE C 280 12.74 7.13 35.66
N PRO C 281 12.82 6.63 36.91
CA PRO C 281 13.83 5.61 37.19
C PRO C 281 13.73 4.37 36.32
N GLU C 282 12.54 3.82 36.13
CA GLU C 282 12.45 2.59 35.34
C GLU C 282 12.70 2.92 33.88
N LEU C 283 12.31 4.12 33.45
CA LEU C 283 12.51 4.50 32.04
C LEU C 283 13.98 4.69 31.74
N GLN C 284 14.70 5.34 32.66
CA GLN C 284 16.13 5.58 32.52
C GLN C 284 16.88 4.25 32.63
N ILE C 285 16.49 3.41 33.58
CA ILE C 285 17.16 2.13 33.77
C ILE C 285 16.94 1.25 32.52
N SER C 286 15.73 1.28 31.98
CA SER C 286 15.46 0.56 30.74
C SER C 286 16.30 1.07 29.57
N PHE C 287 16.40 2.39 29.43
CA PHE C 287 17.19 2.94 28.34
C PHE C 287 18.65 2.50 28.46
N MET C 288 19.16 2.48 29.69
CA MET C 288 20.54 2.08 29.92
C MET C 288 20.74 0.60 29.66
N GLU C 289 19.86 -0.21 30.23
CA GLU C 289 19.97 -1.66 30.14
C GLU C 289 19.75 -2.18 28.72
N HIS C 290 18.83 -1.58 27.98
CA HIS C 290 18.40 -2.18 26.72
C HIS C 290 18.85 -1.43 25.48
N ILE C 291 19.31 -0.19 25.65
CA ILE C 291 19.84 0.56 24.51
C ILE C 291 21.34 0.86 24.67
N ALA C 292 21.68 1.61 25.72
CA ALA C 292 23.06 2.10 25.86
C ALA C 292 24.07 0.98 26.12
N MET C 293 23.79 0.13 27.11
CA MET C 293 24.75 -0.91 27.48
C MET C 293 25.08 -1.89 26.34
N PRO C 294 24.07 -2.33 25.55
CA PRO C 294 24.43 -3.17 24.40
C PRO C 294 25.35 -2.49 23.41
N ILE C 295 25.19 -1.18 23.26
CA ILE C 295 26.05 -0.41 22.37
C ILE C 295 27.48 -0.44 22.89
N TYR C 296 27.66 -0.19 24.19
CA TYR C 296 29.02 -0.09 24.71
C TYR C 296 29.63 -1.48 24.88
N LYS C 297 28.77 -2.49 25.00
CA LYS C 297 29.22 -3.87 24.98
C LYS C 297 29.78 -4.24 23.61
N LEU C 298 29.03 -3.90 22.57
CA LEU C 298 29.52 -4.05 21.20
C LEU C 298 30.86 -3.34 21.05
N LEU C 299 30.93 -2.10 21.51
CA LEU C 299 32.15 -1.32 21.38
C LEU C 299 33.32 -2.02 22.06
N GLN C 300 33.08 -2.56 23.25
CA GLN C 300 34.08 -3.33 23.98
C GLN C 300 34.45 -4.62 23.27
N ASP C 301 33.47 -5.24 22.61
CA ASP C 301 33.73 -6.50 21.89
C ASP C 301 34.67 -6.27 20.70
N LEU C 302 34.64 -5.06 20.16
CA LEU C 302 35.47 -4.66 19.03
C LEU C 302 36.79 -4.03 19.48
N PHE C 303 36.73 -3.22 20.52
CA PHE C 303 37.91 -2.55 21.07
C PHE C 303 38.05 -2.89 22.56
N PRO C 304 39.02 -3.74 22.91
CA PRO C 304 39.18 -4.10 24.33
C PRO C 304 39.36 -2.88 25.22
N LYS C 305 40.00 -1.84 24.71
CA LYS C 305 40.24 -0.64 25.50
C LYS C 305 38.97 0.18 25.79
N ALA C 306 37.86 -0.22 25.19
CA ALA C 306 36.58 0.43 25.45
C ALA C 306 35.87 -0.18 26.64
N ALA C 307 36.50 -1.15 27.29
CA ALA C 307 35.86 -1.86 28.38
C ALA C 307 35.40 -0.93 29.49
N GLU C 308 36.18 0.11 29.77
CA GLU C 308 35.85 1.00 30.87
C GLU C 308 34.58 1.79 30.60
N LEU C 309 34.29 2.01 29.32
CA LEU C 309 33.07 2.74 28.92
C LEU C 309 31.85 1.94 29.35
N TYR C 310 31.79 0.68 28.93
CA TYR C 310 30.73 -0.23 29.32
C TYR C 310 30.59 -0.36 30.85
N GLU C 311 31.72 -0.52 31.52
CA GLU C 311 31.71 -0.65 32.98
C GLU C 311 31.15 0.60 33.64
N ARG C 312 31.49 1.78 33.12
CA ARG C 312 30.93 3.01 33.67
C ARG C 312 29.41 3.05 33.50
N VAL C 313 28.93 2.73 32.29
CA VAL C 313 27.49 2.77 32.04
C VAL C 313 26.79 1.80 32.97
N ALA C 314 27.34 0.59 33.11
CA ALA C 314 26.76 -0.40 33.98
C ALA C 314 26.77 0.10 35.41
N SER C 315 27.85 0.77 35.80
CA SER C 315 27.97 1.30 37.15
C SER C 315 26.94 2.41 37.39
N ASN C 316 26.72 3.23 36.38
CA ASN C 316 25.74 4.31 36.48
C ASN C 316 24.32 3.74 36.55
N ARG C 317 24.07 2.67 35.81
CA ARG C 317 22.77 1.98 35.86
C ARG C 317 22.53 1.45 37.27
N GLU C 318 23.55 0.86 37.86
CA GLU C 318 23.44 0.35 39.23
C GLU C 318 23.09 1.49 40.18
N HIS C 319 23.68 2.66 39.94
CA HIS C 319 23.42 3.82 40.79
C HIS C 319 21.95 4.24 40.70
N TRP C 320 21.41 4.21 39.49
CA TRP C 320 19.99 4.52 39.29
C TRP C 320 19.10 3.52 40.05
N THR C 321 19.47 2.25 40.04
CA THR C 321 18.74 1.23 40.81
C THR C 321 18.71 1.58 42.30
N LYS C 322 19.79 2.17 42.80
CA LYS C 322 19.82 2.41 44.24
C LYS C 322 19.20 3.74 44.66
N VAL C 323 18.88 4.62 43.72
CA VAL C 323 18.18 5.86 44.09
C VAL C 323 16.75 5.86 43.62
N SER C 324 16.33 4.76 43.01
CA SER C 324 15.00 4.67 42.42
C SER C 324 13.93 4.89 43.49
N HIS C 325 14.19 4.36 44.68
CA HIS C 325 13.24 4.42 45.80
C HIS C 325 12.80 5.85 46.13
N LYS C 326 13.67 6.81 45.84
CA LYS C 326 13.40 8.21 46.15
C LYS C 326 12.25 8.80 45.35
N PHE C 327 11.82 8.10 44.30
CA PHE C 327 10.68 8.59 43.53
C PHE C 327 9.36 8.15 44.15
N THR C 328 9.45 7.45 45.27
CA THR C 328 8.28 7.13 46.08
C THR C 328 8.39 7.94 47.36
N ILE C 329 7.35 8.70 47.68
CA ILE C 329 7.42 9.58 48.83
C ILE C 329 7.19 8.79 50.11
N ARG C 330 8.25 8.57 50.86
CA ARG C 330 8.13 8.02 52.21
C ARG C 330 8.22 9.16 53.22
N GLY C 331 7.64 8.97 54.40
CA GLY C 331 7.49 10.08 55.29
C GLY C 331 6.58 11.13 54.70
N LEU C 332 6.77 12.38 55.09
CA LEU C 332 6.01 13.49 54.53
C LEU C 332 6.80 14.11 53.39
N PRO C 333 6.12 14.82 52.49
CA PRO C 333 6.84 15.65 51.51
C PRO C 333 7.71 16.70 52.21
N SER C 334 8.62 17.32 51.46
CA SER C 334 9.57 18.18 52.16
C SER C 334 8.93 19.41 52.82
N ASN C 335 7.76 19.85 52.38
CA ASN C 335 7.06 20.94 53.07
C ASN C 335 6.25 20.48 54.26
N ASN C 336 6.40 19.20 54.64
CA ASN C 336 5.70 18.59 55.77
C ASN C 336 4.18 18.70 55.69
N SER C 337 3.66 18.64 54.47
CA SER C 337 2.23 18.79 54.24
C SER C 337 1.68 17.67 53.37
N LEU C 338 0.42 17.30 53.64
CA LEU C 338 -0.28 16.33 52.80
C LEU C 338 -1.30 17.05 51.93
N ASP C 339 -1.21 18.37 51.89
CA ASP C 339 -2.10 19.20 51.08
C ASP C 339 -2.25 18.70 49.65
N PHE C 340 -1.17 18.16 49.08
CA PHE C 340 -1.18 17.77 47.67
C PHE C 340 -2.18 16.64 47.37
N LEU C 341 -2.61 15.91 48.40
CA LEU C 341 -3.59 14.85 48.17
C LEU C 341 -4.93 15.41 47.67
N GLU D 6 -3.79 44.81 -7.01
CA GLU D 6 -3.43 43.95 -8.12
C GLU D 6 -3.95 42.53 -7.93
N TYR D 7 -3.99 42.03 -6.69
CA TYR D 7 -4.75 40.84 -6.32
C TYR D 7 -6.19 41.00 -6.76
N THR D 8 -6.73 42.16 -6.37
CA THR D 8 -8.12 42.52 -6.61
C THR D 8 -8.45 42.48 -8.11
N LYS D 9 -7.57 43.07 -8.91
CA LYS D 9 -7.73 43.06 -10.36
C LYS D 9 -7.55 41.65 -10.91
N LEU D 10 -6.53 40.96 -10.42
CA LEU D 10 -6.26 39.59 -10.84
C LEU D 10 -7.48 38.70 -10.59
N LEU D 11 -8.00 38.75 -9.38
CA LEU D 11 -9.16 37.94 -9.01
C LEU D 11 -10.39 38.37 -9.82
N HIS D 12 -10.54 39.67 -9.98
CA HIS D 12 -11.61 40.21 -10.80
C HIS D 12 -11.47 39.78 -12.26
N ASP D 13 -10.25 39.88 -12.78
CA ASP D 13 -9.94 39.45 -14.13
C ASP D 13 -10.05 37.93 -14.26
N GLY D 14 -9.40 37.23 -13.33
CA GLY D 14 -9.30 35.79 -13.37
C GLY D 14 -10.62 35.04 -13.27
N ILE D 15 -11.37 35.29 -12.20
CA ILE D 15 -12.66 34.64 -11.96
C ILE D 15 -13.62 35.16 -13.04
N GLN D 16 -13.65 34.52 -14.20
CA GLN D 16 -14.35 35.00 -15.37
C GLN D 16 -14.46 33.83 -16.34
N PRO D 17 -15.67 33.57 -16.87
CA PRO D 17 -15.99 32.55 -17.86
C PRO D 17 -14.85 32.31 -18.84
N VAL D 18 -14.50 31.05 -19.08
CA VAL D 18 -13.41 30.75 -19.99
C VAL D 18 -13.78 31.16 -21.42
N ALA D 19 -15.08 31.28 -21.69
CA ALA D 19 -15.54 31.69 -23.01
C ALA D 19 -15.00 33.07 -23.35
N ALA D 20 -14.85 33.92 -22.35
CA ALA D 20 -14.34 35.27 -22.57
C ALA D 20 -12.84 35.26 -22.85
N ILE D 21 -12.18 34.16 -22.57
CA ILE D 21 -10.80 33.99 -22.98
C ILE D 21 -10.77 33.61 -24.45
N ASP D 22 -11.43 32.50 -24.75
CA ASP D 22 -11.48 31.97 -26.11
C ASP D 22 -12.66 31.03 -26.27
N SER D 23 -13.37 31.11 -27.39
CA SER D 23 -14.55 30.27 -27.61
C SER D 23 -14.19 28.78 -27.64
N ASN D 24 -12.95 28.46 -27.98
CA ASN D 24 -12.53 27.07 -27.97
C ASN D 24 -11.50 26.74 -26.90
N PHE D 25 -11.54 27.49 -25.80
CA PHE D 25 -10.60 27.32 -24.70
C PHE D 25 -10.62 25.90 -24.12
N ALA D 26 -11.76 25.24 -24.18
CA ALA D 26 -11.90 23.91 -23.60
C ALA D 26 -11.74 22.79 -24.64
N SER D 27 -11.25 23.14 -25.82
CA SER D 27 -11.09 22.15 -26.89
C SER D 27 -9.66 21.65 -26.99
N PHE D 28 -9.49 20.36 -27.29
CA PHE D 28 -8.16 19.79 -27.55
C PHE D 28 -7.43 20.53 -28.68
N THR D 29 -8.18 21.30 -29.46
CA THR D 29 -7.54 22.01 -30.57
C THR D 29 -6.91 23.33 -30.10
N TYR D 30 -7.26 23.78 -28.90
CA TYR D 30 -6.75 25.05 -28.40
C TYR D 30 -5.27 24.96 -28.06
N THR D 31 -4.49 25.97 -28.45
CA THR D 31 -3.07 26.04 -28.09
C THR D 31 -2.83 27.08 -26.99
N PRO D 32 -2.71 26.62 -25.73
CA PRO D 32 -2.61 27.55 -24.60
C PRO D 32 -1.40 28.47 -24.67
N ARG D 33 -0.36 28.10 -25.42
CA ARG D 33 0.81 28.95 -25.56
C ARG D 33 0.52 30.20 -26.39
N SER D 34 -0.65 30.25 -27.03
CA SER D 34 -1.05 31.42 -27.79
C SER D 34 -1.49 32.56 -26.86
N LEU D 35 -1.78 32.21 -25.62
CA LEU D 35 -2.25 33.21 -24.67
C LEU D 35 -1.09 34.06 -24.19
N PRO D 36 -1.26 35.40 -24.18
CA PRO D 36 -0.21 36.26 -23.64
C PRO D 36 0.14 35.86 -22.21
N GLU D 37 1.42 35.85 -21.89
CA GLU D 37 1.87 35.36 -20.59
C GLU D 37 1.28 36.18 -19.45
N ASP D 38 1.04 37.47 -19.70
CA ASP D 38 0.45 38.36 -18.70
C ASP D 38 -1.01 38.03 -18.39
N ASP D 39 -1.61 37.13 -19.15
CA ASP D 39 -2.99 36.71 -18.92
C ASP D 39 -3.11 35.29 -18.38
N THR D 40 -1.98 34.63 -18.15
CA THR D 40 -2.01 33.21 -17.80
C THR D 40 -2.47 32.96 -16.36
N SER D 41 -2.08 33.82 -15.42
CA SER D 41 -2.53 33.68 -14.03
C SER D 41 -4.04 33.77 -13.95
N MET D 42 -4.59 34.74 -14.67
CA MET D 42 -6.04 34.90 -14.81
C MET D 42 -6.70 33.65 -15.40
N ALA D 43 -6.05 33.04 -16.37
CA ALA D 43 -6.55 31.82 -17.01
C ALA D 43 -6.60 30.65 -16.04
N ILE D 44 -5.56 30.52 -15.21
CA ILE D 44 -5.51 29.51 -14.16
C ILE D 44 -6.73 29.66 -13.26
N LEU D 45 -7.00 30.88 -12.80
CA LEU D 45 -8.19 31.14 -12.00
C LEU D 45 -9.45 30.75 -12.75
N SER D 46 -9.51 31.11 -14.03
CA SER D 46 -10.70 30.82 -14.83
C SER D 46 -10.96 29.32 -14.98
N MET D 47 -9.89 28.53 -15.08
CA MET D 47 -10.03 27.09 -15.18
C MET D 47 -10.50 26.48 -13.86
N LEU D 48 -9.93 26.93 -12.75
CA LEU D 48 -10.35 26.44 -11.44
C LEU D 48 -11.82 26.77 -11.19
N GLN D 49 -12.26 27.95 -11.65
CA GLN D 49 -13.64 28.37 -11.50
C GLN D 49 -14.55 27.56 -12.44
N ASP D 50 -14.07 27.28 -13.64
CA ASP D 50 -14.90 26.54 -14.60
C ASP D 50 -15.10 25.11 -14.13
N MET D 51 -14.06 24.53 -13.55
CA MET D 51 -14.15 23.20 -12.96
C MET D 51 -14.91 23.24 -11.64
N ASN D 52 -15.24 24.45 -11.20
CA ASN D 52 -15.95 24.76 -9.95
C ASN D 52 -15.21 24.28 -8.70
N PHE D 53 -13.89 24.22 -8.78
CA PHE D 53 -13.09 23.87 -7.61
C PHE D 53 -13.05 24.97 -6.56
N ILE D 54 -13.03 26.23 -7.00
CA ILE D 54 -12.97 27.35 -6.06
C ILE D 54 -14.15 27.31 -5.10
N ASN D 55 -15.36 27.18 -5.65
CA ASN D 55 -16.56 27.10 -4.81
C ASN D 55 -16.64 25.78 -4.06
N ASN D 56 -16.50 24.67 -4.78
CA ASN D 56 -16.74 23.36 -4.18
C ASN D 56 -15.75 23.04 -3.06
N TYR D 57 -14.56 23.61 -3.13
CA TYR D 57 -13.55 23.35 -2.11
C TYR D 57 -13.35 24.52 -1.17
N LYS D 58 -14.20 25.54 -1.32
CA LYS D 58 -14.19 26.71 -0.45
C LYS D 58 -12.81 27.38 -0.42
N ILE D 59 -12.13 27.39 -1.55
CA ILE D 59 -10.81 28.00 -1.63
C ILE D 59 -10.92 29.51 -1.42
N ASP D 60 -10.09 30.05 -0.53
CA ASP D 60 -10.03 31.48 -0.32
C ASP D 60 -9.40 32.16 -1.54
N CYS D 61 -10.16 33.02 -2.20
CA CYS D 61 -9.68 33.61 -3.46
C CYS D 61 -8.40 34.44 -3.31
N PRO D 62 -8.33 35.37 -2.33
CA PRO D 62 -7.06 36.08 -2.17
C PRO D 62 -5.87 35.15 -1.96
N THR D 63 -6.07 34.06 -1.23
CA THR D 63 -5.01 33.09 -1.01
C THR D 63 -4.65 32.41 -2.33
N LEU D 64 -5.67 32.06 -3.10
CA LEU D 64 -5.46 31.42 -4.40
C LEU D 64 -4.68 32.32 -5.35
N ALA D 65 -5.05 33.60 -5.38
CA ALA D 65 -4.34 34.57 -6.24
C ALA D 65 -2.89 34.67 -5.84
N ARG D 66 -2.63 34.79 -4.54
CA ARG D 66 -1.25 34.85 -4.05
C ARG D 66 -0.50 33.58 -4.43
N PHE D 67 -1.12 32.42 -4.21
CA PHE D 67 -0.53 31.14 -4.59
C PHE D 67 -0.18 31.07 -6.08
N CYS D 68 -1.13 31.40 -6.94
CA CYS D 68 -0.88 31.41 -8.39
C CYS D 68 0.27 32.29 -8.80
N LEU D 69 0.34 33.48 -8.24
CA LEU D 69 1.42 34.42 -8.54
C LEU D 69 2.76 33.89 -8.05
N MET D 70 2.77 33.29 -6.86
CA MET D 70 4.00 32.73 -6.32
C MET D 70 4.53 31.58 -7.19
N VAL D 71 3.62 30.74 -7.67
CA VAL D 71 3.99 29.61 -8.49
C VAL D 71 4.57 30.11 -9.82
N LYS D 72 3.88 31.05 -10.45
CA LYS D 72 4.38 31.69 -11.67
C LYS D 72 5.78 32.27 -11.46
N LYS D 73 5.96 33.00 -10.37
CA LYS D 73 7.24 33.63 -10.03
C LYS D 73 8.32 32.57 -9.75
N GLY D 74 7.89 31.36 -9.42
CA GLY D 74 8.80 30.29 -9.04
C GLY D 74 9.49 29.59 -10.21
N TYR D 75 9.15 30.00 -11.43
CA TYR D 75 9.80 29.43 -12.60
C TYR D 75 10.85 30.38 -13.10
N ARG D 76 11.97 29.81 -13.53
CA ARG D 76 13.04 30.54 -14.21
C ARG D 76 12.73 30.66 -15.69
N ASP D 77 13.72 31.08 -16.48
CA ASP D 77 13.51 31.31 -17.91
C ASP D 77 14.44 30.54 -18.87
N PRO D 78 14.56 29.20 -18.68
CA PRO D 78 15.25 28.44 -19.72
C PRO D 78 14.35 28.38 -20.94
N PRO D 79 14.88 27.94 -22.09
CA PRO D 79 14.05 27.98 -23.30
C PRO D 79 12.72 27.21 -23.18
N TYR D 80 12.72 26.05 -22.53
CA TYR D 80 11.52 25.21 -22.48
C TYR D 80 10.89 25.15 -21.09
N HIS D 81 11.68 24.83 -20.08
CA HIS D 81 11.14 24.55 -18.73
C HIS D 81 10.87 25.83 -17.95
N ASN D 82 9.90 26.58 -18.44
CA ASN D 82 9.56 27.88 -17.87
C ASN D 82 8.08 27.89 -17.51
N TRP D 83 7.58 29.03 -17.05
CA TRP D 83 6.18 29.10 -16.62
C TRP D 83 5.20 28.75 -17.74
N MET D 84 5.50 29.13 -18.98
CA MET D 84 4.57 28.86 -20.07
C MET D 84 4.42 27.36 -20.30
N HIS D 85 5.45 26.59 -19.96
CA HIS D 85 5.35 25.13 -19.98
C HIS D 85 4.38 24.67 -18.90
N ALA D 86 4.59 25.16 -17.68
CA ALA D 86 3.72 24.76 -16.56
C ALA D 86 2.28 25.15 -16.84
N PHE D 87 2.11 26.34 -17.39
CA PHE D 87 0.77 26.81 -17.74
C PHE D 87 0.12 25.89 -18.79
N SER D 88 0.83 25.55 -19.86
CA SER D 88 0.23 24.72 -20.91
C SER D 88 -0.05 23.30 -20.41
N VAL D 89 0.79 22.82 -19.49
CA VAL D 89 0.61 21.51 -18.88
C VAL D 89 -0.66 21.53 -18.04
N SER D 90 -0.83 22.62 -17.28
CA SER D 90 -2.00 22.77 -16.42
C SER D 90 -3.25 22.89 -17.29
N HIS D 91 -3.14 23.65 -18.37
CA HIS D 91 -4.25 23.78 -19.29
C HIS D 91 -4.69 22.42 -19.83
N PHE D 92 -3.73 21.56 -20.16
CA PHE D 92 -4.09 20.23 -20.66
C PHE D 92 -4.79 19.38 -19.60
N CYS D 93 -4.37 19.50 -18.35
CA CYS D 93 -5.08 18.84 -17.26
C CYS D 93 -6.54 19.25 -17.29
N TYR D 94 -6.77 20.57 -17.38
CA TYR D 94 -8.13 21.10 -17.52
C TYR D 94 -8.86 20.51 -18.73
N LEU D 95 -8.18 20.40 -19.87
CA LEU D 95 -8.83 19.81 -21.04
C LEU D 95 -9.21 18.35 -20.79
N LEU D 96 -8.34 17.63 -20.09
CA LEU D 96 -8.65 16.23 -19.77
C LEU D 96 -9.91 16.17 -18.92
N TYR D 97 -10.01 17.08 -17.95
CA TYR D 97 -11.20 17.14 -17.10
C TYR D 97 -12.44 17.47 -17.91
N LYS D 98 -12.32 18.45 -18.81
CA LYS D 98 -13.48 18.89 -19.59
C LYS D 98 -13.95 17.89 -20.63
N ASN D 99 -13.02 17.12 -21.19
CA ASN D 99 -13.29 16.30 -22.37
C ASN D 99 -13.38 14.79 -22.09
N LEU D 100 -12.71 14.35 -21.04
CA LEU D 100 -12.73 12.95 -20.66
C LEU D 100 -13.56 12.79 -19.40
N GLU D 101 -14.07 11.59 -19.17
CA GLU D 101 -14.87 11.41 -17.96
C GLU D 101 -13.99 10.92 -16.81
N LEU D 102 -13.15 11.85 -16.35
CA LEU D 102 -12.19 11.56 -15.30
C LEU D 102 -12.87 11.16 -13.99
N THR D 103 -14.02 11.77 -13.72
CA THR D 103 -14.68 11.60 -12.44
C THR D 103 -15.30 10.21 -12.32
N ASN D 104 -15.35 9.48 -13.43
CA ASN D 104 -15.79 8.09 -13.42
C ASN D 104 -14.71 7.20 -12.79
N TYR D 105 -13.47 7.67 -12.85
CA TYR D 105 -12.33 6.88 -12.43
C TYR D 105 -11.56 7.45 -11.23
N LEU D 106 -11.58 8.77 -11.09
CA LEU D 106 -10.80 9.43 -10.07
C LEU D 106 -11.66 10.23 -9.10
N GLU D 107 -11.18 10.36 -7.88
CA GLU D 107 -11.85 11.22 -6.89
C GLU D 107 -11.60 12.67 -7.24
N ASP D 108 -12.51 13.54 -6.81
CA ASP D 108 -12.38 14.97 -7.08
C ASP D 108 -11.09 15.54 -6.50
N ILE D 109 -10.72 15.09 -5.31
CA ILE D 109 -9.53 15.64 -4.67
C ILE D 109 -8.28 15.19 -5.44
N GLU D 110 -8.35 14.03 -6.08
CA GLU D 110 -7.27 13.54 -6.91
C GLU D 110 -7.10 14.40 -8.17
N ILE D 111 -8.21 14.84 -8.76
CA ILE D 111 -8.16 15.65 -9.96
C ILE D 111 -7.67 17.06 -9.61
N PHE D 112 -8.10 17.54 -8.45
CA PHE D 112 -7.63 18.83 -7.95
C PHE D 112 -6.13 18.79 -7.71
N ALA D 113 -5.69 17.74 -7.03
CA ALA D 113 -4.26 17.54 -6.76
C ALA D 113 -3.47 17.44 -8.04
N LEU D 114 -4.04 16.78 -9.04
CA LEU D 114 -3.37 16.67 -10.34
C LEU D 114 -3.16 18.06 -10.95
N PHE D 115 -4.18 18.91 -10.91
CA PHE D 115 -4.11 20.23 -11.52
C PHE D 115 -3.10 21.13 -10.81
N ILE D 116 -3.18 21.17 -9.49
CA ILE D 116 -2.18 21.93 -8.72
C ILE D 116 -0.77 21.37 -8.96
N SER D 117 -0.65 20.05 -9.06
CA SER D 117 0.66 19.43 -9.30
C SER D 117 1.18 19.86 -10.66
N CYS D 118 0.31 19.92 -11.66
CA CYS D 118 0.74 20.40 -12.97
C CYS D 118 1.35 21.81 -12.89
N MET D 119 0.69 22.70 -12.16
CA MET D 119 1.18 24.06 -11.98
C MET D 119 2.57 24.07 -11.38
N CYS D 120 2.81 23.15 -10.44
CA CYS D 120 4.01 23.17 -9.63
C CYS D 120 5.13 22.26 -10.12
N HIS D 121 4.89 21.47 -11.15
CA HIS D 121 5.66 20.22 -11.30
C HIS D 121 7.10 20.41 -11.78
N ASP D 122 7.42 21.57 -12.34
CA ASP D 122 8.79 21.88 -12.77
C ASP D 122 9.34 23.14 -12.08
N LEU D 123 8.79 23.48 -10.91
CA LEU D 123 9.20 24.71 -10.21
C LEU D 123 10.73 24.87 -10.05
N ASP D 124 11.23 26.05 -10.42
CA ASP D 124 12.65 26.39 -10.26
C ASP D 124 13.59 25.52 -11.09
N HIS D 125 13.05 24.91 -12.14
CA HIS D 125 13.88 24.19 -13.12
C HIS D 125 14.98 25.10 -13.68
N ARG D 126 16.19 24.54 -13.85
CA ARG D 126 17.32 25.33 -14.28
C ARG D 126 17.70 25.07 -15.74
N GLY D 127 16.88 24.29 -16.43
CA GLY D 127 17.19 23.95 -17.82
C GLY D 127 18.23 22.84 -17.93
N THR D 128 18.43 22.10 -16.85
CA THR D 128 19.37 20.98 -16.88
C THR D 128 18.67 19.75 -16.30
N ASN D 129 19.11 18.55 -16.68
CA ASN D 129 18.45 17.35 -16.22
C ASN D 129 19.04 16.87 -14.89
N ASN D 130 18.68 15.65 -14.47
CA ASN D 130 19.10 15.17 -13.16
C ASN D 130 20.57 14.81 -13.11
N SER D 131 21.04 14.12 -14.14
CA SER D 131 22.46 13.74 -14.23
C SER D 131 23.36 14.94 -14.08
N PHE D 132 22.98 16.04 -14.73
CA PHE D 132 23.78 17.24 -14.66
C PHE D 132 23.92 17.76 -13.24
N GLN D 133 22.83 17.73 -12.47
CA GLN D 133 22.88 18.20 -11.11
C GLN D 133 23.90 17.40 -10.31
N VAL D 134 23.92 16.10 -10.54
CA VAL D 134 24.83 15.22 -9.84
C VAL D 134 26.26 15.45 -10.31
N ALA D 135 26.45 15.52 -11.64
CA ALA D 135 27.78 15.70 -12.20
C ALA D 135 28.41 17.03 -11.77
N SER D 136 27.58 18.07 -11.71
CA SER D 136 28.05 19.40 -11.36
C SER D 136 28.15 19.60 -9.84
N LYS D 137 27.79 18.55 -9.10
CA LYS D 137 27.77 18.55 -7.64
C LYS D 137 27.04 19.77 -7.07
N SER D 138 25.85 20.02 -7.61
CA SER D 138 25.03 21.13 -7.17
C SER D 138 24.51 20.87 -5.77
N VAL D 139 24.00 21.92 -5.12
CA VAL D 139 23.33 21.76 -3.83
C VAL D 139 22.14 20.81 -3.93
N LEU D 140 21.43 20.83 -5.06
CA LEU D 140 20.29 19.94 -5.25
C LEU D 140 20.75 18.48 -5.19
N ALA D 141 21.86 18.19 -5.84
CA ALA D 141 22.41 16.83 -5.81
C ALA D 141 22.83 16.45 -4.41
N ALA D 142 23.45 17.39 -3.70
CA ALA D 142 23.87 17.11 -2.33
C ALA D 142 22.66 16.70 -1.49
N LEU D 143 21.51 17.33 -1.75
CA LEU D 143 20.31 17.08 -0.95
C LEU D 143 19.56 15.81 -1.37
N TYR D 144 19.60 15.49 -2.67
CA TYR D 144 18.64 14.55 -3.24
C TYR D 144 19.23 13.37 -4.04
N SER D 145 20.51 13.41 -4.38
CA SER D 145 21.05 12.43 -5.34
C SER D 145 20.92 10.98 -4.84
N SER D 146 21.09 10.76 -3.53
CA SER D 146 21.01 9.43 -2.96
C SER D 146 19.61 8.82 -3.08
N GLU D 147 18.59 9.66 -3.11
CA GLU D 147 17.20 9.23 -3.18
C GLU D 147 16.73 9.13 -4.63
N GLY D 148 17.39 9.86 -5.52
CA GLY D 148 17.03 9.85 -6.93
C GLY D 148 16.05 10.96 -7.29
N SER D 149 15.78 11.11 -8.58
CA SER D 149 14.87 12.15 -9.10
C SER D 149 15.14 13.51 -8.49
N VAL D 150 16.38 13.97 -8.67
CA VAL D 150 16.84 15.18 -8.00
C VAL D 150 15.97 16.41 -8.27
N MET D 151 15.72 16.74 -9.54
CA MET D 151 14.97 17.94 -9.83
C MET D 151 13.53 17.82 -9.33
N GLU D 152 12.97 16.63 -9.46
CA GLU D 152 11.57 16.45 -9.10
C GLU D 152 11.41 16.56 -7.59
N ARG D 153 12.37 16.05 -6.83
CA ARG D 153 12.33 16.26 -5.40
C ARG D 153 12.45 17.77 -5.09
N HIS D 154 13.25 18.48 -5.87
CA HIS D 154 13.33 19.93 -5.69
C HIS D 154 12.02 20.63 -6.03
N HIS D 155 11.35 20.20 -7.11
CA HIS D 155 10.11 20.84 -7.53
C HIS D 155 9.08 20.70 -6.41
N PHE D 156 8.97 19.50 -5.85
CA PHE D 156 8.02 19.27 -4.78
C PHE D 156 8.39 20.13 -3.56
N ALA D 157 9.67 20.18 -3.21
CA ALA D 157 10.11 21.03 -2.08
C ALA D 157 9.75 22.49 -2.29
N GLN D 158 9.88 22.97 -3.53
CA GLN D 158 9.55 24.35 -3.83
C GLN D 158 8.06 24.60 -3.65
N ALA D 159 7.26 23.60 -4.03
CA ALA D 159 5.81 23.71 -3.89
C ALA D 159 5.45 23.80 -2.42
N ILE D 160 6.11 22.98 -1.61
CA ILE D 160 5.90 23.00 -0.15
C ILE D 160 6.29 24.36 0.42
N ALA D 161 7.39 24.92 -0.07
CA ALA D 161 7.84 26.24 0.39
C ALA D 161 6.82 27.34 0.08
N ILE D 162 6.17 27.24 -1.08
CA ILE D 162 5.16 28.22 -1.45
C ILE D 162 3.93 28.10 -0.55
N LEU D 163 3.44 26.87 -0.38
CA LEU D 163 2.34 26.62 0.55
C LEU D 163 2.67 27.05 1.98
N ASN D 164 3.94 26.96 2.36
CA ASN D 164 4.38 27.32 3.70
C ASN D 164 4.67 28.83 3.83
N THR D 165 4.41 29.56 2.75
CA THR D 165 4.57 31.01 2.77
C THR D 165 3.28 31.66 3.25
N HIS D 166 3.42 32.59 4.19
CA HIS D 166 2.27 33.26 4.79
C HIS D 166 1.27 33.74 3.74
N GLY D 167 0.01 33.34 3.90
CA GLY D 167 -1.06 33.77 3.00
C GLY D 167 -1.18 33.03 1.68
N CYS D 168 -0.43 31.94 1.52
CA CYS D 168 -0.42 31.22 0.24
C CYS D 168 -0.89 29.78 0.36
N ASN D 169 -1.28 29.34 1.56
CA ASN D 169 -1.67 27.94 1.69
C ASN D 169 -3.12 27.75 1.30
N ILE D 170 -3.36 27.41 0.03
CA ILE D 170 -4.72 27.29 -0.46
C ILE D 170 -5.50 26.14 0.17
N PHE D 171 -4.79 25.28 0.91
CA PHE D 171 -5.37 24.08 1.54
C PHE D 171 -5.57 24.15 3.05
N ASP D 172 -5.29 25.29 3.68
CA ASP D 172 -5.14 25.26 5.13
C ASP D 172 -6.46 25.14 5.88
N HIS D 173 -7.57 25.28 5.17
CA HIS D 173 -8.89 25.10 5.78
C HIS D 173 -9.40 23.67 5.60
N PHE D 174 -8.67 22.85 4.82
CA PHE D 174 -9.02 21.44 4.64
C PHE D 174 -8.99 20.73 5.97
N SER D 175 -9.80 19.68 6.11
CA SER D 175 -9.65 18.81 7.27
C SER D 175 -8.24 18.25 7.29
N ARG D 176 -7.78 17.87 8.47
CA ARG D 176 -6.46 17.30 8.63
C ARG D 176 -6.23 16.15 7.64
N LYS D 177 -7.21 15.25 7.54
CA LYS D 177 -7.11 14.15 6.60
C LYS D 177 -7.00 14.62 5.14
N ASP D 178 -7.83 15.58 4.76
CA ASP D 178 -7.85 16.04 3.38
C ASP D 178 -6.59 16.82 3.02
N TYR D 179 -6.12 17.58 3.99
CA TYR D 179 -4.87 18.32 3.88
C TYR D 179 -3.73 17.36 3.61
N GLN D 180 -3.64 16.31 4.43
CA GLN D 180 -2.58 15.33 4.28
C GLN D 180 -2.66 14.63 2.92
N ARG D 181 -3.89 14.34 2.50
CA ARG D 181 -4.12 13.66 1.23
C ARG D 181 -3.58 14.53 0.09
N MET D 182 -3.84 15.84 0.15
CA MET D 182 -3.28 16.77 -0.85
C MET D 182 -1.76 16.71 -0.95
N LEU D 183 -1.07 16.77 0.18
CA LEU D 183 0.39 16.70 0.19
C LEU D 183 0.90 15.38 -0.39
N ASP D 184 0.28 14.28 0.02
CA ASP D 184 0.70 12.97 -0.46
C ASP D 184 0.48 12.82 -1.95
N LEU D 185 -0.67 13.32 -2.42
CA LEU D 185 -0.97 13.30 -3.85
C LEU D 185 0.03 14.16 -4.63
N MET D 186 0.24 15.40 -4.19
CA MET D 186 1.22 16.25 -4.88
C MET D 186 2.61 15.61 -4.93
N ARG D 187 3.05 15.01 -3.83
CA ARG D 187 4.34 14.34 -3.79
C ARG D 187 4.41 13.20 -4.81
N ASP D 188 3.40 12.31 -4.78
CA ASP D 188 3.36 11.17 -5.69
C ASP D 188 3.39 11.63 -7.15
N ILE D 189 2.55 12.61 -7.46
CA ILE D 189 2.38 13.06 -8.84
C ILE D 189 3.63 13.78 -9.34
N ILE D 190 4.19 14.68 -8.53
CA ILE D 190 5.37 15.42 -9.00
C ILE D 190 6.59 14.48 -9.13
N LEU D 191 6.77 13.56 -8.18
CA LEU D 191 7.91 12.65 -8.26
C LEU D 191 7.80 11.74 -9.47
N ALA D 192 6.58 11.47 -9.90
CA ALA D 192 6.36 10.57 -11.04
C ALA D 192 6.60 11.26 -12.39
N THR D 193 6.95 12.54 -12.35
CA THR D 193 7.24 13.26 -13.58
C THR D 193 8.66 12.99 -14.09
N ASP D 194 9.47 12.26 -13.31
CA ASP D 194 10.80 11.85 -13.75
C ASP D 194 10.63 10.78 -14.84
N LEU D 195 11.04 11.07 -16.06
CA LEU D 195 10.88 10.09 -17.14
C LEU D 195 11.53 8.76 -16.79
N ALA D 196 12.56 8.78 -15.97
CA ALA D 196 13.13 7.53 -15.45
C ALA D 196 12.08 6.76 -14.62
N HIS D 197 11.25 7.48 -13.87
CA HIS D 197 10.19 6.84 -13.09
C HIS D 197 9.17 6.20 -14.04
N HIS D 198 8.72 6.99 -15.01
CA HIS D 198 7.73 6.52 -15.97
C HIS D 198 8.17 5.24 -16.66
N LEU D 199 9.42 5.20 -17.10
CA LEU D 199 9.91 4.02 -17.80
C LEU D 199 9.96 2.80 -16.90
N ARG D 200 10.23 3.02 -15.62
CA ARG D 200 10.26 1.92 -14.66
C ARG D 200 8.88 1.31 -14.43
N ILE D 201 7.83 2.16 -14.44
CA ILE D 201 6.48 1.74 -14.10
C ILE D 201 5.62 1.51 -15.32
N PHE D 202 6.23 1.58 -16.50
CA PHE D 202 5.46 1.42 -17.72
C PHE D 202 4.77 0.06 -17.70
N LYS D 203 5.49 -0.95 -17.23
CA LYS D 203 4.93 -2.31 -17.21
C LYS D 203 3.72 -2.37 -16.29
N ASP D 204 3.71 -1.56 -15.22
CA ASP D 204 2.56 -1.54 -14.31
C ASP D 204 1.36 -0.86 -14.98
N LEU D 205 1.62 0.22 -15.70
CA LEU D 205 0.58 0.88 -16.48
C LEU D 205 -0.05 -0.08 -17.49
N GLN D 206 0.79 -0.81 -18.23
CA GLN D 206 0.31 -1.78 -19.21
C GLN D 206 -0.56 -2.83 -18.54
N LYS D 207 -0.05 -3.37 -17.43
CA LYS D 207 -0.78 -4.40 -16.68
C LYS D 207 -2.17 -3.91 -16.27
N MET D 208 -2.24 -2.65 -15.84
CA MET D 208 -3.52 -2.06 -15.44
C MET D 208 -4.44 -1.95 -16.63
N ALA D 209 -3.91 -1.54 -17.78
CA ALA D 209 -4.70 -1.45 -19.00
C ALA D 209 -5.20 -2.84 -19.43
N GLU D 210 -4.38 -3.86 -19.20
CA GLU D 210 -4.73 -5.22 -19.62
C GLU D 210 -5.89 -5.79 -18.81
N VAL D 211 -5.82 -5.66 -17.50
CA VAL D 211 -6.85 -6.26 -16.66
C VAL D 211 -8.09 -5.37 -16.57
N GLY D 212 -7.92 -4.11 -16.96
CA GLY D 212 -8.99 -3.13 -16.88
C GLY D 212 -8.92 -2.33 -15.60
N TYR D 213 -9.19 -1.03 -15.69
CA TYR D 213 -9.16 -0.15 -14.52
C TYR D 213 -10.14 -0.59 -13.43
N ASP D 214 -9.65 -0.68 -12.20
CA ASP D 214 -10.46 -1.03 -11.04
C ASP D 214 -10.60 0.22 -10.16
N ARG D 215 -11.77 0.84 -10.24
CA ARG D 215 -12.13 2.02 -9.43
C ARG D 215 -11.84 1.85 -7.93
N ASN D 216 -11.89 0.62 -7.45
CA ASN D 216 -11.75 0.38 -6.02
C ASN D 216 -10.33 -0.05 -5.64
N ASN D 217 -9.44 -0.03 -6.61
CA ASN D 217 -8.05 -0.37 -6.41
C ASN D 217 -7.23 0.91 -6.27
N LYS D 218 -6.72 1.17 -5.07
CA LYS D 218 -5.94 2.37 -4.78
C LYS D 218 -4.72 2.51 -5.68
N GLN D 219 -4.09 1.38 -5.99
CA GLN D 219 -2.88 1.43 -6.81
C GLN D 219 -3.22 1.83 -8.24
N HIS D 220 -4.39 1.42 -8.72
CA HIS D 220 -4.85 1.84 -10.04
C HIS D 220 -5.06 3.34 -10.08
N HIS D 221 -5.66 3.92 -9.03
CA HIS D 221 -5.76 5.38 -8.95
C HIS D 221 -4.38 6.05 -9.08
N ARG D 222 -3.40 5.55 -8.31
CA ARG D 222 -2.06 6.15 -8.32
C ARG D 222 -1.42 6.04 -9.71
N LEU D 223 -1.50 4.86 -10.31
CA LEU D 223 -0.99 4.65 -11.66
C LEU D 223 -1.66 5.55 -12.70
N LEU D 224 -2.98 5.68 -12.61
CA LEU D 224 -3.70 6.52 -13.56
C LEU D 224 -3.28 8.00 -13.41
N LEU D 225 -3.11 8.44 -12.18
CA LEU D 225 -2.63 9.81 -11.92
C LEU D 225 -1.25 10.02 -12.55
N CYS D 226 -0.38 9.01 -12.44
CA CYS D 226 0.96 9.07 -13.06
C CYS D 226 0.82 9.21 -14.59
N LEU D 227 -0.02 8.36 -15.18
CA LEU D 227 -0.29 8.41 -16.61
C LEU D 227 -0.83 9.76 -17.07
N LEU D 228 -1.81 10.29 -16.34
CA LEU D 228 -2.41 11.56 -16.70
C LEU D 228 -1.40 12.70 -16.59
N MET D 229 -0.60 12.67 -15.53
CA MET D 229 0.42 13.69 -15.34
C MET D 229 1.39 13.68 -16.52
N THR D 230 1.83 12.49 -16.92
CA THR D 230 2.77 12.40 -18.04
C THR D 230 2.11 12.89 -19.33
N SER D 231 0.83 12.55 -19.50
CA SER D 231 0.06 13.01 -20.66
C SER D 231 -0.01 14.52 -20.72
N CYS D 232 -0.07 15.17 -19.56
CA CYS D 232 -0.11 16.63 -19.52
C CYS D 232 1.27 17.19 -19.84
N ASP D 233 2.31 16.61 -19.23
CA ASP D 233 3.70 17.03 -19.44
C ASP D 233 4.11 17.03 -20.93
N LEU D 234 3.60 16.05 -21.67
CA LEU D 234 3.99 15.86 -23.07
C LEU D 234 2.97 16.41 -24.06
N SER D 235 2.01 17.16 -23.56
CA SER D 235 0.83 17.53 -24.35
C SER D 235 1.11 18.53 -25.50
N ASP D 236 2.28 19.16 -25.52
CA ASP D 236 2.67 19.93 -26.71
C ASP D 236 2.65 19.05 -27.97
N GLN D 237 2.80 17.74 -27.78
CA GLN D 237 2.86 16.84 -28.93
C GLN D 237 1.47 16.56 -29.52
N THR D 238 0.42 16.99 -28.82
CA THR D 238 -0.95 16.71 -29.23
C THR D 238 -1.63 17.89 -29.94
N LYS D 239 -0.84 18.91 -30.27
CA LYS D 239 -1.36 20.06 -30.98
C LYS D 239 -1.05 19.90 -32.46
N GLY D 240 -0.78 21.00 -33.15
CA GLY D 240 -0.44 20.93 -34.57
C GLY D 240 1.05 20.79 -34.82
N TRP D 241 1.45 20.73 -36.08
CA TRP D 241 2.87 20.63 -36.43
C TRP D 241 3.67 21.82 -35.93
N LYS D 242 3.12 23.02 -36.06
CA LYS D 242 3.90 24.19 -35.68
C LYS D 242 4.20 24.20 -34.19
N THR D 243 3.30 23.69 -33.35
CA THR D 243 3.61 23.58 -31.94
C THR D 243 4.74 22.57 -31.69
N THR D 244 4.65 21.39 -32.33
CA THR D 244 5.70 20.40 -32.12
C THR D 244 7.07 20.90 -32.61
N ARG D 245 7.07 21.59 -33.75
CA ARG D 245 8.31 22.13 -34.32
C ARG D 245 8.93 23.18 -33.39
N LYS D 246 8.11 24.11 -32.90
CA LYS D 246 8.59 25.15 -32.00
C LYS D 246 9.12 24.56 -30.70
N ILE D 247 8.42 23.56 -30.17
CA ILE D 247 8.81 23.02 -28.88
C ILE D 247 10.09 22.19 -29.03
N ALA D 248 10.26 21.56 -30.20
CA ALA D 248 11.56 20.93 -30.50
C ALA D 248 12.68 21.98 -30.47
N GLU D 249 12.44 23.12 -31.09
CA GLU D 249 13.39 24.25 -31.04
C GLU D 249 13.77 24.59 -29.60
N LEU D 250 12.75 24.72 -28.74
CA LEU D 250 12.99 25.13 -27.37
C LEU D 250 13.75 24.06 -26.61
N ILE D 251 13.33 22.81 -26.77
CA ILE D 251 13.95 21.72 -26.03
C ILE D 251 15.40 21.49 -26.43
N TYR D 252 15.71 21.50 -27.72
CA TYR D 252 17.10 21.27 -28.12
C TYR D 252 17.96 22.49 -27.78
N LYS D 253 17.40 23.70 -27.86
CA LYS D 253 18.15 24.87 -27.40
C LYS D 253 18.57 24.62 -25.95
N GLU D 254 17.62 24.13 -25.16
CA GLU D 254 17.87 23.91 -23.76
C GLU D 254 18.88 22.77 -23.56
N PHE D 255 18.65 21.64 -24.23
CA PHE D 255 19.58 20.51 -24.22
C PHE D 255 21.02 20.92 -24.61
N PHE D 256 21.14 21.63 -25.72
CA PHE D 256 22.47 21.92 -26.25
C PHE D 256 23.24 22.86 -25.33
N SER D 257 22.53 23.73 -24.61
CA SER D 257 23.20 24.59 -23.64
C SER D 257 23.77 23.77 -22.50
N GLN D 258 23.01 22.77 -22.04
CA GLN D 258 23.55 21.84 -21.04
C GLN D 258 24.78 21.11 -21.58
N GLY D 259 24.67 20.61 -22.81
CA GLY D 259 25.77 19.90 -23.44
C GLY D 259 27.02 20.76 -23.56
N ASP D 260 26.86 22.02 -23.95
CA ASP D 260 27.99 22.94 -24.02
C ASP D 260 28.66 23.06 -22.65
N LEU D 261 27.85 23.24 -21.61
CA LEU D 261 28.36 23.34 -20.24
C LEU D 261 29.13 22.10 -19.82
N GLU D 262 28.62 20.92 -20.19
CA GLU D 262 29.27 19.68 -19.80
C GLU D 262 30.62 19.53 -20.48
N LYS D 263 30.69 19.92 -21.75
CA LYS D 263 31.97 19.93 -22.47
C LYS D 263 32.96 20.84 -21.77
N ALA D 264 32.49 22.02 -21.36
CA ALA D 264 33.35 22.99 -20.69
C ALA D 264 33.84 22.44 -19.36
N MET D 265 33.06 21.54 -18.77
CA MET D 265 33.41 20.93 -17.50
C MET D 265 34.34 19.74 -17.68
N GLY D 266 34.45 19.27 -18.93
CA GLY D 266 35.35 18.18 -19.25
C GLY D 266 34.62 16.85 -19.34
N ASN D 267 33.29 16.90 -19.37
CA ASN D 267 32.50 15.69 -19.43
C ASN D 267 31.84 15.50 -20.79
N ARG D 268 31.52 14.25 -21.15
CA ARG D 268 30.91 14.00 -22.43
C ARG D 268 29.41 14.05 -22.30
N PRO D 269 28.77 15.00 -23.01
CA PRO D 269 27.30 15.05 -22.97
C PRO D 269 26.68 13.86 -23.67
N MET D 270 25.46 13.51 -23.28
CA MET D 270 24.71 12.49 -24.00
C MET D 270 24.50 12.98 -25.42
N GLU D 271 24.32 12.05 -26.35
CA GLU D 271 24.19 12.38 -27.77
C GLU D 271 23.18 13.49 -28.01
N MET D 272 21.99 13.36 -27.41
CA MET D 272 20.91 14.29 -27.69
C MET D 272 21.17 15.70 -27.14
N MET D 273 22.20 15.85 -26.32
CA MET D 273 22.54 17.17 -25.78
C MET D 273 23.81 17.75 -26.40
N ASP D 274 24.40 16.97 -27.30
CA ASP D 274 25.61 17.38 -28.01
C ASP D 274 25.24 17.92 -29.40
N ARG D 275 25.35 19.24 -29.57
CA ARG D 275 24.93 19.89 -30.80
C ARG D 275 25.78 19.48 -32.01
N GLU D 276 26.89 18.79 -31.77
CA GLU D 276 27.72 18.31 -32.87
C GLU D 276 27.33 16.87 -33.26
N LYS D 277 26.54 16.22 -32.42
CA LYS D 277 26.14 14.82 -32.62
C LYS D 277 24.62 14.62 -32.77
N ALA D 278 23.84 15.52 -32.17
CA ALA D 278 22.39 15.33 -32.10
C ALA D 278 21.73 15.49 -33.47
N TYR D 279 21.12 14.41 -33.97
CA TYR D 279 20.37 14.45 -35.22
C TYR D 279 18.89 14.60 -34.89
N ILE D 280 18.43 15.85 -34.85
CA ILE D 280 17.11 16.16 -34.30
C ILE D 280 15.93 15.35 -34.88
N PRO D 281 15.89 15.11 -36.21
CA PRO D 281 14.70 14.36 -36.67
C PRO D 281 14.62 12.93 -36.09
N GLU D 282 15.74 12.20 -36.06
CA GLU D 282 15.85 10.86 -35.50
C GLU D 282 15.41 10.90 -34.03
N LEU D 283 15.97 11.88 -33.31
CA LEU D 283 15.76 11.99 -31.88
C LEU D 283 14.30 12.31 -31.57
N GLN D 284 13.73 13.24 -32.32
CA GLN D 284 12.34 13.63 -32.07
C GLN D 284 11.38 12.49 -32.47
N ILE D 285 11.66 11.83 -33.59
CA ILE D 285 10.82 10.71 -34.01
C ILE D 285 10.91 9.57 -33.00
N SER D 286 12.10 9.33 -32.46
CA SER D 286 12.25 8.27 -31.45
C SER D 286 11.47 8.60 -30.17
N PHE D 287 11.59 9.83 -29.68
CA PHE D 287 10.83 10.24 -28.51
C PHE D 287 9.32 10.09 -28.73
N MET D 288 8.86 10.52 -29.89
CA MET D 288 7.44 10.40 -30.18
C MET D 288 6.98 8.95 -30.26
N GLU D 289 7.75 8.14 -30.97
CA GLU D 289 7.36 6.76 -31.26
C GLU D 289 7.43 5.87 -30.02
N HIS D 290 8.44 6.08 -29.18
CA HIS D 290 8.75 5.13 -28.11
C HIS D 290 8.47 5.65 -26.71
N ILE D 291 8.28 6.96 -26.57
CA ILE D 291 7.87 7.52 -25.29
C ILE D 291 6.46 8.10 -25.35
N ALA D 292 6.23 9.08 -26.23
CA ALA D 292 4.94 9.80 -26.23
C ALA D 292 3.79 8.93 -26.75
N MET D 293 3.96 8.30 -27.90
CA MET D 293 2.83 7.52 -28.44
C MET D 293 2.36 6.37 -27.51
N PRO D 294 3.30 5.61 -26.88
CA PRO D 294 2.80 4.58 -25.95
C PRO D 294 2.00 5.15 -24.78
N ILE D 295 2.34 6.36 -24.33
CA ILE D 295 1.57 7.03 -23.29
C ILE D 295 0.17 7.36 -23.76
N TYR D 296 0.06 7.99 -24.93
CA TYR D 296 -1.27 8.36 -25.40
C TYR D 296 -2.06 7.15 -25.90
N LYS D 297 -1.35 6.06 -26.22
CA LYS D 297 -2.05 4.81 -26.54
C LYS D 297 -2.68 4.22 -25.29
N LEU D 298 -1.93 4.21 -24.18
CA LEU D 298 -2.49 3.80 -22.90
C LEU D 298 -3.69 4.70 -22.52
N LEU D 299 -3.52 6.00 -22.74
CA LEU D 299 -4.58 6.94 -22.38
C LEU D 299 -5.84 6.64 -23.19
N GLN D 300 -5.68 6.27 -24.45
CA GLN D 300 -6.80 5.93 -25.32
C GLN D 300 -7.41 4.58 -24.94
N ASP D 301 -6.57 3.66 -24.48
CA ASP D 301 -7.05 2.37 -23.98
C ASP D 301 -8.00 2.60 -22.81
N LEU D 302 -7.64 3.53 -21.92
CA LEU D 302 -8.42 3.76 -20.71
C LEU D 302 -9.60 4.69 -20.95
N PHE D 303 -9.42 5.65 -21.84
CA PHE D 303 -10.46 6.62 -22.19
C PHE D 303 -10.62 6.68 -23.70
N PRO D 304 -11.62 6.00 -24.26
CA PRO D 304 -11.81 5.99 -25.72
C PRO D 304 -11.94 7.40 -26.33
N LYS D 305 -12.49 8.36 -25.59
CA LYS D 305 -12.59 9.71 -26.11
C LYS D 305 -11.23 10.39 -26.30
N ALA D 306 -10.17 9.75 -25.81
CA ALA D 306 -8.82 10.31 -25.93
C ALA D 306 -8.10 9.82 -27.20
N ALA D 307 -8.81 9.06 -28.02
CA ALA D 307 -8.23 8.53 -29.27
C ALA D 307 -7.65 9.63 -30.15
N GLU D 308 -8.34 10.78 -30.24
CA GLU D 308 -7.88 11.84 -31.13
C GLU D 308 -6.52 12.39 -30.68
N LEU D 309 -6.21 12.29 -29.39
CA LEU D 309 -4.90 12.72 -28.90
C LEU D 309 -3.79 11.82 -29.45
N TYR D 310 -3.99 10.50 -29.35
CA TYR D 310 -3.03 9.54 -29.87
C TYR D 310 -2.86 9.72 -31.39
N GLU D 311 -3.98 9.91 -32.07
CA GLU D 311 -3.94 10.08 -33.52
C GLU D 311 -3.18 11.35 -33.92
N ARG D 312 -3.31 12.41 -33.13
CA ARG D 312 -2.59 13.64 -33.45
C ARG D 312 -1.10 13.49 -33.22
N VAL D 313 -0.70 12.85 -32.13
CA VAL D 313 0.72 12.62 -31.90
C VAL D 313 1.30 11.79 -33.04
N ALA D 314 0.56 10.77 -33.45
CA ALA D 314 1.01 9.92 -34.55
C ALA D 314 1.10 10.70 -35.87
N SER D 315 0.15 11.61 -36.09
CA SER D 315 0.17 12.44 -37.28
C SER D 315 1.36 13.38 -37.28
N ASN D 316 1.67 13.93 -36.10
CA ASN D 316 2.82 14.81 -35.95
C ASN D 316 4.14 14.04 -36.14
N ARG D 317 4.15 12.77 -35.73
CA ARG D 317 5.34 11.94 -35.94
C ARG D 317 5.55 11.75 -37.43
N GLU D 318 4.47 11.44 -38.15
CA GLU D 318 4.68 11.24 -39.58
C GLU D 318 5.07 12.55 -40.27
N HIS D 319 4.68 13.70 -39.71
CA HIS D 319 5.12 14.97 -40.28
C HIS D 319 6.62 15.12 -40.13
N TRP D 320 7.16 14.68 -39.00
CA TRP D 320 8.59 14.74 -38.78
C TRP D 320 9.32 13.83 -39.76
N THR D 321 8.77 12.65 -40.01
CA THR D 321 9.36 11.73 -40.99
C THR D 321 9.42 12.40 -42.35
N LYS D 322 8.36 13.14 -42.69
CA LYS D 322 8.27 13.73 -44.01
C LYS D 322 9.24 14.89 -44.23
N VAL D 323 9.62 15.59 -43.17
CA VAL D 323 10.54 16.72 -43.32
C VAL D 323 11.96 16.37 -42.91
N SER D 324 12.19 15.10 -42.57
CA SER D 324 13.51 14.63 -42.14
C SER D 324 14.59 14.93 -43.17
N HIS D 325 14.25 14.72 -44.44
CA HIS D 325 15.20 14.91 -45.53
C HIS D 325 15.78 16.32 -45.58
N LYS D 326 15.05 17.30 -45.02
CA LYS D 326 15.47 18.69 -45.10
C LYS D 326 16.69 19.01 -44.24
N PHE D 327 17.05 18.09 -43.33
CA PHE D 327 18.22 18.26 -42.49
C PHE D 327 19.49 17.85 -43.24
N THR D 328 19.30 17.34 -44.45
CA THR D 328 20.41 17.04 -45.35
C THR D 328 20.57 18.22 -46.28
N ILE D 329 21.75 18.82 -46.29
CA ILE D 329 21.98 19.93 -47.19
C ILE D 329 22.26 19.39 -48.58
N ARG D 330 21.25 19.41 -49.44
CA ARG D 330 21.46 19.13 -50.85
C ARG D 330 21.67 20.44 -51.58
N GLY D 331 22.46 20.41 -52.65
CA GLY D 331 22.86 21.65 -53.27
C GLY D 331 23.66 22.51 -52.31
N LEU D 332 23.52 23.83 -52.44
CA LEU D 332 24.17 24.76 -51.54
C LEU D 332 23.18 25.19 -50.46
N PRO D 333 23.69 25.62 -49.30
CA PRO D 333 22.84 26.22 -48.27
C PRO D 333 22.09 27.43 -48.83
N SER D 334 21.07 27.88 -48.12
CA SER D 334 20.22 28.97 -48.61
C SER D 334 20.99 30.25 -48.95
N ASN D 335 22.19 30.43 -48.40
CA ASN D 335 22.95 31.64 -48.68
C ASN D 335 24.02 31.45 -49.77
N ASN D 336 23.95 30.32 -50.47
CA ASN D 336 24.87 30.02 -51.57
C ASN D 336 26.34 29.98 -51.18
N SER D 337 26.62 29.65 -49.92
CA SER D 337 27.99 29.67 -49.44
C SER D 337 28.39 28.39 -48.73
N LEU D 338 29.63 27.96 -48.91
CA LEU D 338 30.14 26.81 -48.15
C LEU D 338 31.00 27.28 -46.98
N ASP D 339 30.82 28.54 -46.58
CA ASP D 339 31.63 29.13 -45.52
C ASP D 339 31.43 28.39 -44.20
N PHE D 340 30.30 27.70 -44.08
CA PHE D 340 29.98 26.98 -42.85
C PHE D 340 30.87 25.76 -42.62
N LEU D 341 31.58 25.32 -43.66
CA LEU D 341 32.46 24.17 -43.53
C LEU D 341 33.70 24.47 -42.67
N ASP D 342 34.25 25.67 -42.83
CA ASP D 342 35.47 26.06 -42.13
C ASP D 342 35.26 26.21 -40.62
#